data_1IIZ
# 
_entry.id   1IIZ 
# 
_audit_conform.dict_name       mmcif_pdbx.dic 
_audit_conform.dict_version    5.398 
_audit_conform.dict_location   http://mmcif.pdb.org/dictionaries/ascii/mmcif_pdbx.dic 
# 
loop_
_database_2.database_id 
_database_2.database_code 
_database_2.pdbx_database_accession 
_database_2.pdbx_DOI 
PDB   1IIZ         pdb_00001iiz 10.2210/pdb1iiz/pdb 
RCSB  RCSB013315   ?            ?                   
WWPDB D_1000013315 ?            ?                   
# 
loop_
_pdbx_audit_revision_history.ordinal 
_pdbx_audit_revision_history.data_content_type 
_pdbx_audit_revision_history.major_revision 
_pdbx_audit_revision_history.minor_revision 
_pdbx_audit_revision_history.revision_date 
1 'Structure model' 1 0 2001-12-12 
2 'Structure model' 1 1 2008-04-27 
3 'Structure model' 1 2 2011-07-13 
4 'Structure model' 1 3 2023-08-16 
5 'Structure model' 1 4 2024-10-30 
# 
_pdbx_audit_revision_details.ordinal             1 
_pdbx_audit_revision_details.revision_ordinal    1 
_pdbx_audit_revision_details.data_content_type   'Structure model' 
_pdbx_audit_revision_details.provider            repository 
_pdbx_audit_revision_details.type                'Initial release' 
_pdbx_audit_revision_details.description         ? 
_pdbx_audit_revision_details.details             ? 
# 
loop_
_pdbx_audit_revision_group.ordinal 
_pdbx_audit_revision_group.revision_ordinal 
_pdbx_audit_revision_group.data_content_type 
_pdbx_audit_revision_group.group 
1 2 'Structure model' 'Version format compliance' 
2 3 'Structure model' 'Version format compliance' 
3 4 'Structure model' 'Data collection'           
4 4 'Structure model' 'Database references'       
5 4 'Structure model' 'Refinement description'    
6 5 'Structure model' 'Structure summary'         
# 
loop_
_pdbx_audit_revision_category.ordinal 
_pdbx_audit_revision_category.revision_ordinal 
_pdbx_audit_revision_category.data_content_type 
_pdbx_audit_revision_category.category 
1 4 'Structure model' chem_comp_atom                
2 4 'Structure model' chem_comp_bond                
3 4 'Structure model' database_2                    
4 4 'Structure model' pdbx_initial_refinement_model 
5 5 'Structure model' pdbx_entry_details            
6 5 'Structure model' pdbx_modification_feature     
# 
loop_
_pdbx_audit_revision_item.ordinal 
_pdbx_audit_revision_item.revision_ordinal 
_pdbx_audit_revision_item.data_content_type 
_pdbx_audit_revision_item.item 
1 4 'Structure model' '_database_2.pdbx_DOI'                
2 4 'Structure model' '_database_2.pdbx_database_accession' 
# 
_pdbx_database_status.status_code                     REL 
_pdbx_database_status.entry_id                        1IIZ 
_pdbx_database_status.recvd_initial_deposition_date   2001-04-24 
_pdbx_database_status.deposit_site                    RCSB 
_pdbx_database_status.process_site                    RCSB 
_pdbx_database_status.SG_entry                        . 
_pdbx_database_status.pdb_format_compatible           Y 
_pdbx_database_status.status_code_mr                  ? 
_pdbx_database_status.status_code_sf                  ? 
_pdbx_database_status.status_code_cs                  ? 
_pdbx_database_status.status_code_nmr_data            ? 
_pdbx_database_status.methods_development_category    ? 
# 
loop_
_audit_author.name 
_audit_author.pdbx_ordinal 
'Jain, D.'          1 
'Nair, D.T.'        2 
'Swaminathan, G.J.' 3 
'Abraham, E.G.'     4 
'Nagaraju, J.'      5 
'Salunke, D.M.'     6 
# 
_citation.id                        primary 
_citation.title                     
'Structure of the induced antibacterial protein from tasar silkworm, Antheraea mylitta. Implications to molecular evolution.' 
_citation.journal_abbrev            J.Biol.Chem. 
_citation.journal_volume            276 
_citation.page_first                41377 
_citation.page_last                 41382 
_citation.year                      2001 
_citation.journal_id_ASTM           JBCHA3 
_citation.country                   US 
_citation.journal_id_ISSN           0021-9258 
_citation.journal_id_CSD            0071 
_citation.book_publisher            ? 
_citation.pdbx_database_id_PubMed   11522783 
_citation.pdbx_database_id_DOI      10.1074/jbc.M104674200 
# 
loop_
_citation_author.citation_id 
_citation_author.name 
_citation_author.ordinal 
_citation_author.identifier_ORCID 
primary 'Jain, D.'          1 ? 
primary 'Nair, D.T.'        2 ? 
primary 'Swaminathan, G.J.' 3 ? 
primary 'Abraham, E.G.'     4 ? 
primary 'Nagaraju, J.'      5 ? 
primary 'Salunke, D.M.'     6 ? 
# 
loop_
_entity.id 
_entity.type 
_entity.src_method 
_entity.pdbx_description 
_entity.formula_weight 
_entity.pdbx_number_of_molecules 
_entity.pdbx_ec 
_entity.pdbx_mutation 
_entity.pdbx_fragment 
_entity.details 
1 polymer nat LYSOZYME 13761.416 1  3.2.1.17 ? ? ? 
2 water   nat water    18.015    58 ?        ? ? ? 
# 
_entity_poly.entity_id                      1 
_entity_poly.type                           'polypeptide(L)' 
_entity_poly.nstd_linkage                   no 
_entity_poly.nstd_monomer                   no 
_entity_poly.pdbx_seq_one_letter_code       
;KRFTRCGLVNELRKQGFDENLMRDWVCLVENESARYTDKIANVNKNGSRDYGLFQINDKYWCSKGSTPGKDCNVTCSQLL
TDDITVASTCAKKIYKRTKFDAWSGWDNHCNHSNPDISSC
;
_entity_poly.pdbx_seq_one_letter_code_can   
;KRFTRCGLVNELRKQGFDENLMRDWVCLVENESARYTDKIANVNKNGSRDYGLFQINDKYWCSKGSTPGKDCNVTCSQLL
TDDITVASTCAKKIYKRTKFDAWSGWDNHCNHSNPDISSC
;
_entity_poly.pdbx_strand_id                 A 
_entity_poly.pdbx_target_identifier         ? 
# 
_pdbx_entity_nonpoly.entity_id   2 
_pdbx_entity_nonpoly.name        water 
_pdbx_entity_nonpoly.comp_id     HOH 
# 
loop_
_entity_poly_seq.entity_id 
_entity_poly_seq.num 
_entity_poly_seq.mon_id 
_entity_poly_seq.hetero 
1 1   LYS n 
1 2   ARG n 
1 3   PHE n 
1 4   THR n 
1 5   ARG n 
1 6   CYS n 
1 7   GLY n 
1 8   LEU n 
1 9   VAL n 
1 10  ASN n 
1 11  GLU n 
1 12  LEU n 
1 13  ARG n 
1 14  LYS n 
1 15  GLN n 
1 16  GLY n 
1 17  PHE n 
1 18  ASP n 
1 19  GLU n 
1 20  ASN n 
1 21  LEU n 
1 22  MET n 
1 23  ARG n 
1 24  ASP n 
1 25  TRP n 
1 26  VAL n 
1 27  CYS n 
1 28  LEU n 
1 29  VAL n 
1 30  GLU n 
1 31  ASN n 
1 32  GLU n 
1 33  SER n 
1 34  ALA n 
1 35  ARG n 
1 36  TYR n 
1 37  THR n 
1 38  ASP n 
1 39  LYS n 
1 40  ILE n 
1 41  ALA n 
1 42  ASN n 
1 43  VAL n 
1 44  ASN n 
1 45  LYS n 
1 46  ASN n 
1 47  GLY n 
1 48  SER n 
1 49  ARG n 
1 50  ASP n 
1 51  TYR n 
1 52  GLY n 
1 53  LEU n 
1 54  PHE n 
1 55  GLN n 
1 56  ILE n 
1 57  ASN n 
1 58  ASP n 
1 59  LYS n 
1 60  TYR n 
1 61  TRP n 
1 62  CYS n 
1 63  SER n 
1 64  LYS n 
1 65  GLY n 
1 66  SER n 
1 67  THR n 
1 68  PRO n 
1 69  GLY n 
1 70  LYS n 
1 71  ASP n 
1 72  CYS n 
1 73  ASN n 
1 74  VAL n 
1 75  THR n 
1 76  CYS n 
1 77  SER n 
1 78  GLN n 
1 79  LEU n 
1 80  LEU n 
1 81  THR n 
1 82  ASP n 
1 83  ASP n 
1 84  ILE n 
1 85  THR n 
1 86  VAL n 
1 87  ALA n 
1 88  SER n 
1 89  THR n 
1 90  CYS n 
1 91  ALA n 
1 92  LYS n 
1 93  LYS n 
1 94  ILE n 
1 95  TYR n 
1 96  LYS n 
1 97  ARG n 
1 98  THR n 
1 99  LYS n 
1 100 PHE n 
1 101 ASP n 
1 102 ALA n 
1 103 TRP n 
1 104 SER n 
1 105 GLY n 
1 106 TRP n 
1 107 ASP n 
1 108 ASN n 
1 109 HIS n 
1 110 CYS n 
1 111 ASN n 
1 112 HIS n 
1 113 SER n 
1 114 ASN n 
1 115 PRO n 
1 116 ASP n 
1 117 ILE n 
1 118 SER n 
1 119 SER n 
1 120 CYS n 
# 
_entity_src_nat.entity_id                  1 
_entity_src_nat.pdbx_src_id                1 
_entity_src_nat.pdbx_alt_source_flag       sample 
_entity_src_nat.pdbx_beg_seq_num           ? 
_entity_src_nat.pdbx_end_seq_num           ? 
_entity_src_nat.common_name                ? 
_entity_src_nat.pdbx_organism_scientific   'Antheraea mylitta' 
_entity_src_nat.pdbx_ncbi_taxonomy_id      34739 
_entity_src_nat.genus                      Antheraea 
_entity_src_nat.species                    ? 
_entity_src_nat.strain                     ? 
_entity_src_nat.tissue                     ? 
_entity_src_nat.tissue_fraction            ? 
_entity_src_nat.pdbx_secretion             ? 
_entity_src_nat.pdbx_fragment              ? 
_entity_src_nat.pdbx_variant               ? 
_entity_src_nat.pdbx_cell_line             ? 
_entity_src_nat.pdbx_atcc                  ? 
_entity_src_nat.pdbx_cellular_location     ? 
_entity_src_nat.pdbx_organ                 ? 
_entity_src_nat.pdbx_organelle             ? 
_entity_src_nat.pdbx_cell                  ? 
_entity_src_nat.pdbx_plasmid_name          ? 
_entity_src_nat.pdbx_plasmid_details       ? 
_entity_src_nat.details                    ? 
# 
loop_
_chem_comp.id 
_chem_comp.type 
_chem_comp.mon_nstd_flag 
_chem_comp.name 
_chem_comp.pdbx_synonyms 
_chem_comp.formula 
_chem_comp.formula_weight 
ALA 'L-peptide linking' y ALANINE         ? 'C3 H7 N O2'     89.093  
ARG 'L-peptide linking' y ARGININE        ? 'C6 H15 N4 O2 1' 175.209 
ASN 'L-peptide linking' y ASPARAGINE      ? 'C4 H8 N2 O3'    132.118 
ASP 'L-peptide linking' y 'ASPARTIC ACID' ? 'C4 H7 N O4'     133.103 
CYS 'L-peptide linking' y CYSTEINE        ? 'C3 H7 N O2 S'   121.158 
GLN 'L-peptide linking' y GLUTAMINE       ? 'C5 H10 N2 O3'   146.144 
GLU 'L-peptide linking' y 'GLUTAMIC ACID' ? 'C5 H9 N O4'     147.129 
GLY 'peptide linking'   y GLYCINE         ? 'C2 H5 N O2'     75.067  
HIS 'L-peptide linking' y HISTIDINE       ? 'C6 H10 N3 O2 1' 156.162 
HOH non-polymer         . WATER           ? 'H2 O'           18.015  
ILE 'L-peptide linking' y ISOLEUCINE      ? 'C6 H13 N O2'    131.173 
LEU 'L-peptide linking' y LEUCINE         ? 'C6 H13 N O2'    131.173 
LYS 'L-peptide linking' y LYSINE          ? 'C6 H15 N2 O2 1' 147.195 
MET 'L-peptide linking' y METHIONINE      ? 'C5 H11 N O2 S'  149.211 
PHE 'L-peptide linking' y PHENYLALANINE   ? 'C9 H11 N O2'    165.189 
PRO 'L-peptide linking' y PROLINE         ? 'C5 H9 N O2'     115.130 
SER 'L-peptide linking' y SERINE          ? 'C3 H7 N O3'     105.093 
THR 'L-peptide linking' y THREONINE       ? 'C4 H9 N O3'     119.119 
TRP 'L-peptide linking' y TRYPTOPHAN      ? 'C11 H12 N2 O2'  204.225 
TYR 'L-peptide linking' y TYROSINE        ? 'C9 H11 N O3'    181.189 
VAL 'L-peptide linking' y VALINE          ? 'C5 H11 N O2'    117.146 
# 
loop_
_pdbx_poly_seq_scheme.asym_id 
_pdbx_poly_seq_scheme.entity_id 
_pdbx_poly_seq_scheme.seq_id 
_pdbx_poly_seq_scheme.mon_id 
_pdbx_poly_seq_scheme.ndb_seq_num 
_pdbx_poly_seq_scheme.pdb_seq_num 
_pdbx_poly_seq_scheme.auth_seq_num 
_pdbx_poly_seq_scheme.pdb_mon_id 
_pdbx_poly_seq_scheme.auth_mon_id 
_pdbx_poly_seq_scheme.pdb_strand_id 
_pdbx_poly_seq_scheme.pdb_ins_code 
_pdbx_poly_seq_scheme.hetero 
A 1 1   LYS 1   1   1   LYS LYS A . n 
A 1 2   ARG 2   2   2   ARG ARG A . n 
A 1 3   PHE 3   3   3   PHE PHE A . n 
A 1 4   THR 4   4   4   THR THR A . n 
A 1 5   ARG 5   5   5   ARG ARG A . n 
A 1 6   CYS 6   6   6   CYS CYS A . n 
A 1 7   GLY 7   7   7   GLY GLY A . n 
A 1 8   LEU 8   8   8   LEU LEU A . n 
A 1 9   VAL 9   9   9   VAL VAL A . n 
A 1 10  ASN 10  10  10  ASN ASN A . n 
A 1 11  GLU 11  11  11  GLU GLU A . n 
A 1 12  LEU 12  12  12  LEU LEU A . n 
A 1 13  ARG 13  13  13  ARG ARG A . n 
A 1 14  LYS 14  14  14  LYS LYS A . n 
A 1 15  GLN 15  15  15  GLN GLN A . n 
A 1 16  GLY 16  16  16  GLY GLY A . n 
A 1 17  PHE 17  17  17  PHE PHE A . n 
A 1 18  ASP 18  18  18  ASP ASP A . n 
A 1 19  GLU 19  19  19  GLU GLU A . n 
A 1 20  ASN 20  20  20  ASN ASN A . n 
A 1 21  LEU 21  21  21  LEU LEU A . n 
A 1 22  MET 22  22  22  MET MET A . n 
A 1 23  ARG 23  23  23  ARG ARG A . n 
A 1 24  ASP 24  24  24  ASP ASP A . n 
A 1 25  TRP 25  25  25  TRP TRP A . n 
A 1 26  VAL 26  26  26  VAL VAL A . n 
A 1 27  CYS 27  27  27  CYS CYS A . n 
A 1 28  LEU 28  28  28  LEU LEU A . n 
A 1 29  VAL 29  29  29  VAL VAL A . n 
A 1 30  GLU 30  30  30  GLU GLU A . n 
A 1 31  ASN 31  31  31  ASN ASN A . n 
A 1 32  GLU 32  32  32  GLU GLU A . n 
A 1 33  SER 33  33  33  SER SER A . n 
A 1 34  ALA 34  34  34  ALA ALA A . n 
A 1 35  ARG 35  35  35  ARG ARG A . n 
A 1 36  TYR 36  36  36  TYR TYR A . n 
A 1 37  THR 37  37  37  THR THR A . n 
A 1 38  ASP 38  38  38  ASP ASP A . n 
A 1 39  LYS 39  39  39  LYS LYS A . n 
A 1 40  ILE 40  40  40  ILE ILE A . n 
A 1 41  ALA 41  41  41  ALA ALA A . n 
A 1 42  ASN 42  42  42  ASN ASN A . n 
A 1 43  VAL 43  43  43  VAL VAL A . n 
A 1 44  ASN 44  44  44  ASN ASN A . n 
A 1 45  LYS 45  45  45  LYS LYS A . n 
A 1 46  ASN 46  46  46  ASN ASN A . n 
A 1 47  GLY 47  47  47  GLY GLY A . n 
A 1 48  SER 48  48  48  SER SER A . n 
A 1 49  ARG 49  49  49  ARG ARG A . n 
A 1 50  ASP 50  50  50  ASP ASP A . n 
A 1 51  TYR 51  51  51  TYR TYR A . n 
A 1 52  GLY 52  52  52  GLY GLY A . n 
A 1 53  LEU 53  53  53  LEU LEU A . n 
A 1 54  PHE 54  54  54  PHE PHE A . n 
A 1 55  GLN 55  55  55  GLN GLN A . n 
A 1 56  ILE 56  56  56  ILE ILE A . n 
A 1 57  ASN 57  57  57  ASN ASN A . n 
A 1 58  ASP 58  58  58  ASP ASP A . n 
A 1 59  LYS 59  59  59  LYS LYS A . n 
A 1 60  TYR 60  60  60  TYR TYR A . n 
A 1 61  TRP 61  61  61  TRP TRP A . n 
A 1 62  CYS 62  62  62  CYS CYS A . n 
A 1 63  SER 63  63  63  SER SER A . n 
A 1 64  LYS 64  64  64  LYS LYS A . n 
A 1 65  GLY 65  65  65  GLY GLY A . n 
A 1 66  SER 66  66  66  SER SER A . n 
A 1 67  THR 67  67  67  THR THR A . n 
A 1 68  PRO 68  68  68  PRO PRO A . n 
A 1 69  GLY 69  69  69  GLY GLY A . n 
A 1 70  LYS 70  70  70  LYS LYS A . n 
A 1 71  ASP 71  71  71  ASP ASP A . n 
A 1 72  CYS 72  72  72  CYS CYS A . n 
A 1 73  ASN 73  73  73  ASN ASN A . n 
A 1 74  VAL 74  74  74  VAL VAL A . n 
A 1 75  THR 75  75  75  THR THR A . n 
A 1 76  CYS 76  76  76  CYS CYS A . n 
A 1 77  SER 77  77  77  SER SER A . n 
A 1 78  GLN 78  78  78  GLN GLN A . n 
A 1 79  LEU 79  79  79  LEU LEU A . n 
A 1 80  LEU 80  80  80  LEU LEU A . n 
A 1 81  THR 81  81  81  THR THR A . n 
A 1 82  ASP 82  82  82  ASP ASP A . n 
A 1 83  ASP 83  83  83  ASP ASP A . n 
A 1 84  ILE 84  84  84  ILE ILE A . n 
A 1 85  THR 85  85  85  THR THR A . n 
A 1 86  VAL 86  86  86  VAL VAL A . n 
A 1 87  ALA 87  87  87  ALA ALA A . n 
A 1 88  SER 88  88  88  SER SER A . n 
A 1 89  THR 89  89  89  THR THR A . n 
A 1 90  CYS 90  90  90  CYS CYS A . n 
A 1 91  ALA 91  91  91  ALA ALA A . n 
A 1 92  LYS 92  92  92  LYS LYS A . n 
A 1 93  LYS 93  93  93  LYS LYS A . n 
A 1 94  ILE 94  94  94  ILE ILE A . n 
A 1 95  TYR 95  95  95  TYR TYR A . n 
A 1 96  LYS 96  96  96  LYS LYS A . n 
A 1 97  ARG 97  97  97  ARG ARG A . n 
A 1 98  THR 98  98  98  THR THR A . n 
A 1 99  LYS 99  99  99  LYS LYS A . n 
A 1 100 PHE 100 100 100 PHE PHE A . n 
A 1 101 ASP 101 101 101 ASP ASP A . n 
A 1 102 ALA 102 102 102 ALA ALA A . n 
A 1 103 TRP 103 103 103 TRP TRP A . n 
A 1 104 SER 104 104 104 SER SER A . n 
A 1 105 GLY 105 105 105 GLY GLY A . n 
A 1 106 TRP 106 106 106 TRP TRP A . n 
A 1 107 ASP 107 107 107 ASP ASP A . n 
A 1 108 ASN 108 108 108 ASN ASN A . n 
A 1 109 HIS 109 109 109 HIS HIS A . n 
A 1 110 CYS 110 110 110 CYS CYS A . n 
A 1 111 ASN 111 111 111 ASN ASN A . n 
A 1 112 HIS 112 112 112 HIS HIS A . n 
A 1 113 SER 113 113 113 SER SER A . n 
A 1 114 ASN 114 114 114 ASN ASN A . n 
A 1 115 PRO 115 115 115 PRO PRO A . n 
A 1 116 ASP 116 116 116 ASP ASP A . n 
A 1 117 ILE 117 117 117 ILE ILE A . n 
A 1 118 SER 118 118 118 SER SER A . n 
A 1 119 SER 119 119 119 SER SER A . n 
A 1 120 CYS 120 120 120 CYS CYS A . n 
# 
loop_
_pdbx_nonpoly_scheme.asym_id 
_pdbx_nonpoly_scheme.entity_id 
_pdbx_nonpoly_scheme.mon_id 
_pdbx_nonpoly_scheme.ndb_seq_num 
_pdbx_nonpoly_scheme.pdb_seq_num 
_pdbx_nonpoly_scheme.auth_seq_num 
_pdbx_nonpoly_scheme.pdb_mon_id 
_pdbx_nonpoly_scheme.auth_mon_id 
_pdbx_nonpoly_scheme.pdb_strand_id 
_pdbx_nonpoly_scheme.pdb_ins_code 
B 2 HOH 1  121 1  HOH HOH A . 
B 2 HOH 2  122 2  HOH HOH A . 
B 2 HOH 3  123 3  HOH HOH A . 
B 2 HOH 4  124 4  HOH HOH A . 
B 2 HOH 5  125 5  HOH HOH A . 
B 2 HOH 6  126 6  HOH HOH A . 
B 2 HOH 7  127 7  HOH HOH A . 
B 2 HOH 8  128 8  HOH HOH A . 
B 2 HOH 9  129 9  HOH HOH A . 
B 2 HOH 10 130 10 HOH HOH A . 
B 2 HOH 11 131 11 HOH HOH A . 
B 2 HOH 12 132 12 HOH HOH A . 
B 2 HOH 13 133 13 HOH HOH A . 
B 2 HOH 14 134 14 HOH HOH A . 
B 2 HOH 15 135 15 HOH HOH A . 
B 2 HOH 16 136 16 HOH HOH A . 
B 2 HOH 17 137 17 HOH HOH A . 
B 2 HOH 18 138 18 HOH HOH A . 
B 2 HOH 19 139 19 HOH HOH A . 
B 2 HOH 20 140 20 HOH HOH A . 
B 2 HOH 21 141 21 HOH HOH A . 
B 2 HOH 22 142 22 HOH HOH A . 
B 2 HOH 23 143 23 HOH HOH A . 
B 2 HOH 24 144 24 HOH HOH A . 
B 2 HOH 25 145 25 HOH HOH A . 
B 2 HOH 26 146 26 HOH HOH A . 
B 2 HOH 27 147 27 HOH HOH A . 
B 2 HOH 28 148 28 HOH HOH A . 
B 2 HOH 29 149 29 HOH HOH A . 
B 2 HOH 30 150 30 HOH HOH A . 
B 2 HOH 31 151 31 HOH HOH A . 
B 2 HOH 32 152 32 HOH HOH A . 
B 2 HOH 33 153 33 HOH HOH A . 
B 2 HOH 34 154 34 HOH HOH A . 
B 2 HOH 35 155 35 HOH HOH A . 
B 2 HOH 36 156 36 HOH HOH A . 
B 2 HOH 37 157 37 HOH HOH A . 
B 2 HOH 38 158 38 HOH HOH A . 
B 2 HOH 39 159 39 HOH HOH A . 
B 2 HOH 40 160 40 HOH HOH A . 
B 2 HOH 41 161 41 HOH HOH A . 
B 2 HOH 42 162 42 HOH HOH A . 
B 2 HOH 43 163 43 HOH HOH A . 
B 2 HOH 44 164 44 HOH HOH A . 
B 2 HOH 45 165 45 HOH HOH A . 
B 2 HOH 46 166 46 HOH HOH A . 
B 2 HOH 47 167 47 HOH HOH A . 
B 2 HOH 48 168 48 HOH HOH A . 
B 2 HOH 49 169 49 HOH HOH A . 
B 2 HOH 50 170 50 HOH HOH A . 
B 2 HOH 51 171 51 HOH HOH A . 
B 2 HOH 52 172 52 HOH HOH A . 
B 2 HOH 53 173 53 HOH HOH A . 
B 2 HOH 54 174 54 HOH HOH A . 
B 2 HOH 55 175 55 HOH HOH A . 
B 2 HOH 56 176 56 HOH HOH A . 
B 2 HOH 57 177 57 HOH HOH A . 
B 2 HOH 58 178 58 HOH HOH A . 
# 
loop_
_software.name 
_software.classification 
_software.version 
_software.citation_id 
_software.pdbx_ordinal 
DENZO     'data reduction' .   ? 1 
SCALEPACK 'data scaling'   .   ? 2 
AMoRE     phasing          .   ? 3 
CNS       refinement       0.5 ? 4 
# 
_cell.entry_id           1IIZ 
_cell.length_a           47.985 
_cell.length_b           51.700 
_cell.length_c           94.664 
_cell.angle_alpha        90.00 
_cell.angle_beta         90.00 
_cell.angle_gamma        90.00 
_cell.Z_PDB              8 
_cell.pdbx_unique_axis   ? 
# 
_symmetry.entry_id                         1IIZ 
_symmetry.space_group_name_H-M             'C 2 2 21' 
_symmetry.pdbx_full_space_group_name_H-M   ? 
_symmetry.cell_setting                     ? 
_symmetry.Int_Tables_number                20 
# 
_exptl.entry_id          1IIZ 
_exptl.method            'X-RAY DIFFRACTION' 
_exptl.crystals_number   ? 
# 
_exptl_crystal.id                    1 
_exptl_crystal.density_meas          ? 
_exptl_crystal.density_Matthews      2.13 
_exptl_crystal.density_percent_sol   42.33 
_exptl_crystal.description           ? 
# 
_diffrn.id                     1 
_diffrn.ambient_temp           ? 
_diffrn.ambient_temp_details   ? 
_diffrn.crystal_id             1 
# 
_diffrn_detector.diffrn_id              1 
_diffrn_detector.detector               'IMAGE PLATE' 
_diffrn_detector.type                   MARRESEARCH 
_diffrn_detector.pdbx_collection_date   ? 
_diffrn_detector.details                ? 
# 
_diffrn_radiation.diffrn_id                        1 
_diffrn_radiation.wavelength_id                    1 
_diffrn_radiation.pdbx_monochromatic_or_laue_m_l   M 
_diffrn_radiation.monochromator                    ? 
_diffrn_radiation.pdbx_diffrn_protocol             'SINGLE WAVELENGTH' 
_diffrn_radiation.pdbx_scattering_type             x-ray 
# 
_diffrn_radiation_wavelength.id           1 
_diffrn_radiation_wavelength.wavelength   1.5418 
_diffrn_radiation_wavelength.wt           1.0 
# 
_diffrn_source.diffrn_id                   1 
_diffrn_source.source                      'ROTATING ANODE' 
_diffrn_source.type                        ? 
_diffrn_source.pdbx_synchrotron_site       ? 
_diffrn_source.pdbx_synchrotron_beamline   ? 
_diffrn_source.pdbx_wavelength             1.5418 
_diffrn_source.pdbx_wavelength_list        ? 
# 
_reflns.entry_id                     1IIZ 
_reflns.observed_criterion_sigma_I   ? 
_reflns.observed_criterion_sigma_F   ? 
_reflns.d_resolution_low             ? 
_reflns.d_resolution_high            ? 
_reflns.number_obs                   ? 
_reflns.number_all                   ? 
_reflns.percent_possible_obs         ? 
_reflns.pdbx_Rmerge_I_obs            ? 
_reflns.pdbx_Rsym_value              ? 
_reflns.pdbx_netI_over_sigmaI        ? 
_reflns.B_iso_Wilson_estimate        16.8 
_reflns.pdbx_redundancy              ? 
_reflns.R_free_details               ? 
_reflns.limit_h_max                  ? 
_reflns.limit_h_min                  ? 
_reflns.limit_k_max                  ? 
_reflns.limit_k_min                  ? 
_reflns.limit_l_max                  ? 
_reflns.limit_l_min                  ? 
_reflns.observed_criterion_F_max     ? 
_reflns.observed_criterion_F_min     ? 
_reflns.pdbx_diffrn_id               1 
_reflns.pdbx_ordinal                 1 
# 
_refine.entry_id                                 1IIZ 
_refine.ls_number_reflns_obs                     4298 
_refine.ls_number_reflns_all                     ? 
_refine.pdbx_ls_sigma_I                          0 
_refine.pdbx_ls_sigma_F                          0 
_refine.pdbx_data_cutoff_high_absF               227924.96 
_refine.pdbx_data_cutoff_low_absF                0.00 
_refine.ls_d_res_low                             100 
_refine.ls_d_res_high                            2.40 
_refine.ls_percent_reflns_obs                    95.5 
_refine.ls_R_factor_obs                          ? 
_refine.ls_R_factor_all                          ? 
_refine.ls_R_factor_R_work                       0.231 
_refine.ls_R_factor_R_free                       0.283 
_refine.ls_R_factor_R_free_error                 0.013 
_refine.ls_R_factor_R_free_error_details         ? 
_refine.ls_percent_reflns_R_free                 10.4 
_refine.ls_number_reflns_R_free                  449 
_refine.ls_number_parameters                     ? 
_refine.ls_number_restraints                     ? 
_refine.occupancy_min                            ? 
_refine.occupancy_max                            ? 
_refine.B_iso_mean                               22.6 
_refine.aniso_B[1][1]                            -0.36 
_refine.aniso_B[2][2]                            -3.65 
_refine.aniso_B[3][3]                            4.02 
_refine.aniso_B[1][2]                            0.00 
_refine.aniso_B[1][3]                            0.00 
_refine.aniso_B[2][3]                            0.00 
_refine.solvent_model_details                    'FLAT MODEL' 
_refine.solvent_model_param_ksol                 0.644 
_refine.solvent_model_param_bsol                 54.88 
_refine.pdbx_ls_cross_valid_method               THROUGHOUT 
_refine.details                                  ? 
_refine.pdbx_starting_model                      'PDB ENTRY 1LMN' 
_refine.pdbx_method_to_determine_struct          'MOLECULAR REPLACEMENT' 
_refine.pdbx_isotropic_thermal_model             RESTRAINED 
_refine.pdbx_stereochemistry_target_values       ? 
_refine.pdbx_stereochem_target_val_spec_case     ? 
_refine.pdbx_R_Free_selection_details            RANDOM 
_refine.pdbx_overall_ESU_R_Free                  ? 
_refine.overall_SU_B                             ? 
_refine.ls_redundancy_reflns_obs                 ? 
_refine.B_iso_min                                ? 
_refine.B_iso_max                                ? 
_refine.correlation_coeff_Fo_to_Fc               ? 
_refine.correlation_coeff_Fo_to_Fc_free          ? 
_refine.overall_SU_R_Cruickshank_DPI             ? 
_refine.overall_SU_R_free                        ? 
_refine.overall_SU_ML                            ? 
_refine.pdbx_overall_ESU_R                       ? 
_refine.pdbx_data_cutoff_high_rms_absF           ? 
_refine.pdbx_refine_id                           'X-RAY DIFFRACTION' 
_refine.pdbx_diffrn_id                           1 
_refine.pdbx_TLS_residual_ADP_flag               ? 
_refine.pdbx_solvent_vdw_probe_radii             ? 
_refine.pdbx_solvent_ion_probe_radii             ? 
_refine.pdbx_solvent_shrinkage_radii             ? 
_refine.pdbx_overall_phase_error                 ? 
_refine.pdbx_overall_SU_R_free_Cruickshank_DPI   ? 
_refine.pdbx_overall_SU_R_Blow_DPI               ? 
_refine.pdbx_overall_SU_R_free_Blow_DPI          ? 
# 
_refine_analyze.entry_id                        1IIZ 
_refine_analyze.Luzzati_coordinate_error_obs    0.31 
_refine_analyze.Luzzati_sigma_a_obs             0.32 
_refine_analyze.Luzzati_d_res_low_obs           5.00 
_refine_analyze.Luzzati_coordinate_error_free   0.44 
_refine_analyze.Luzzati_sigma_a_free            0.44 
_refine_analyze.Luzzati_d_res_low_free          ? 
_refine_analyze.number_disordered_residues      ? 
_refine_analyze.occupancy_sum_hydrogen          ? 
_refine_analyze.occupancy_sum_non_hydrogen      ? 
_refine_analyze.pdbx_Luzzati_d_res_high_obs     ? 
_refine_analyze.pdbx_refine_id                  'X-RAY DIFFRACTION' 
# 
_refine_hist.pdbx_refine_id                   'X-RAY DIFFRACTION' 
_refine_hist.cycle_id                         LAST 
_refine_hist.pdbx_number_atoms_protein        961 
_refine_hist.pdbx_number_atoms_nucleic_acid   0 
_refine_hist.pdbx_number_atoms_ligand         0 
_refine_hist.number_atoms_solvent             58 
_refine_hist.number_atoms_total               1019 
_refine_hist.d_res_high                       2.40 
_refine_hist.d_res_low                        100 
# 
loop_
_refine_ls_restr.type 
_refine_ls_restr.dev_ideal 
_refine_ls_restr.dev_ideal_target 
_refine_ls_restr.weight 
_refine_ls_restr.number 
_refine_ls_restr.pdbx_refine_id 
_refine_ls_restr.pdbx_restraint_function 
c_bond_d           0.007 ?    ? ? 'X-RAY DIFFRACTION' ? 
c_angle_deg        1.6   ?    ? ? 'X-RAY DIFFRACTION' ? 
c_dihedral_angle_d 23.7  ?    ? ? 'X-RAY DIFFRACTION' ? 
c_improper_angle_d 0.77  ?    ? ? 'X-RAY DIFFRACTION' ? 
c_mcbond_it        5.26  1.50 ? ? 'X-RAY DIFFRACTION' ? 
c_mcangle_it       8.16  2.00 ? ? 'X-RAY DIFFRACTION' ? 
c_scbond_it        5.71  2.00 ? ? 'X-RAY DIFFRACTION' ? 
c_scangle_it       8.35  2.50 ? ? 'X-RAY DIFFRACTION' ? 
# 
_refine_ls_shell.pdbx_total_number_of_bins_used   6 
_refine_ls_shell.d_res_high                       2.40 
_refine_ls_shell.d_res_low                        2.54 
_refine_ls_shell.number_reflns_R_work             611 
_refine_ls_shell.R_factor_R_work                  0.291 
_refine_ls_shell.percent_reflns_obs               92.2 
_refine_ls_shell.R_factor_R_free                  0.307 
_refine_ls_shell.R_factor_R_free_error            0.036 
_refine_ls_shell.percent_reflns_R_free            10.4 
_refine_ls_shell.number_reflns_R_free             71 
_refine_ls_shell.number_reflns_obs                ? 
_refine_ls_shell.redundancy_reflns_obs            ? 
_refine_ls_shell.number_reflns_all                ? 
_refine_ls_shell.pdbx_refine_id                   'X-RAY DIFFRACTION' 
_refine_ls_shell.R_factor_all                     ? 
# 
loop_
_pdbx_xplor_file.serial_no 
_pdbx_xplor_file.param_file 
_pdbx_xplor_file.topol_file 
_pdbx_xplor_file.pdbx_refine_id 
1 PROTEIN_REP.PARAM PROTEIN.TOP   'X-RAY DIFFRACTION' 
2 WATER_REP.PARAM   WATER_REP.TOP 'X-RAY DIFFRACTION' 
# 
_struct.entry_id                  1IIZ 
_struct.title                     'Crystal Structure of the Induced Antibacterial Protein from Tasar Silkworm, Antheraea mylitta' 
_struct.pdbx_model_details        ? 
_struct.pdbx_CASP_flag            ? 
_struct.pdbx_model_type_details   ? 
# 
_struct_keywords.entry_id        1IIZ 
_struct_keywords.pdbx_keywords   HYDROLASE 
_struct_keywords.text            HYDROLASE 
# 
loop_
_struct_asym.id 
_struct_asym.pdbx_blank_PDB_chainid_flag 
_struct_asym.pdbx_modified 
_struct_asym.entity_id 
_struct_asym.details 
A N N 1 ? 
B N N 2 ? 
# 
_struct_ref.id                         1 
_struct_ref.db_name                    UNP 
_struct_ref.db_code                    Q7SID7_9NEOP 
_struct_ref.pdbx_db_accession          Q7SID7 
_struct_ref.entity_id                  1 
_struct_ref.pdbx_align_begin           1 
_struct_ref.pdbx_db_isoform            ? 
_struct_ref.pdbx_seq_one_letter_code   ? 
# 
_struct_ref_seq.align_id                      1 
_struct_ref_seq.ref_id                        1 
_struct_ref_seq.pdbx_PDB_id_code              1IIZ 
_struct_ref_seq.pdbx_strand_id                A 
_struct_ref_seq.seq_align_beg                 1 
_struct_ref_seq.pdbx_seq_align_beg_ins_code   ? 
_struct_ref_seq.seq_align_end                 120 
_struct_ref_seq.pdbx_seq_align_end_ins_code   ? 
_struct_ref_seq.pdbx_db_accession             Q7SID7 
_struct_ref_seq.db_align_beg                  1 
_struct_ref_seq.pdbx_db_align_beg_ins_code    ? 
_struct_ref_seq.db_align_end                  120 
_struct_ref_seq.pdbx_db_align_end_ins_code    ? 
_struct_ref_seq.pdbx_auth_seq_align_beg       1 
_struct_ref_seq.pdbx_auth_seq_align_end       120 
# 
_pdbx_struct_assembly.id                   1 
_pdbx_struct_assembly.details              author_defined_assembly 
_pdbx_struct_assembly.method_details       ? 
_pdbx_struct_assembly.oligomeric_details   monomeric 
_pdbx_struct_assembly.oligomeric_count     1 
# 
_pdbx_struct_assembly_gen.assembly_id       1 
_pdbx_struct_assembly_gen.oper_expression   1 
_pdbx_struct_assembly_gen.asym_id_list      A,B 
# 
_pdbx_struct_oper_list.id                   1 
_pdbx_struct_oper_list.type                 'identity operation' 
_pdbx_struct_oper_list.name                 1_555 
_pdbx_struct_oper_list.symmetry_operation   x,y,z 
_pdbx_struct_oper_list.matrix[1][1]         1.0000000000 
_pdbx_struct_oper_list.matrix[1][2]         0.0000000000 
_pdbx_struct_oper_list.matrix[1][3]         0.0000000000 
_pdbx_struct_oper_list.vector[1]            0.0000000000 
_pdbx_struct_oper_list.matrix[2][1]         0.0000000000 
_pdbx_struct_oper_list.matrix[2][2]         1.0000000000 
_pdbx_struct_oper_list.matrix[2][3]         0.0000000000 
_pdbx_struct_oper_list.vector[2]            0.0000000000 
_pdbx_struct_oper_list.matrix[3][1]         0.0000000000 
_pdbx_struct_oper_list.matrix[3][2]         0.0000000000 
_pdbx_struct_oper_list.matrix[3][3]         1.0000000000 
_pdbx_struct_oper_list.vector[3]            0.0000000000 
# 
_struct_biol.id                    1 
_struct_biol.pdbx_parent_biol_id   ? 
_struct_biol.details               ? 
# 
loop_
_struct_conf.conf_type_id 
_struct_conf.id 
_struct_conf.pdbx_PDB_helix_id 
_struct_conf.beg_label_comp_id 
_struct_conf.beg_label_asym_id 
_struct_conf.beg_label_seq_id 
_struct_conf.pdbx_beg_PDB_ins_code 
_struct_conf.end_label_comp_id 
_struct_conf.end_label_asym_id 
_struct_conf.end_label_seq_id 
_struct_conf.pdbx_end_PDB_ins_code 
_struct_conf.beg_auth_comp_id 
_struct_conf.beg_auth_asym_id 
_struct_conf.beg_auth_seq_id 
_struct_conf.end_auth_comp_id 
_struct_conf.end_auth_asym_id 
_struct_conf.end_auth_seq_id 
_struct_conf.pdbx_PDB_helix_class 
_struct_conf.details 
_struct_conf.pdbx_PDB_helix_length 
HELX_P HELX_P1 1 THR A 4   ? GLN A 15  ? THR A 4   GLN A 15  1 ? 12 
HELX_P HELX_P2 2 ASP A 18  ? ASN A 20  ? ASP A 18  ASN A 20  5 ? 3  
HELX_P HELX_P3 3 LEU A 21  ? SER A 33  ? LEU A 21  SER A 33  1 ? 13 
HELX_P HELX_P4 4 SER A 77  ? THR A 81  ? SER A 77  THR A 81  5 ? 5  
HELX_P HELX_P5 5 ILE A 84  ? LYS A 99  ? ILE A 84  LYS A 99  1 ? 16 
HELX_P HELX_P6 6 TRP A 103 ? CYS A 110 ? TRP A 103 CYS A 110 1 ? 8  
# 
_struct_conf_type.id          HELX_P 
_struct_conf_type.criteria    ? 
_struct_conf_type.reference   ? 
# 
loop_
_struct_conn.id 
_struct_conn.conn_type_id 
_struct_conn.pdbx_leaving_atom_flag 
_struct_conn.pdbx_PDB_id 
_struct_conn.ptnr1_label_asym_id 
_struct_conn.ptnr1_label_comp_id 
_struct_conn.ptnr1_label_seq_id 
_struct_conn.ptnr1_label_atom_id 
_struct_conn.pdbx_ptnr1_label_alt_id 
_struct_conn.pdbx_ptnr1_PDB_ins_code 
_struct_conn.pdbx_ptnr1_standard_comp_id 
_struct_conn.ptnr1_symmetry 
_struct_conn.ptnr2_label_asym_id 
_struct_conn.ptnr2_label_comp_id 
_struct_conn.ptnr2_label_seq_id 
_struct_conn.ptnr2_label_atom_id 
_struct_conn.pdbx_ptnr2_label_alt_id 
_struct_conn.pdbx_ptnr2_PDB_ins_code 
_struct_conn.ptnr1_auth_asym_id 
_struct_conn.ptnr1_auth_comp_id 
_struct_conn.ptnr1_auth_seq_id 
_struct_conn.ptnr2_auth_asym_id 
_struct_conn.ptnr2_auth_comp_id 
_struct_conn.ptnr2_auth_seq_id 
_struct_conn.ptnr2_symmetry 
_struct_conn.pdbx_ptnr3_label_atom_id 
_struct_conn.pdbx_ptnr3_label_seq_id 
_struct_conn.pdbx_ptnr3_label_comp_id 
_struct_conn.pdbx_ptnr3_label_asym_id 
_struct_conn.pdbx_ptnr3_label_alt_id 
_struct_conn.pdbx_ptnr3_PDB_ins_code 
_struct_conn.details 
_struct_conn.pdbx_dist_value 
_struct_conn.pdbx_value_order 
_struct_conn.pdbx_role 
disulf1 disulf ? ? A CYS 6  SG ? ? ? 1_555 A CYS 120 SG ? ? A CYS 6  A CYS 120 1_555 ? ? ? ? ? ? ? 2.035 ? ? 
disulf2 disulf ? ? A CYS 27 SG ? ? ? 1_555 A CYS 110 SG ? ? A CYS 27 A CYS 110 1_555 ? ? ? ? ? ? ? 2.032 ? ? 
disulf3 disulf ? ? A CYS 62 SG ? ? ? 1_555 A CYS 76  SG ? ? A CYS 62 A CYS 76  1_555 ? ? ? ? ? ? ? 2.030 ? ? 
disulf4 disulf ? ? A CYS 72 SG ? ? ? 1_555 A CYS 90  SG ? ? A CYS 72 A CYS 90  1_555 ? ? ? ? ? ? ? 2.040 ? ? 
# 
_struct_conn_type.id          disulf 
_struct_conn_type.criteria    ? 
_struct_conn_type.reference   ? 
# 
loop_
_pdbx_modification_feature.ordinal 
_pdbx_modification_feature.label_comp_id 
_pdbx_modification_feature.label_asym_id 
_pdbx_modification_feature.label_seq_id 
_pdbx_modification_feature.label_alt_id 
_pdbx_modification_feature.modified_residue_label_comp_id 
_pdbx_modification_feature.modified_residue_label_asym_id 
_pdbx_modification_feature.modified_residue_label_seq_id 
_pdbx_modification_feature.modified_residue_label_alt_id 
_pdbx_modification_feature.auth_comp_id 
_pdbx_modification_feature.auth_asym_id 
_pdbx_modification_feature.auth_seq_id 
_pdbx_modification_feature.PDB_ins_code 
_pdbx_modification_feature.symmetry 
_pdbx_modification_feature.modified_residue_auth_comp_id 
_pdbx_modification_feature.modified_residue_auth_asym_id 
_pdbx_modification_feature.modified_residue_auth_seq_id 
_pdbx_modification_feature.modified_residue_PDB_ins_code 
_pdbx_modification_feature.modified_residue_symmetry 
_pdbx_modification_feature.comp_id_linking_atom 
_pdbx_modification_feature.modified_residue_id_linking_atom 
_pdbx_modification_feature.modified_residue_id 
_pdbx_modification_feature.ref_pcm_id 
_pdbx_modification_feature.ref_comp_id 
_pdbx_modification_feature.type 
_pdbx_modification_feature.category 
1 CYS A 6  ? CYS A 120 ? CYS A 6  ? 1_555 CYS A 120 ? 1_555 SG SG . . . None 'Disulfide bridge' 
2 CYS A 27 ? CYS A 110 ? CYS A 27 ? 1_555 CYS A 110 ? 1_555 SG SG . . . None 'Disulfide bridge' 
3 CYS A 62 ? CYS A 76  ? CYS A 62 ? 1_555 CYS A 76  ? 1_555 SG SG . . . None 'Disulfide bridge' 
4 CYS A 72 ? CYS A 90  ? CYS A 72 ? 1_555 CYS A 90  ? 1_555 SG SG . . . None 'Disulfide bridge' 
# 
loop_
_struct_sheet.id 
_struct_sheet.type 
_struct_sheet.number_strands 
_struct_sheet.details 
A ? 2 ? 
B ? 2 ? 
# 
loop_
_struct_sheet_order.sheet_id 
_struct_sheet_order.range_id_1 
_struct_sheet_order.range_id_2 
_struct_sheet_order.offset 
_struct_sheet_order.sense 
A 1 2 ? anti-parallel 
B 1 2 ? parallel      
# 
loop_
_struct_sheet_range.sheet_id 
_struct_sheet_range.id 
_struct_sheet_range.beg_label_comp_id 
_struct_sheet_range.beg_label_asym_id 
_struct_sheet_range.beg_label_seq_id 
_struct_sheet_range.pdbx_beg_PDB_ins_code 
_struct_sheet_range.end_label_comp_id 
_struct_sheet_range.end_label_asym_id 
_struct_sheet_range.end_label_seq_id 
_struct_sheet_range.pdbx_end_PDB_ins_code 
_struct_sheet_range.beg_auth_comp_id 
_struct_sheet_range.beg_auth_asym_id 
_struct_sheet_range.beg_auth_seq_id 
_struct_sheet_range.end_auth_comp_id 
_struct_sheet_range.end_auth_asym_id 
_struct_sheet_range.end_auth_seq_id 
A 1 ASP A 50 ? TYR A 51 ? ASP A 50 TYR A 51 
A 2 ILE A 56 ? ASN A 57 ? ILE A 56 ASN A 57 
B 1 CYS A 62 ? SER A 63 ? CYS A 62 SER A 63 
B 2 VAL A 74 ? THR A 75 ? VAL A 74 THR A 75 
# 
loop_
_pdbx_struct_sheet_hbond.sheet_id 
_pdbx_struct_sheet_hbond.range_id_1 
_pdbx_struct_sheet_hbond.range_id_2 
_pdbx_struct_sheet_hbond.range_1_label_atom_id 
_pdbx_struct_sheet_hbond.range_1_label_comp_id 
_pdbx_struct_sheet_hbond.range_1_label_asym_id 
_pdbx_struct_sheet_hbond.range_1_label_seq_id 
_pdbx_struct_sheet_hbond.range_1_PDB_ins_code 
_pdbx_struct_sheet_hbond.range_1_auth_atom_id 
_pdbx_struct_sheet_hbond.range_1_auth_comp_id 
_pdbx_struct_sheet_hbond.range_1_auth_asym_id 
_pdbx_struct_sheet_hbond.range_1_auth_seq_id 
_pdbx_struct_sheet_hbond.range_2_label_atom_id 
_pdbx_struct_sheet_hbond.range_2_label_comp_id 
_pdbx_struct_sheet_hbond.range_2_label_asym_id 
_pdbx_struct_sheet_hbond.range_2_label_seq_id 
_pdbx_struct_sheet_hbond.range_2_PDB_ins_code 
_pdbx_struct_sheet_hbond.range_2_auth_atom_id 
_pdbx_struct_sheet_hbond.range_2_auth_comp_id 
_pdbx_struct_sheet_hbond.range_2_auth_asym_id 
_pdbx_struct_sheet_hbond.range_2_auth_seq_id 
A 1 2 O TYR A 51 ? O TYR A 51 N ILE A 56 ? N ILE A 56 
B 1 2 N SER A 63 ? N SER A 63 O VAL A 74 ? O VAL A 74 
# 
_pdbx_entry_details.entry_id                   1IIZ 
_pdbx_entry_details.compound_details           ? 
_pdbx_entry_details.source_details             ? 
_pdbx_entry_details.nonpolymer_details         ? 
_pdbx_entry_details.sequence_details           ? 
_pdbx_entry_details.has_ligand_of_interest     ? 
_pdbx_entry_details.has_protein_modification   Y 
# 
loop_
_pdbx_validate_torsion.id 
_pdbx_validate_torsion.PDB_model_num 
_pdbx_validate_torsion.auth_comp_id 
_pdbx_validate_torsion.auth_asym_id 
_pdbx_validate_torsion.auth_seq_id 
_pdbx_validate_torsion.PDB_ins_code 
_pdbx_validate_torsion.label_alt_id 
_pdbx_validate_torsion.phi 
_pdbx_validate_torsion.psi 
1 1 SER A 66  ? ? 36.55  -35.97  
2 1 PRO A 68  ? ? -30.77 120.75  
3 1 LYS A 70  ? ? -81.76 -118.82 
4 1 LYS A 99  ? ? 56.52  -137.01 
5 1 SER A 113 ? ? 54.62  138.22  
6 1 SER A 119 ? ? 143.50 -11.96  
# 
loop_
_chem_comp_atom.comp_id 
_chem_comp_atom.atom_id 
_chem_comp_atom.type_symbol 
_chem_comp_atom.pdbx_aromatic_flag 
_chem_comp_atom.pdbx_stereo_config 
_chem_comp_atom.pdbx_ordinal 
ALA N    N N N 1   
ALA CA   C N S 2   
ALA C    C N N 3   
ALA O    O N N 4   
ALA CB   C N N 5   
ALA OXT  O N N 6   
ALA H    H N N 7   
ALA H2   H N N 8   
ALA HA   H N N 9   
ALA HB1  H N N 10  
ALA HB2  H N N 11  
ALA HB3  H N N 12  
ALA HXT  H N N 13  
ARG N    N N N 14  
ARG CA   C N S 15  
ARG C    C N N 16  
ARG O    O N N 17  
ARG CB   C N N 18  
ARG CG   C N N 19  
ARG CD   C N N 20  
ARG NE   N N N 21  
ARG CZ   C N N 22  
ARG NH1  N N N 23  
ARG NH2  N N N 24  
ARG OXT  O N N 25  
ARG H    H N N 26  
ARG H2   H N N 27  
ARG HA   H N N 28  
ARG HB2  H N N 29  
ARG HB3  H N N 30  
ARG HG2  H N N 31  
ARG HG3  H N N 32  
ARG HD2  H N N 33  
ARG HD3  H N N 34  
ARG HE   H N N 35  
ARG HH11 H N N 36  
ARG HH12 H N N 37  
ARG HH21 H N N 38  
ARG HH22 H N N 39  
ARG HXT  H N N 40  
ASN N    N N N 41  
ASN CA   C N S 42  
ASN C    C N N 43  
ASN O    O N N 44  
ASN CB   C N N 45  
ASN CG   C N N 46  
ASN OD1  O N N 47  
ASN ND2  N N N 48  
ASN OXT  O N N 49  
ASN H    H N N 50  
ASN H2   H N N 51  
ASN HA   H N N 52  
ASN HB2  H N N 53  
ASN HB3  H N N 54  
ASN HD21 H N N 55  
ASN HD22 H N N 56  
ASN HXT  H N N 57  
ASP N    N N N 58  
ASP CA   C N S 59  
ASP C    C N N 60  
ASP O    O N N 61  
ASP CB   C N N 62  
ASP CG   C N N 63  
ASP OD1  O N N 64  
ASP OD2  O N N 65  
ASP OXT  O N N 66  
ASP H    H N N 67  
ASP H2   H N N 68  
ASP HA   H N N 69  
ASP HB2  H N N 70  
ASP HB3  H N N 71  
ASP HD2  H N N 72  
ASP HXT  H N N 73  
CYS N    N N N 74  
CYS CA   C N R 75  
CYS C    C N N 76  
CYS O    O N N 77  
CYS CB   C N N 78  
CYS SG   S N N 79  
CYS OXT  O N N 80  
CYS H    H N N 81  
CYS H2   H N N 82  
CYS HA   H N N 83  
CYS HB2  H N N 84  
CYS HB3  H N N 85  
CYS HG   H N N 86  
CYS HXT  H N N 87  
GLN N    N N N 88  
GLN CA   C N S 89  
GLN C    C N N 90  
GLN O    O N N 91  
GLN CB   C N N 92  
GLN CG   C N N 93  
GLN CD   C N N 94  
GLN OE1  O N N 95  
GLN NE2  N N N 96  
GLN OXT  O N N 97  
GLN H    H N N 98  
GLN H2   H N N 99  
GLN HA   H N N 100 
GLN HB2  H N N 101 
GLN HB3  H N N 102 
GLN HG2  H N N 103 
GLN HG3  H N N 104 
GLN HE21 H N N 105 
GLN HE22 H N N 106 
GLN HXT  H N N 107 
GLU N    N N N 108 
GLU CA   C N S 109 
GLU C    C N N 110 
GLU O    O N N 111 
GLU CB   C N N 112 
GLU CG   C N N 113 
GLU CD   C N N 114 
GLU OE1  O N N 115 
GLU OE2  O N N 116 
GLU OXT  O N N 117 
GLU H    H N N 118 
GLU H2   H N N 119 
GLU HA   H N N 120 
GLU HB2  H N N 121 
GLU HB3  H N N 122 
GLU HG2  H N N 123 
GLU HG3  H N N 124 
GLU HE2  H N N 125 
GLU HXT  H N N 126 
GLY N    N N N 127 
GLY CA   C N N 128 
GLY C    C N N 129 
GLY O    O N N 130 
GLY OXT  O N N 131 
GLY H    H N N 132 
GLY H2   H N N 133 
GLY HA2  H N N 134 
GLY HA3  H N N 135 
GLY HXT  H N N 136 
HIS N    N N N 137 
HIS CA   C N S 138 
HIS C    C N N 139 
HIS O    O N N 140 
HIS CB   C N N 141 
HIS CG   C Y N 142 
HIS ND1  N Y N 143 
HIS CD2  C Y N 144 
HIS CE1  C Y N 145 
HIS NE2  N Y N 146 
HIS OXT  O N N 147 
HIS H    H N N 148 
HIS H2   H N N 149 
HIS HA   H N N 150 
HIS HB2  H N N 151 
HIS HB3  H N N 152 
HIS HD1  H N N 153 
HIS HD2  H N N 154 
HIS HE1  H N N 155 
HIS HE2  H N N 156 
HIS HXT  H N N 157 
HOH O    O N N 158 
HOH H1   H N N 159 
HOH H2   H N N 160 
ILE N    N N N 161 
ILE CA   C N S 162 
ILE C    C N N 163 
ILE O    O N N 164 
ILE CB   C N S 165 
ILE CG1  C N N 166 
ILE CG2  C N N 167 
ILE CD1  C N N 168 
ILE OXT  O N N 169 
ILE H    H N N 170 
ILE H2   H N N 171 
ILE HA   H N N 172 
ILE HB   H N N 173 
ILE HG12 H N N 174 
ILE HG13 H N N 175 
ILE HG21 H N N 176 
ILE HG22 H N N 177 
ILE HG23 H N N 178 
ILE HD11 H N N 179 
ILE HD12 H N N 180 
ILE HD13 H N N 181 
ILE HXT  H N N 182 
LEU N    N N N 183 
LEU CA   C N S 184 
LEU C    C N N 185 
LEU O    O N N 186 
LEU CB   C N N 187 
LEU CG   C N N 188 
LEU CD1  C N N 189 
LEU CD2  C N N 190 
LEU OXT  O N N 191 
LEU H    H N N 192 
LEU H2   H N N 193 
LEU HA   H N N 194 
LEU HB2  H N N 195 
LEU HB3  H N N 196 
LEU HG   H N N 197 
LEU HD11 H N N 198 
LEU HD12 H N N 199 
LEU HD13 H N N 200 
LEU HD21 H N N 201 
LEU HD22 H N N 202 
LEU HD23 H N N 203 
LEU HXT  H N N 204 
LYS N    N N N 205 
LYS CA   C N S 206 
LYS C    C N N 207 
LYS O    O N N 208 
LYS CB   C N N 209 
LYS CG   C N N 210 
LYS CD   C N N 211 
LYS CE   C N N 212 
LYS NZ   N N N 213 
LYS OXT  O N N 214 
LYS H    H N N 215 
LYS H2   H N N 216 
LYS HA   H N N 217 
LYS HB2  H N N 218 
LYS HB3  H N N 219 
LYS HG2  H N N 220 
LYS HG3  H N N 221 
LYS HD2  H N N 222 
LYS HD3  H N N 223 
LYS HE2  H N N 224 
LYS HE3  H N N 225 
LYS HZ1  H N N 226 
LYS HZ2  H N N 227 
LYS HZ3  H N N 228 
LYS HXT  H N N 229 
MET N    N N N 230 
MET CA   C N S 231 
MET C    C N N 232 
MET O    O N N 233 
MET CB   C N N 234 
MET CG   C N N 235 
MET SD   S N N 236 
MET CE   C N N 237 
MET OXT  O N N 238 
MET H    H N N 239 
MET H2   H N N 240 
MET HA   H N N 241 
MET HB2  H N N 242 
MET HB3  H N N 243 
MET HG2  H N N 244 
MET HG3  H N N 245 
MET HE1  H N N 246 
MET HE2  H N N 247 
MET HE3  H N N 248 
MET HXT  H N N 249 
PHE N    N N N 250 
PHE CA   C N S 251 
PHE C    C N N 252 
PHE O    O N N 253 
PHE CB   C N N 254 
PHE CG   C Y N 255 
PHE CD1  C Y N 256 
PHE CD2  C Y N 257 
PHE CE1  C Y N 258 
PHE CE2  C Y N 259 
PHE CZ   C Y N 260 
PHE OXT  O N N 261 
PHE H    H N N 262 
PHE H2   H N N 263 
PHE HA   H N N 264 
PHE HB2  H N N 265 
PHE HB3  H N N 266 
PHE HD1  H N N 267 
PHE HD2  H N N 268 
PHE HE1  H N N 269 
PHE HE2  H N N 270 
PHE HZ   H N N 271 
PHE HXT  H N N 272 
PRO N    N N N 273 
PRO CA   C N S 274 
PRO C    C N N 275 
PRO O    O N N 276 
PRO CB   C N N 277 
PRO CG   C N N 278 
PRO CD   C N N 279 
PRO OXT  O N N 280 
PRO H    H N N 281 
PRO HA   H N N 282 
PRO HB2  H N N 283 
PRO HB3  H N N 284 
PRO HG2  H N N 285 
PRO HG3  H N N 286 
PRO HD2  H N N 287 
PRO HD3  H N N 288 
PRO HXT  H N N 289 
SER N    N N N 290 
SER CA   C N S 291 
SER C    C N N 292 
SER O    O N N 293 
SER CB   C N N 294 
SER OG   O N N 295 
SER OXT  O N N 296 
SER H    H N N 297 
SER H2   H N N 298 
SER HA   H N N 299 
SER HB2  H N N 300 
SER HB3  H N N 301 
SER HG   H N N 302 
SER HXT  H N N 303 
THR N    N N N 304 
THR CA   C N S 305 
THR C    C N N 306 
THR O    O N N 307 
THR CB   C N R 308 
THR OG1  O N N 309 
THR CG2  C N N 310 
THR OXT  O N N 311 
THR H    H N N 312 
THR H2   H N N 313 
THR HA   H N N 314 
THR HB   H N N 315 
THR HG1  H N N 316 
THR HG21 H N N 317 
THR HG22 H N N 318 
THR HG23 H N N 319 
THR HXT  H N N 320 
TRP N    N N N 321 
TRP CA   C N S 322 
TRP C    C N N 323 
TRP O    O N N 324 
TRP CB   C N N 325 
TRP CG   C Y N 326 
TRP CD1  C Y N 327 
TRP CD2  C Y N 328 
TRP NE1  N Y N 329 
TRP CE2  C Y N 330 
TRP CE3  C Y N 331 
TRP CZ2  C Y N 332 
TRP CZ3  C Y N 333 
TRP CH2  C Y N 334 
TRP OXT  O N N 335 
TRP H    H N N 336 
TRP H2   H N N 337 
TRP HA   H N N 338 
TRP HB2  H N N 339 
TRP HB3  H N N 340 
TRP HD1  H N N 341 
TRP HE1  H N N 342 
TRP HE3  H N N 343 
TRP HZ2  H N N 344 
TRP HZ3  H N N 345 
TRP HH2  H N N 346 
TRP HXT  H N N 347 
TYR N    N N N 348 
TYR CA   C N S 349 
TYR C    C N N 350 
TYR O    O N N 351 
TYR CB   C N N 352 
TYR CG   C Y N 353 
TYR CD1  C Y N 354 
TYR CD2  C Y N 355 
TYR CE1  C Y N 356 
TYR CE2  C Y N 357 
TYR CZ   C Y N 358 
TYR OH   O N N 359 
TYR OXT  O N N 360 
TYR H    H N N 361 
TYR H2   H N N 362 
TYR HA   H N N 363 
TYR HB2  H N N 364 
TYR HB3  H N N 365 
TYR HD1  H N N 366 
TYR HD2  H N N 367 
TYR HE1  H N N 368 
TYR HE2  H N N 369 
TYR HH   H N N 370 
TYR HXT  H N N 371 
VAL N    N N N 372 
VAL CA   C N S 373 
VAL C    C N N 374 
VAL O    O N N 375 
VAL CB   C N N 376 
VAL CG1  C N N 377 
VAL CG2  C N N 378 
VAL OXT  O N N 379 
VAL H    H N N 380 
VAL H2   H N N 381 
VAL HA   H N N 382 
VAL HB   H N N 383 
VAL HG11 H N N 384 
VAL HG12 H N N 385 
VAL HG13 H N N 386 
VAL HG21 H N N 387 
VAL HG22 H N N 388 
VAL HG23 H N N 389 
VAL HXT  H N N 390 
# 
loop_
_chem_comp_bond.comp_id 
_chem_comp_bond.atom_id_1 
_chem_comp_bond.atom_id_2 
_chem_comp_bond.value_order 
_chem_comp_bond.pdbx_aromatic_flag 
_chem_comp_bond.pdbx_stereo_config 
_chem_comp_bond.pdbx_ordinal 
ALA N   CA   sing N N 1   
ALA N   H    sing N N 2   
ALA N   H2   sing N N 3   
ALA CA  C    sing N N 4   
ALA CA  CB   sing N N 5   
ALA CA  HA   sing N N 6   
ALA C   O    doub N N 7   
ALA C   OXT  sing N N 8   
ALA CB  HB1  sing N N 9   
ALA CB  HB2  sing N N 10  
ALA CB  HB3  sing N N 11  
ALA OXT HXT  sing N N 12  
ARG N   CA   sing N N 13  
ARG N   H    sing N N 14  
ARG N   H2   sing N N 15  
ARG CA  C    sing N N 16  
ARG CA  CB   sing N N 17  
ARG CA  HA   sing N N 18  
ARG C   O    doub N N 19  
ARG C   OXT  sing N N 20  
ARG CB  CG   sing N N 21  
ARG CB  HB2  sing N N 22  
ARG CB  HB3  sing N N 23  
ARG CG  CD   sing N N 24  
ARG CG  HG2  sing N N 25  
ARG CG  HG3  sing N N 26  
ARG CD  NE   sing N N 27  
ARG CD  HD2  sing N N 28  
ARG CD  HD3  sing N N 29  
ARG NE  CZ   sing N N 30  
ARG NE  HE   sing N N 31  
ARG CZ  NH1  sing N N 32  
ARG CZ  NH2  doub N N 33  
ARG NH1 HH11 sing N N 34  
ARG NH1 HH12 sing N N 35  
ARG NH2 HH21 sing N N 36  
ARG NH2 HH22 sing N N 37  
ARG OXT HXT  sing N N 38  
ASN N   CA   sing N N 39  
ASN N   H    sing N N 40  
ASN N   H2   sing N N 41  
ASN CA  C    sing N N 42  
ASN CA  CB   sing N N 43  
ASN CA  HA   sing N N 44  
ASN C   O    doub N N 45  
ASN C   OXT  sing N N 46  
ASN CB  CG   sing N N 47  
ASN CB  HB2  sing N N 48  
ASN CB  HB3  sing N N 49  
ASN CG  OD1  doub N N 50  
ASN CG  ND2  sing N N 51  
ASN ND2 HD21 sing N N 52  
ASN ND2 HD22 sing N N 53  
ASN OXT HXT  sing N N 54  
ASP N   CA   sing N N 55  
ASP N   H    sing N N 56  
ASP N   H2   sing N N 57  
ASP CA  C    sing N N 58  
ASP CA  CB   sing N N 59  
ASP CA  HA   sing N N 60  
ASP C   O    doub N N 61  
ASP C   OXT  sing N N 62  
ASP CB  CG   sing N N 63  
ASP CB  HB2  sing N N 64  
ASP CB  HB3  sing N N 65  
ASP CG  OD1  doub N N 66  
ASP CG  OD2  sing N N 67  
ASP OD2 HD2  sing N N 68  
ASP OXT HXT  sing N N 69  
CYS N   CA   sing N N 70  
CYS N   H    sing N N 71  
CYS N   H2   sing N N 72  
CYS CA  C    sing N N 73  
CYS CA  CB   sing N N 74  
CYS CA  HA   sing N N 75  
CYS C   O    doub N N 76  
CYS C   OXT  sing N N 77  
CYS CB  SG   sing N N 78  
CYS CB  HB2  sing N N 79  
CYS CB  HB3  sing N N 80  
CYS SG  HG   sing N N 81  
CYS OXT HXT  sing N N 82  
GLN N   CA   sing N N 83  
GLN N   H    sing N N 84  
GLN N   H2   sing N N 85  
GLN CA  C    sing N N 86  
GLN CA  CB   sing N N 87  
GLN CA  HA   sing N N 88  
GLN C   O    doub N N 89  
GLN C   OXT  sing N N 90  
GLN CB  CG   sing N N 91  
GLN CB  HB2  sing N N 92  
GLN CB  HB3  sing N N 93  
GLN CG  CD   sing N N 94  
GLN CG  HG2  sing N N 95  
GLN CG  HG3  sing N N 96  
GLN CD  OE1  doub N N 97  
GLN CD  NE2  sing N N 98  
GLN NE2 HE21 sing N N 99  
GLN NE2 HE22 sing N N 100 
GLN OXT HXT  sing N N 101 
GLU N   CA   sing N N 102 
GLU N   H    sing N N 103 
GLU N   H2   sing N N 104 
GLU CA  C    sing N N 105 
GLU CA  CB   sing N N 106 
GLU CA  HA   sing N N 107 
GLU C   O    doub N N 108 
GLU C   OXT  sing N N 109 
GLU CB  CG   sing N N 110 
GLU CB  HB2  sing N N 111 
GLU CB  HB3  sing N N 112 
GLU CG  CD   sing N N 113 
GLU CG  HG2  sing N N 114 
GLU CG  HG3  sing N N 115 
GLU CD  OE1  doub N N 116 
GLU CD  OE2  sing N N 117 
GLU OE2 HE2  sing N N 118 
GLU OXT HXT  sing N N 119 
GLY N   CA   sing N N 120 
GLY N   H    sing N N 121 
GLY N   H2   sing N N 122 
GLY CA  C    sing N N 123 
GLY CA  HA2  sing N N 124 
GLY CA  HA3  sing N N 125 
GLY C   O    doub N N 126 
GLY C   OXT  sing N N 127 
GLY OXT HXT  sing N N 128 
HIS N   CA   sing N N 129 
HIS N   H    sing N N 130 
HIS N   H2   sing N N 131 
HIS CA  C    sing N N 132 
HIS CA  CB   sing N N 133 
HIS CA  HA   sing N N 134 
HIS C   O    doub N N 135 
HIS C   OXT  sing N N 136 
HIS CB  CG   sing N N 137 
HIS CB  HB2  sing N N 138 
HIS CB  HB3  sing N N 139 
HIS CG  ND1  sing Y N 140 
HIS CG  CD2  doub Y N 141 
HIS ND1 CE1  doub Y N 142 
HIS ND1 HD1  sing N N 143 
HIS CD2 NE2  sing Y N 144 
HIS CD2 HD2  sing N N 145 
HIS CE1 NE2  sing Y N 146 
HIS CE1 HE1  sing N N 147 
HIS NE2 HE2  sing N N 148 
HIS OXT HXT  sing N N 149 
HOH O   H1   sing N N 150 
HOH O   H2   sing N N 151 
ILE N   CA   sing N N 152 
ILE N   H    sing N N 153 
ILE N   H2   sing N N 154 
ILE CA  C    sing N N 155 
ILE CA  CB   sing N N 156 
ILE CA  HA   sing N N 157 
ILE C   O    doub N N 158 
ILE C   OXT  sing N N 159 
ILE CB  CG1  sing N N 160 
ILE CB  CG2  sing N N 161 
ILE CB  HB   sing N N 162 
ILE CG1 CD1  sing N N 163 
ILE CG1 HG12 sing N N 164 
ILE CG1 HG13 sing N N 165 
ILE CG2 HG21 sing N N 166 
ILE CG2 HG22 sing N N 167 
ILE CG2 HG23 sing N N 168 
ILE CD1 HD11 sing N N 169 
ILE CD1 HD12 sing N N 170 
ILE CD1 HD13 sing N N 171 
ILE OXT HXT  sing N N 172 
LEU N   CA   sing N N 173 
LEU N   H    sing N N 174 
LEU N   H2   sing N N 175 
LEU CA  C    sing N N 176 
LEU CA  CB   sing N N 177 
LEU CA  HA   sing N N 178 
LEU C   O    doub N N 179 
LEU C   OXT  sing N N 180 
LEU CB  CG   sing N N 181 
LEU CB  HB2  sing N N 182 
LEU CB  HB3  sing N N 183 
LEU CG  CD1  sing N N 184 
LEU CG  CD2  sing N N 185 
LEU CG  HG   sing N N 186 
LEU CD1 HD11 sing N N 187 
LEU CD1 HD12 sing N N 188 
LEU CD1 HD13 sing N N 189 
LEU CD2 HD21 sing N N 190 
LEU CD2 HD22 sing N N 191 
LEU CD2 HD23 sing N N 192 
LEU OXT HXT  sing N N 193 
LYS N   CA   sing N N 194 
LYS N   H    sing N N 195 
LYS N   H2   sing N N 196 
LYS CA  C    sing N N 197 
LYS CA  CB   sing N N 198 
LYS CA  HA   sing N N 199 
LYS C   O    doub N N 200 
LYS C   OXT  sing N N 201 
LYS CB  CG   sing N N 202 
LYS CB  HB2  sing N N 203 
LYS CB  HB3  sing N N 204 
LYS CG  CD   sing N N 205 
LYS CG  HG2  sing N N 206 
LYS CG  HG3  sing N N 207 
LYS CD  CE   sing N N 208 
LYS CD  HD2  sing N N 209 
LYS CD  HD3  sing N N 210 
LYS CE  NZ   sing N N 211 
LYS CE  HE2  sing N N 212 
LYS CE  HE3  sing N N 213 
LYS NZ  HZ1  sing N N 214 
LYS NZ  HZ2  sing N N 215 
LYS NZ  HZ3  sing N N 216 
LYS OXT HXT  sing N N 217 
MET N   CA   sing N N 218 
MET N   H    sing N N 219 
MET N   H2   sing N N 220 
MET CA  C    sing N N 221 
MET CA  CB   sing N N 222 
MET CA  HA   sing N N 223 
MET C   O    doub N N 224 
MET C   OXT  sing N N 225 
MET CB  CG   sing N N 226 
MET CB  HB2  sing N N 227 
MET CB  HB3  sing N N 228 
MET CG  SD   sing N N 229 
MET CG  HG2  sing N N 230 
MET CG  HG3  sing N N 231 
MET SD  CE   sing N N 232 
MET CE  HE1  sing N N 233 
MET CE  HE2  sing N N 234 
MET CE  HE3  sing N N 235 
MET OXT HXT  sing N N 236 
PHE N   CA   sing N N 237 
PHE N   H    sing N N 238 
PHE N   H2   sing N N 239 
PHE CA  C    sing N N 240 
PHE CA  CB   sing N N 241 
PHE CA  HA   sing N N 242 
PHE C   O    doub N N 243 
PHE C   OXT  sing N N 244 
PHE CB  CG   sing N N 245 
PHE CB  HB2  sing N N 246 
PHE CB  HB3  sing N N 247 
PHE CG  CD1  doub Y N 248 
PHE CG  CD2  sing Y N 249 
PHE CD1 CE1  sing Y N 250 
PHE CD1 HD1  sing N N 251 
PHE CD2 CE2  doub Y N 252 
PHE CD2 HD2  sing N N 253 
PHE CE1 CZ   doub Y N 254 
PHE CE1 HE1  sing N N 255 
PHE CE2 CZ   sing Y N 256 
PHE CE2 HE2  sing N N 257 
PHE CZ  HZ   sing N N 258 
PHE OXT HXT  sing N N 259 
PRO N   CA   sing N N 260 
PRO N   CD   sing N N 261 
PRO N   H    sing N N 262 
PRO CA  C    sing N N 263 
PRO CA  CB   sing N N 264 
PRO CA  HA   sing N N 265 
PRO C   O    doub N N 266 
PRO C   OXT  sing N N 267 
PRO CB  CG   sing N N 268 
PRO CB  HB2  sing N N 269 
PRO CB  HB3  sing N N 270 
PRO CG  CD   sing N N 271 
PRO CG  HG2  sing N N 272 
PRO CG  HG3  sing N N 273 
PRO CD  HD2  sing N N 274 
PRO CD  HD3  sing N N 275 
PRO OXT HXT  sing N N 276 
SER N   CA   sing N N 277 
SER N   H    sing N N 278 
SER N   H2   sing N N 279 
SER CA  C    sing N N 280 
SER CA  CB   sing N N 281 
SER CA  HA   sing N N 282 
SER C   O    doub N N 283 
SER C   OXT  sing N N 284 
SER CB  OG   sing N N 285 
SER CB  HB2  sing N N 286 
SER CB  HB3  sing N N 287 
SER OG  HG   sing N N 288 
SER OXT HXT  sing N N 289 
THR N   CA   sing N N 290 
THR N   H    sing N N 291 
THR N   H2   sing N N 292 
THR CA  C    sing N N 293 
THR CA  CB   sing N N 294 
THR CA  HA   sing N N 295 
THR C   O    doub N N 296 
THR C   OXT  sing N N 297 
THR CB  OG1  sing N N 298 
THR CB  CG2  sing N N 299 
THR CB  HB   sing N N 300 
THR OG1 HG1  sing N N 301 
THR CG2 HG21 sing N N 302 
THR CG2 HG22 sing N N 303 
THR CG2 HG23 sing N N 304 
THR OXT HXT  sing N N 305 
TRP N   CA   sing N N 306 
TRP N   H    sing N N 307 
TRP N   H2   sing N N 308 
TRP CA  C    sing N N 309 
TRP CA  CB   sing N N 310 
TRP CA  HA   sing N N 311 
TRP C   O    doub N N 312 
TRP C   OXT  sing N N 313 
TRP CB  CG   sing N N 314 
TRP CB  HB2  sing N N 315 
TRP CB  HB3  sing N N 316 
TRP CG  CD1  doub Y N 317 
TRP CG  CD2  sing Y N 318 
TRP CD1 NE1  sing Y N 319 
TRP CD1 HD1  sing N N 320 
TRP CD2 CE2  doub Y N 321 
TRP CD2 CE3  sing Y N 322 
TRP NE1 CE2  sing Y N 323 
TRP NE1 HE1  sing N N 324 
TRP CE2 CZ2  sing Y N 325 
TRP CE3 CZ3  doub Y N 326 
TRP CE3 HE3  sing N N 327 
TRP CZ2 CH2  doub Y N 328 
TRP CZ2 HZ2  sing N N 329 
TRP CZ3 CH2  sing Y N 330 
TRP CZ3 HZ3  sing N N 331 
TRP CH2 HH2  sing N N 332 
TRP OXT HXT  sing N N 333 
TYR N   CA   sing N N 334 
TYR N   H    sing N N 335 
TYR N   H2   sing N N 336 
TYR CA  C    sing N N 337 
TYR CA  CB   sing N N 338 
TYR CA  HA   sing N N 339 
TYR C   O    doub N N 340 
TYR C   OXT  sing N N 341 
TYR CB  CG   sing N N 342 
TYR CB  HB2  sing N N 343 
TYR CB  HB3  sing N N 344 
TYR CG  CD1  doub Y N 345 
TYR CG  CD2  sing Y N 346 
TYR CD1 CE1  sing Y N 347 
TYR CD1 HD1  sing N N 348 
TYR CD2 CE2  doub Y N 349 
TYR CD2 HD2  sing N N 350 
TYR CE1 CZ   doub Y N 351 
TYR CE1 HE1  sing N N 352 
TYR CE2 CZ   sing Y N 353 
TYR CE2 HE2  sing N N 354 
TYR CZ  OH   sing N N 355 
TYR OH  HH   sing N N 356 
TYR OXT HXT  sing N N 357 
VAL N   CA   sing N N 358 
VAL N   H    sing N N 359 
VAL N   H2   sing N N 360 
VAL CA  C    sing N N 361 
VAL CA  CB   sing N N 362 
VAL CA  HA   sing N N 363 
VAL C   O    doub N N 364 
VAL C   OXT  sing N N 365 
VAL CB  CG1  sing N N 366 
VAL CB  CG2  sing N N 367 
VAL CB  HB   sing N N 368 
VAL CG1 HG11 sing N N 369 
VAL CG1 HG12 sing N N 370 
VAL CG1 HG13 sing N N 371 
VAL CG2 HG21 sing N N 372 
VAL CG2 HG22 sing N N 373 
VAL CG2 HG23 sing N N 374 
VAL OXT HXT  sing N N 375 
# 
_pdbx_initial_refinement_model.id               1 
_pdbx_initial_refinement_model.entity_id_list   ? 
_pdbx_initial_refinement_model.type             'experimental model' 
_pdbx_initial_refinement_model.source_name      PDB 
_pdbx_initial_refinement_model.accession_code   1LMN 
_pdbx_initial_refinement_model.details          'PDB ENTRY 1LMN' 
# 
_atom_sites.entry_id                    1IIZ 
_atom_sites.fract_transf_matrix[1][1]   -0.01978511 
_atom_sites.fract_transf_matrix[1][2]   0.00292998 
_atom_sites.fract_transf_matrix[1][3]   -0.00585408 
_atom_sites.fract_transf_matrix[2][1]   0.00355869 
_atom_sites.fract_transf_matrix[2][2]   -0.00920530 
_atom_sites.fract_transf_matrix[2][3]   -0.01663464 
_atom_sites.fract_transf_matrix[3][1]   -0.00268964 
_atom_sites.fract_transf_matrix[3][2]   -0.00917142 
_atom_sites.fract_transf_matrix[3][3]   0.00449989 
_atom_sites.fract_transf_vector[1]      0.103684 
_atom_sites.fract_transf_vector[2]      0.256991 
_atom_sites.fract_transf_vector[3]      0.385677 
# 
loop_
_atom_type.symbol 
C 
N 
O 
S 
# 
loop_
_atom_site.group_PDB 
_atom_site.id 
_atom_site.type_symbol 
_atom_site.label_atom_id 
_atom_site.label_alt_id 
_atom_site.label_comp_id 
_atom_site.label_asym_id 
_atom_site.label_entity_id 
_atom_site.label_seq_id 
_atom_site.pdbx_PDB_ins_code 
_atom_site.Cartn_x 
_atom_site.Cartn_y 
_atom_site.Cartn_z 
_atom_site.occupancy 
_atom_site.B_iso_or_equiv 
_atom_site.pdbx_formal_charge 
_atom_site.auth_seq_id 
_atom_site.auth_comp_id 
_atom_site.auth_asym_id 
_atom_site.auth_atom_id 
_atom_site.pdbx_PDB_model_num 
ATOM   1    N N   . LYS A 1 1   ? -3.020  9.335   9.117   1.00 31.49 ? 1   LYS A N   1 
ATOM   2    C CA  . LYS A 1 1   ? -2.060  8.960   10.194  1.00 31.49 ? 1   LYS A CA  1 
ATOM   3    C C   . LYS A 1 1   ? -0.719  8.488   9.624   1.00 31.49 ? 1   LYS A C   1 
ATOM   4    O O   . LYS A 1 1   ? -0.642  8.053   8.473   1.00 31.49 ? 1   LYS A O   1 
ATOM   5    C CB  . LYS A 1 1   ? -2.652  7.842   11.049  1.00 20.70 ? 1   LYS A CB  1 
ATOM   6    C CG  . LYS A 1 1   ? -1.792  7.494   12.241  1.00 20.70 ? 1   LYS A CG  1 
ATOM   7    C CD  . LYS A 1 1   ? -1.656  5.997   12.429  1.00 20.70 ? 1   LYS A CD  1 
ATOM   8    C CE  . LYS A 1 1   ? -2.939  5.359   12.902  1.00 20.70 ? 1   LYS A CE  1 
ATOM   9    N NZ  . LYS A 1 1   ? -2.668  3.967   13.354  1.00 20.70 ? 1   LYS A NZ  1 
ATOM   10   N N   . ARG A 1 2   ? 0.335   8.576   10.430  1.00 12.26 ? 2   ARG A N   1 
ATOM   11   C CA  . ARG A 1 2   ? 1.658   8.127   10.004  1.00 12.26 ? 2   ARG A CA  1 
ATOM   12   C C   . ARG A 1 2   ? 2.293   7.152   11.002  1.00 12.26 ? 2   ARG A C   1 
ATOM   13   O O   . ARG A 1 2   ? 2.518   7.506   12.148  1.00 12.26 ? 2   ARG A O   1 
ATOM   14   C CB  . ARG A 1 2   ? 2.609   9.310   9.813   1.00 20.70 ? 2   ARG A CB  1 
ATOM   15   C CG  . ARG A 1 2   ? 3.943   8.843   9.297   1.00 20.70 ? 2   ARG A CG  1 
ATOM   16   C CD  . ARG A 1 2   ? 4.971   9.932   9.164   1.00 20.70 ? 2   ARG A CD  1 
ATOM   17   N NE  . ARG A 1 2   ? 6.109   9.418   8.414   1.00 20.70 ? 2   ARG A NE  1 
ATOM   18   C CZ  . ARG A 1 2   ? 7.258   10.062  8.245   1.00 20.70 ? 2   ARG A CZ  1 
ATOM   19   N NH1 . ARG A 1 2   ? 7.432   11.264  8.782   1.00 20.70 ? 2   ARG A NH1 1 
ATOM   20   N NH2 . ARG A 1 2   ? 8.232   9.506   7.530   1.00 20.70 ? 2   ARG A NH2 1 
ATOM   21   N N   . PHE A 1 3   ? 2.599   5.937   10.558  1.00 17.89 ? 3   PHE A N   1 
ATOM   22   C CA  . PHE A 1 3   ? 3.214   4.929   11.424  1.00 17.89 ? 3   PHE A CA  1 
ATOM   23   C C   . PHE A 1 3   ? 4.713   5.115   11.535  1.00 17.89 ? 3   PHE A C   1 
ATOM   24   O O   . PHE A 1 3   ? 5.333   5.721   10.666  1.00 17.89 ? 3   PHE A O   1 
ATOM   25   C CB  . PHE A 1 3   ? 3.015   3.515   10.866  1.00 20.70 ? 3   PHE A CB  1 
ATOM   26   C CG  . PHE A 1 3   ? 1.591   3.088   10.742  1.00 20.70 ? 3   PHE A CG  1 
ATOM   27   C CD1 . PHE A 1 3   ? 0.831   3.462   9.646   1.00 20.70 ? 3   PHE A CD1 1 
ATOM   28   C CD2 . PHE A 1 3   ? 1.007   2.300   11.722  1.00 20.70 ? 3   PHE A CD2 1 
ATOM   29   C CE1 . PHE A 1 3   ? -0.488  3.043   9.517   1.00 20.70 ? 3   PHE A CE1 1 
ATOM   30   C CE2 . PHE A 1 3   ? -0.312  1.878   11.600  1.00 20.70 ? 3   PHE A CE2 1 
ATOM   31   C CZ  . PHE A 1 3   ? -1.061  2.257   10.494  1.00 20.70 ? 3   PHE A CZ  1 
ATOM   32   N N   . THR A 1 4   ? 5.297   4.575   12.600  1.00 18.10 ? 4   THR A N   1 
ATOM   33   C CA  . THR A 1 4   ? 6.749   4.606   12.752  1.00 18.10 ? 4   THR A CA  1 
ATOM   34   C C   . THR A 1 4   ? 7.182   3.308   12.056  1.00 18.10 ? 4   THR A C   1 
ATOM   35   O O   . THR A 1 4   ? 6.330   2.550   11.590  1.00 18.10 ? 4   THR A O   1 
ATOM   36   C CB  . THR A 1 4   ? 7.187   4.554   14.229  1.00 20.70 ? 4   THR A CB  1 
ATOM   37   O OG1 . THR A 1 4   ? 6.512   3.478   14.895  1.00 20.70 ? 4   THR A OG1 1 
ATOM   38   C CG2 . THR A 1 4   ? 6.896   5.869   14.920  1.00 20.70 ? 4   THR A CG2 1 
ATOM   39   N N   . ARG A 1 5   ? 8.480   3.038   11.968  1.00 5.19  ? 5   ARG A N   1 
ATOM   40   C CA  . ARG A 1 5   ? 8.902   1.812   11.313  1.00 5.19  ? 5   ARG A CA  1 
ATOM   41   C C   . ARG A 1 5   ? 8.311   0.601   12.060  1.00 5.19  ? 5   ARG A C   1 
ATOM   42   O O   . ARG A 1 5   ? 7.753   -0.318  11.443  1.00 5.19  ? 5   ARG A O   1 
ATOM   43   C CB  . ARG A 1 5   ? 10.430  1.719   11.274  1.00 20.70 ? 5   ARG A CB  1 
ATOM   44   C CG  . ARG A 1 5   ? 10.949  0.494   10.507  1.00 20.70 ? 5   ARG A CG  1 
ATOM   45   C CD  . ARG A 1 5   ? 11.643  0.888   9.201   1.00 20.70 ? 5   ARG A CD  1 
ATOM   46   N NE  . ARG A 1 5   ? 13.090  0.659   9.240   1.00 20.70 ? 5   ARG A NE  1 
ATOM   47   C CZ  . ARG A 1 5   ? 13.966  1.242   8.420   1.00 20.70 ? 5   ARG A CZ  1 
ATOM   48   N NH1 . ARG A 1 5   ? 13.545  2.097   7.494   1.00 20.70 ? 5   ARG A NH1 1 
ATOM   49   N NH2 . ARG A 1 5   ? 15.267  0.979   8.524   1.00 20.70 ? 5   ARG A NH2 1 
ATOM   50   N N   . CYS A 1 6   ? 8.408   0.607   13.386  1.00 8.18  ? 6   CYS A N   1 
ATOM   51   C CA  . CYS A 1 6   ? 7.886   -0.514  14.166  1.00 8.18  ? 6   CYS A CA  1 
ATOM   52   C C   . CYS A 1 6   ? 6.362   -0.509  14.326  1.00 8.18  ? 6   CYS A C   1 
ATOM   53   O O   . CYS A 1 6   ? 5.738   -1.568  14.428  1.00 8.18  ? 6   CYS A O   1 
ATOM   54   C CB  . CYS A 1 6   ? 8.557   -0.568  15.538  1.00 20.70 ? 6   CYS A CB  1 
ATOM   55   S SG  . CYS A 1 6   ? 10.221  -1.326  15.564  1.00 20.70 ? 6   CYS A SG  1 
ATOM   56   N N   . GLY A 1 7   ? 5.760   0.677   14.352  1.00 12.31 ? 7   GLY A N   1 
ATOM   57   C CA  . GLY A 1 7   ? 4.320   0.741   14.472  1.00 12.31 ? 7   GLY A CA  1 
ATOM   58   C C   . GLY A 1 7   ? 3.693   0.101   13.244  1.00 12.31 ? 7   GLY A C   1 
ATOM   59   O O   . GLY A 1 7   ? 2.625   -0.510  13.321  1.00 12.31 ? 7   GLY A O   1 
ATOM   60   N N   . LEU A 1 8   ? 4.378   0.227   12.111  1.00 10.61 ? 8   LEU A N   1 
ATOM   61   C CA  . LEU A 1 8   ? 3.895   -0.320  10.855  1.00 10.61 ? 8   LEU A CA  1 
ATOM   62   C C   . LEU A 1 8   ? 4.041   -1.839  10.785  1.00 10.61 ? 8   LEU A C   1 
ATOM   63   O O   . LEU A 1 8   ? 3.113   -2.543  10.370  1.00 10.61 ? 8   LEU A O   1 
ATOM   64   C CB  . LEU A 1 8   ? 4.639   0.329   9.687   1.00 20.70 ? 8   LEU A CB  1 
ATOM   65   C CG  . LEU A 1 8   ? 4.297   -0.202  8.296   1.00 20.70 ? 8   LEU A CG  1 
ATOM   66   C CD1 . LEU A 1 8   ? 2.822   0.032   8.004   1.00 20.70 ? 8   LEU A CD1 1 
ATOM   67   C CD2 . LEU A 1 8   ? 5.177   0.478   7.256   1.00 20.70 ? 8   LEU A CD2 1 
ATOM   68   N N   . VAL A 1 9   ? 5.203   -2.346  11.182  1.00 5.12  ? 9   VAL A N   1 
ATOM   69   C CA  . VAL A 1 9   ? 5.434   -3.787  11.152  1.00 5.12  ? 9   VAL A CA  1 
ATOM   70   C C   . VAL A 1 9   ? 4.384   -4.474  12.033  1.00 5.12  ? 9   VAL A C   1 
ATOM   71   O O   . VAL A 1 9   ? 3.838   -5.525  11.671  1.00 5.12  ? 9   VAL A O   1 
ATOM   72   C CB  . VAL A 1 9   ? 6.876   -4.124  11.635  1.00 20.70 ? 9   VAL A CB  1 
ATOM   73   C CG1 . VAL A 1 9   ? 7.061   -3.675  13.047  1.00 20.70 ? 9   VAL A CG1 1 
ATOM   74   C CG2 . VAL A 1 9   ? 7.140   -5.608  11.527  1.00 20.70 ? 9   VAL A CG2 1 
ATOM   75   N N   . ASN A 1 10  ? 4.094   -3.855  13.177  1.00 7.53  ? 10  ASN A N   1 
ATOM   76   C CA  . ASN A 1 10  ? 3.100   -4.363  14.120  1.00 7.53  ? 10  ASN A CA  1 
ATOM   77   C C   . ASN A 1 10  ? 1.745   -4.499  13.426  1.00 7.53  ? 10  ASN A C   1 
ATOM   78   O O   . ASN A 1 10  ? 1.084   -5.541  13.527  1.00 7.53  ? 10  ASN A O   1 
ATOM   79   C CB  . ASN A 1 10  ? 2.940   -3.411  15.318  1.00 20.70 ? 10  ASN A CB  1 
ATOM   80   C CG  . ASN A 1 10  ? 4.156   -3.389  16.236  1.00 20.70 ? 10  ASN A CG  1 
ATOM   81   O OD1 . ASN A 1 10  ? 4.107   -2.837  17.345  1.00 20.70 ? 10  ASN A OD1 1 
ATOM   82   N ND2 . ASN A 1 10  ? 5.259   -3.983  15.776  1.00 20.70 ? 10  ASN A ND2 1 
ATOM   83   N N   . GLU A 1 11  ? 1.334   -3.428  12.743  1.00 5.00  ? 11  GLU A N   1 
ATOM   84   C CA  . GLU A 1 11  ? 0.068   -3.404  12.026  1.00 5.00  ? 11  GLU A CA  1 
ATOM   85   C C   . GLU A 1 11  ? 0.011   -4.457  10.926  1.00 5.00  ? 11  GLU A C   1 
ATOM   86   O O   . GLU A 1 11  ? -0.957  -5.199  10.824  1.00 5.00  ? 11  GLU A O   1 
ATOM   87   C CB  . GLU A 1 11  ? -0.180  -2.025  11.399  1.00 20.72 ? 11  GLU A CB  1 
ATOM   88   C CG  . GLU A 1 11  ? -1.218  -1.203  12.121  1.00 20.72 ? 11  GLU A CG  1 
ATOM   89   C CD  . GLU A 1 11  ? -2.538  -1.936  12.284  1.00 20.72 ? 11  GLU A CD  1 
ATOM   90   O OE1 . GLU A 1 11  ? -3.298  -2.058  11.306  1.00 20.72 ? 11  GLU A OE1 1 
ATOM   91   O OE2 . GLU A 1 11  ? -2.809  -2.405  13.403  1.00 20.72 ? 11  GLU A OE2 1 
ATOM   92   N N   . LEU A 1 12  ? 1.040   -4.521  10.096  1.00 15.75 ? 12  LEU A N   1 
ATOM   93   C CA  . LEU A 1 12  ? 1.049   -5.497  9.016   1.00 15.75 ? 12  LEU A CA  1 
ATOM   94   C C   . LEU A 1 12  ? 0.911   -6.918  9.544   1.00 15.75 ? 12  LEU A C   1 
ATOM   95   O O   . LEU A 1 12  ? 0.206   -7.733  8.951   1.00 15.75 ? 12  LEU A O   1 
ATOM   96   C CB  . LEU A 1 12  ? 2.322   -5.359  8.188   1.00 20.72 ? 12  LEU A CB  1 
ATOM   97   C CG  . LEU A 1 12  ? 2.505   -3.965  7.599   1.00 20.72 ? 12  LEU A CG  1 
ATOM   98   C CD1 . LEU A 1 12  ? 3.743   -3.943  6.718   1.00 20.72 ? 12  LEU A CD1 1 
ATOM   99   C CD2 . LEU A 1 12  ? 1.272   -3.577  6.801   1.00 20.72 ? 12  LEU A CD2 1 
ATOM   100  N N   . ARG A 1 13  ? 1.567   -7.213  10.662  1.00 13.39 ? 13  ARG A N   1 
ATOM   101  C CA  . ARG A 1 13  ? 1.488   -8.551  11.245  1.00 13.39 ? 13  ARG A CA  1 
ATOM   102  C C   . ARG A 1 13  ? 0.085   -8.811  11.775  1.00 13.39 ? 13  ARG A C   1 
ATOM   103  O O   . ARG A 1 13  ? -0.475  -9.899  11.614  1.00 13.39 ? 13  ARG A O   1 
ATOM   104  C CB  . ARG A 1 13  ? 2.518   -8.703  12.364  1.00 20.72 ? 13  ARG A CB  1 
ATOM   105  C CG  . ARG A 1 13  ? 3.920   -8.442  11.874  1.00 20.72 ? 13  ARG A CG  1 
ATOM   106  C CD  . ARG A 1 13  ? 4.916   -9.480  12.341  1.00 20.72 ? 13  ARG A CD  1 
ATOM   107  N NE  . ARG A 1 13  ? 5.793   -8.933  13.360  1.00 20.72 ? 13  ARG A NE  1 
ATOM   108  C CZ  . ARG A 1 13  ? 7.113   -9.076  13.362  1.00 20.72 ? 13  ARG A CZ  1 
ATOM   109  N NH1 . ARG A 1 13  ? 7.701   -9.756  12.393  1.00 20.72 ? 13  ARG A NH1 1 
ATOM   110  N NH2 . ARG A 1 13  ? 7.840   -8.523  14.323  1.00 20.72 ? 13  ARG A NH2 1 
ATOM   111  N N   . LYS A 1 14  ? -0.479  -7.797  12.406  1.00 5.79  ? 14  LYS A N   1 
ATOM   112  C CA  . LYS A 1 14  ? -1.824  -7.895  12.932  1.00 5.79  ? 14  LYS A CA  1 
ATOM   113  C C   . LYS A 1 14  ? -2.792  -8.055  11.763  1.00 5.79  ? 14  LYS A C   1 
ATOM   114  O O   . LYS A 1 14  ? -3.802  -8.755  11.867  1.00 5.79  ? 14  LYS A O   1 
ATOM   115  C CB  . LYS A 1 14  ? -2.160  -6.630  13.729  1.00 20.72 ? 14  LYS A CB  1 
ATOM   116  C CG  . LYS A 1 14  ? -3.478  -6.693  14.461  1.00 20.72 ? 14  LYS A CG  1 
ATOM   117  C CD  . LYS A 1 14  ? -3.504  -5.737  15.650  1.00 20.72 ? 14  LYS A CD  1 
ATOM   118  C CE  . LYS A 1 14  ? -3.734  -4.298  15.235  1.00 20.72 ? 14  LYS A CE  1 
ATOM   119  N NZ  . LYS A 1 14  ? -5.141  -4.044  14.807  1.00 20.72 ? 14  LYS A NZ  1 
ATOM   120  N N   . GLN A 1 15  ? -2.476  -7.414  10.642  1.00 15.63 ? 15  GLN A N   1 
ATOM   121  C CA  . GLN A 1 15  ? -3.332  -7.480  9.466   1.00 15.63 ? 15  GLN A CA  1 
ATOM   122  C C   . GLN A 1 15  ? -3.175  -8.783  8.714   1.00 15.63 ? 15  GLN A C   1 
ATOM   123  O O   . GLN A 1 15  ? -3.852  -9.010  7.717   1.00 15.63 ? 15  GLN A O   1 
ATOM   124  C CB  . GLN A 1 15  ? -3.045  -6.306  8.527   1.00 20.72 ? 15  GLN A CB  1 
ATOM   125  C CG  . GLN A 1 15  ? -3.611  -4.958  8.987   1.00 20.72 ? 15  GLN A CG  1 
ATOM   126  C CD  . GLN A 1 15  ? -5.140  -4.911  8.987   1.00 20.72 ? 15  GLN A CD  1 
ATOM   127  O OE1 . GLN A 1 15  ? -5.797  -5.524  8.146   1.00 20.72 ? 15  GLN A OE1 1 
ATOM   128  N NE2 . GLN A 1 15  ? -5.706  -4.163  9.921   1.00 20.72 ? 15  GLN A NE2 1 
ATOM   129  N N   . GLY A 1 16  ? -2.261  -9.633  9.169   1.00 16.78 ? 16  GLY A N   1 
ATOM   130  C CA  . GLY A 1 16  ? -2.081  -10.920 8.527   1.00 16.78 ? 16  GLY A CA  1 
ATOM   131  C C   . GLY A 1 16  ? -1.169  -11.002 7.319   1.00 16.78 ? 16  GLY A C   1 
ATOM   132  O O   . GLY A 1 16  ? -1.239  -11.976 6.561   1.00 16.78 ? 16  GLY A O   1 
ATOM   133  N N   . PHE A 1 17  ? -0.316  -10.009 7.123   1.00 5.00  ? 17  PHE A N   1 
ATOM   134  C CA  . PHE A 1 17  ? 0.601   -10.046 5.988   1.00 5.00  ? 17  PHE A CA  1 
ATOM   135  C C   . PHE A 1 17  ? 1.657   -11.143 6.158   1.00 5.00  ? 17  PHE A C   1 
ATOM   136  O O   . PHE A 1 17  ? 2.177   -11.353 7.244   1.00 5.00  ? 17  PHE A O   1 
ATOM   137  C CB  . PHE A 1 17  ? 1.300   -8.703  5.809   1.00 20.72 ? 17  PHE A CB  1 
ATOM   138  C CG  . PHE A 1 17  ? 0.457   -7.666  5.146   1.00 20.72 ? 17  PHE A CG  1 
ATOM   139  C CD1 . PHE A 1 17  ? -0.675  -7.165  5.769   1.00 20.72 ? 17  PHE A CD1 1 
ATOM   140  C CD2 . PHE A 1 17  ? 0.813   -7.168  3.902   1.00 20.72 ? 17  PHE A CD2 1 
ATOM   141  C CE1 . PHE A 1 17  ? -1.445  -6.171  5.159   1.00 20.72 ? 17  PHE A CE1 1 
ATOM   142  C CE2 . PHE A 1 17  ? 0.055   -6.176  3.284   1.00 20.72 ? 17  PHE A CE2 1 
ATOM   143  C CZ  . PHE A 1 17  ? -1.074  -5.678  3.913   1.00 20.72 ? 17  PHE A CZ  1 
ATOM   144  N N   . ASP A 1 18  ? 1.973   -11.832 5.070   1.00 11.51 ? 18  ASP A N   1 
ATOM   145  C CA  . ASP A 1 18  ? 2.944   -12.915 5.110   1.00 11.51 ? 18  ASP A CA  1 
ATOM   146  C C   . ASP A 1 18  ? 4.320   -12.515 5.632   1.00 11.51 ? 18  ASP A C   1 
ATOM   147  O O   . ASP A 1 18  ? 5.023   -11.710 5.015   1.00 11.51 ? 18  ASP A O   1 
ATOM   148  C CB  . ASP A 1 18  ? 3.081   -13.525 3.729   1.00 20.72 ? 18  ASP A CB  1 
ATOM   149  C CG  . ASP A 1 18  ? 4.067   -14.649 3.709   1.00 20.72 ? 18  ASP A CG  1 
ATOM   150  O OD1 . ASP A 1 18  ? 3.999   -15.519 4.612   1.00 20.72 ? 18  ASP A OD1 1 
ATOM   151  O OD2 . ASP A 1 18  ? 4.909   -14.657 2.789   1.00 20.72 ? 18  ASP A OD2 1 
ATOM   152  N N   . GLU A 1 19  ? 4.710   -13.127 6.749   1.00 17.07 ? 19  GLU A N   1 
ATOM   153  C CA  . GLU A 1 19  ? 5.968   -12.821 7.418   1.00 17.07 ? 19  GLU A CA  1 
ATOM   154  C C   . GLU A 1 19  ? 7.252   -12.762 6.601   1.00 17.07 ? 19  GLU A C   1 
ATOM   155  O O   . GLU A 1 19  ? 8.101   -11.908 6.863   1.00 17.07 ? 19  GLU A O   1 
ATOM   156  C CB  . GLU A 1 19  ? 6.179   -13.771 8.597   1.00 20.72 ? 19  GLU A CB  1 
ATOM   157  C CG  . GLU A 1 19  ? 7.379   -13.416 9.483   1.00 20.72 ? 19  GLU A CG  1 
ATOM   158  C CD  . GLU A 1 19  ? 7.343   -11.981 10.030  1.00 20.72 ? 19  GLU A CD  1 
ATOM   159  O OE1 . GLU A 1 19  ? 6.237   -11.486 10.345  1.00 20.72 ? 19  GLU A OE1 1 
ATOM   160  O OE2 . GLU A 1 19  ? 8.426   -11.357 10.163  1.00 20.72 ? 19  GLU A OE2 1 
ATOM   161  N N   . ASN A 1 20  ? 7.416   -13.654 5.629   1.00 5.87  ? 20  ASN A N   1 
ATOM   162  C CA  . ASN A 1 20  ? 8.636   -13.655 4.827   1.00 5.87  ? 20  ASN A CA  1 
ATOM   163  C C   . ASN A 1 20  ? 8.649   -12.596 3.742   1.00 5.87  ? 20  ASN A C   1 
ATOM   164  O O   . ASN A 1 20  ? 9.628   -12.459 3.023   1.00 5.87  ? 20  ASN A O   1 
ATOM   165  C CB  . ASN A 1 20  ? 8.843   -15.006 4.175   1.00 20.72 ? 20  ASN A CB  1 
ATOM   166  C CG  . ASN A 1 20  ? 7.648   -15.440 3.412   1.00 20.72 ? 20  ASN A CG  1 
ATOM   167  O OD1 . ASN A 1 20  ? 6.636   -15.799 4.004   1.00 24.65 ? 20  ASN A OD1 1 
ATOM   168  N ND2 . ASN A 1 20  ? 7.732   -15.394 2.088   1.00 24.65 ? 20  ASN A ND2 1 
ATOM   169  N N   . LEU A 1 21  ? 7.555   -11.859 3.614   1.00 15.39 ? 21  LEU A N   1 
ATOM   170  C CA  . LEU A 1 21  ? 7.470   -10.796 2.626   1.00 15.39 ? 21  LEU A CA  1 
ATOM   171  C C   . LEU A 1 21  ? 7.535   -9.478  3.386   1.00 15.39 ? 21  LEU A C   1 
ATOM   172  O O   . LEU A 1 21  ? 7.618   -8.394  2.795   1.00 15.39 ? 21  LEU A O   1 
ATOM   173  C CB  . LEU A 1 21  ? 6.152   -10.895 1.870   1.00 20.72 ? 21  LEU A CB  1 
ATOM   174  C CG  . LEU A 1 21  ? 6.041   -12.090 0.927   1.00 20.72 ? 21  LEU A CG  1 
ATOM   175  C CD1 . LEU A 1 21  ? 4.655   -12.139 0.296   1.00 20.72 ? 21  LEU A CD1 1 
ATOM   176  C CD2 . LEU A 1 21  ? 7.111   -11.966 -0.137  1.00 20.72 ? 21  LEU A CD2 1 
ATOM   177  N N   . MET A 1 22  ? 7.503   -9.607  4.711   1.00 6.30  ? 22  MET A N   1 
ATOM   178  C CA  . MET A 1 22  ? 7.544   -8.480  5.636   1.00 6.30  ? 22  MET A CA  1 
ATOM   179  C C   . MET A 1 22  ? 8.524   -7.361  5.303   1.00 6.30  ? 22  MET A C   1 
ATOM   180  O O   . MET A 1 22  ? 8.115   -6.223  5.119   1.00 6.30  ? 22  MET A O   1 
ATOM   181  C CB  . MET A 1 22  ? 7.829   -8.977  7.052   1.00 20.72 ? 22  MET A CB  1 
ATOM   182  C CG  . MET A 1 22  ? 6.592   -9.152  7.902   1.00 20.72 ? 22  MET A CG  1 
ATOM   183  S SD  . MET A 1 22  ? 5.673   -7.607  8.131   1.00 20.72 ? 22  MET A SD  1 
ATOM   184  C CE  . MET A 1 22  ? 4.029   -8.230  8.427   1.00 20.72 ? 22  MET A CE  1 
ATOM   185  N N   . ARG A 1 23  ? 9.816   -7.666  5.233   1.00 8.23  ? 23  ARG A N   1 
ATOM   186  C CA  . ARG A 1 23  ? 10.796  -6.627  4.934   1.00 8.23  ? 23  ARG A CA  1 
ATOM   187  C C   . ARG A 1 23  ? 10.502  -5.967  3.591   1.00 8.23  ? 23  ARG A C   1 
ATOM   188  O O   . ARG A 1 23  ? 10.768  -4.778  3.415   1.00 8.23  ? 23  ARG A O   1 
ATOM   189  C CB  . ARG A 1 23  ? 12.217  -7.201  4.980   1.00 20.72 ? 23  ARG A CB  1 
ATOM   190  C CG  . ARG A 1 23  ? 12.624  -7.678  6.374   1.00 20.72 ? 23  ARG A CG  1 
ATOM   191  C CD  . ARG A 1 23  ? 13.929  -8.464  6.359   1.00 20.72 ? 23  ARG A CD  1 
ATOM   192  N NE  . ARG A 1 23  ? 15.053  -7.626  5.951   1.00 20.72 ? 23  ARG A NE  1 
ATOM   193  C CZ  . ARG A 1 23  ? 16.309  -8.048  5.824   1.00 20.72 ? 23  ARG A CZ  1 
ATOM   194  N NH1 . ARG A 1 23  ? 16.624  -9.313  6.081   1.00 20.72 ? 23  ARG A NH1 1 
ATOM   195  N NH2 . ARG A 1 23  ? 17.252  -7.197  5.423   1.00 20.72 ? 23  ARG A NH2 1 
ATOM   196  N N   . ASP A 1 24  ? 9.942   -6.726  2.647   1.00 11.22 ? 24  ASP A N   1 
ATOM   197  C CA  . ASP A 1 24  ? 9.595   -6.149  1.350   1.00 11.22 ? 24  ASP A CA  1 
ATOM   198  C C   . ASP A 1 24  ? 8.424   -5.178  1.506   1.00 11.22 ? 24  ASP A C   1 
ATOM   199  O O   . ASP A 1 24  ? 8.434   -4.088  0.928   1.00 11.22 ? 24  ASP A O   1 
ATOM   200  C CB  . ASP A 1 24  ? 9.225   -7.234  0.337   1.00 20.72 ? 24  ASP A CB  1 
ATOM   201  C CG  . ASP A 1 24  ? 10.436  -7.881  -0.288  1.00 20.72 ? 24  ASP A CG  1 
ATOM   202  O OD1 . ASP A 1 24  ? 10.970  -8.839  0.301   1.00 20.72 ? 24  ASP A OD1 1 
ATOM   203  O OD2 . ASP A 1 24  ? 10.861  -7.412  -1.364  1.00 20.72 ? 24  ASP A OD2 1 
ATOM   204  N N   . TRP A 1 25  ? 7.418   -5.574  2.288   1.00 5.00  ? 25  TRP A N   1 
ATOM   205  C CA  . TRP A 1 25  ? 6.257   -4.722  2.520   1.00 5.00  ? 25  TRP A CA  1 
ATOM   206  C C   . TRP A 1 25  ? 6.665   -3.417  3.191   1.00 5.00  ? 25  TRP A C   1 
ATOM   207  O O   . TRP A 1 25  ? 6.263   -2.334  2.762   1.00 5.00  ? 25  TRP A O   1 
ATOM   208  C CB  . TRP A 1 25  ? 5.219   -5.443  3.380   1.00 20.72 ? 25  TRP A CB  1 
ATOM   209  C CG  . TRP A 1 25  ? 4.382   -6.418  2.607   1.00 20.72 ? 25  TRP A CG  1 
ATOM   210  C CD1 . TRP A 1 25  ? 4.407   -7.778  2.704   1.00 20.72 ? 25  TRP A CD1 1 
ATOM   211  C CD2 . TRP A 1 25  ? 3.403   -6.104  1.610   1.00 20.72 ? 25  TRP A CD2 1 
ATOM   212  N NE1 . TRP A 1 25  ? 3.507   -8.332  1.830   1.00 20.72 ? 25  TRP A NE1 1 
ATOM   213  C CE2 . TRP A 1 25  ? 2.874   -7.329  1.147   1.00 20.72 ? 25  TRP A CE2 1 
ATOM   214  C CE3 . TRP A 1 25  ? 2.922   -4.907  1.066   1.00 20.72 ? 25  TRP A CE3 1 
ATOM   215  C CZ2 . TRP A 1 25  ? 1.887   -7.393  0.160   1.00 20.72 ? 25  TRP A CZ2 1 
ATOM   216  C CZ3 . TRP A 1 25  ? 1.937   -4.970  0.083   1.00 20.72 ? 25  TRP A CZ3 1 
ATOM   217  C CH2 . TRP A 1 25  ? 1.430   -6.209  -0.357  1.00 20.72 ? 25  TRP A CH2 1 
ATOM   218  N N   . VAL A 1 26  ? 7.467   -3.523  4.243   1.00 10.28 ? 26  VAL A N   1 
ATOM   219  C CA  . VAL A 1 26  ? 7.947   -2.350  4.966   1.00 10.28 ? 26  VAL A CA  1 
ATOM   220  C C   . VAL A 1 26  ? 8.676   -1.397  4.025   1.00 10.28 ? 26  VAL A C   1 
ATOM   221  O O   . VAL A 1 26  ? 8.468   -0.190  4.080   1.00 10.28 ? 26  VAL A O   1 
ATOM   222  C CB  . VAL A 1 26  ? 8.904   -2.757  6.088   1.00 20.72 ? 26  VAL A CB  1 
ATOM   223  C CG1 . VAL A 1 26  ? 9.461   -1.525  6.772   1.00 20.72 ? 26  VAL A CG1 1 
ATOM   224  C CG2 . VAL A 1 26  ? 8.172   -3.636  7.079   1.00 20.72 ? 26  VAL A CG2 1 
ATOM   225  N N   . CYS A 1 27  ? 9.528   -1.948  3.163   1.00 5.38  ? 27  CYS A N   1 
ATOM   226  C CA  . CYS A 1 27  ? 10.302  -1.154  2.196   1.00 5.38  ? 27  CYS A CA  1 
ATOM   227  C C   . CYS A 1 27  ? 9.361   -0.438  1.238   1.00 5.38  ? 27  CYS A C   1 
ATOM   228  O O   . CYS A 1 27  ? 9.460   0.768   1.016   1.00 5.38  ? 27  CYS A O   1 
ATOM   229  C CB  . CYS A 1 27  ? 11.253  -2.053  1.385   1.00 20.72 ? 27  CYS A CB  1 
ATOM   230  S SG  . CYS A 1 27  ? 12.323  -1.112  0.249   1.00 20.72 ? 27  CYS A SG  1 
ATOM   231  N N   . LEU A 1 28  ? 8.453   -1.216  0.668   1.00 5.00  ? 28  LEU A N   1 
ATOM   232  C CA  . LEU A 1 28  ? 7.457   -0.712  -0.256  1.00 5.00  ? 28  LEU A CA  1 
ATOM   233  C C   . LEU A 1 28  ? 6.714   0.489   0.346   1.00 5.00  ? 28  LEU A C   1 
ATOM   234  O O   . LEU A 1 28  ? 6.699   1.577   -0.225  1.00 5.00  ? 28  LEU A O   1 
ATOM   235  C CB  . LEU A 1 28  ? 6.464   -1.829  -0.584  1.00 20.72 ? 28  LEU A CB  1 
ATOM   236  C CG  . LEU A 1 28  ? 5.336   -1.456  -1.534  1.00 20.72 ? 28  LEU A CG  1 
ATOM   237  C CD1 . LEU A 1 28  ? 5.950   -0.873  -2.783  1.00 20.72 ? 28  LEU A CD1 1 
ATOM   238  C CD2 . LEU A 1 28  ? 4.492   -2.674  -1.873  1.00 20.72 ? 28  LEU A CD2 1 
ATOM   239  N N   . VAL A 1 29  ? 6.108   0.286   1.509   1.00 9.92  ? 29  VAL A N   1 
ATOM   240  C CA  . VAL A 1 29  ? 5.361   1.351   2.151   1.00 9.92  ? 29  VAL A CA  1 
ATOM   241  C C   . VAL A 1 29  ? 6.203   2.591   2.372   1.00 9.92  ? 29  VAL A C   1 
ATOM   242  O O   . VAL A 1 29  ? 5.789   3.687   2.006   1.00 9.92  ? 29  VAL A O   1 
ATOM   243  C CB  . VAL A 1 29  ? 4.772   0.891   3.497   1.00 20.72 ? 29  VAL A CB  1 
ATOM   244  C CG1 . VAL A 1 29  ? 4.068   2.051   4.184   1.00 20.72 ? 29  VAL A CG1 1 
ATOM   245  C CG2 . VAL A 1 29  ? 3.798   -0.256  3.264   1.00 20.72 ? 29  VAL A CG2 1 
ATOM   246  N N   . GLU A 1 30  ? 7.384   2.427   2.957   1.00 16.78 ? 30  GLU A N   1 
ATOM   247  C CA  . GLU A 1 30  ? 8.245   3.573   3.211   1.00 16.78 ? 30  GLU A CA  1 
ATOM   248  C C   . GLU A 1 30  ? 8.634   4.336   1.946   1.00 16.78 ? 30  GLU A C   1 
ATOM   249  O O   . GLU A 1 30  ? 8.871   5.542   2.004   1.00 16.78 ? 30  GLU A O   1 
ATOM   250  C CB  . GLU A 1 30  ? 9.495   3.146   4.003   1.00 20.72 ? 30  GLU A CB  1 
ATOM   251  C CG  . GLU A 1 30  ? 9.146   2.615   5.400   1.00 20.72 ? 30  GLU A CG  1 
ATOM   252  C CD  . GLU A 1 30  ? 10.334  2.500   6.347   1.00 20.72 ? 30  GLU A CD  1 
ATOM   253  O OE1 . GLU A 1 30  ? 11.374  1.934   5.952   1.00 20.72 ? 30  GLU A OE1 1 
ATOM   254  O OE2 . GLU A 1 30  ? 10.222  2.961   7.501   1.00 20.72 ? 30  GLU A OE2 1 
ATOM   255  N N   . ASN A 1 31  ? 8.676   3.655   0.803   1.00 20.82 ? 31  ASN A N   1 
ATOM   256  C CA  . ASN A 1 31  ? 9.038   4.319   -0.446  1.00 20.82 ? 31  ASN A CA  1 
ATOM   257  C C   . ASN A 1 31  ? 7.847   4.724   -1.310  1.00 20.82 ? 31  ASN A C   1 
ATOM   258  O O   . ASN A 1 31  ? 8.000   5.438   -2.302  1.00 20.82 ? 31  ASN A O   1 
ATOM   259  C CB  . ASN A 1 31  ? 10.000  3.443   -1.254  1.00 20.72 ? 31  ASN A CB  1 
ATOM   260  C CG  . ASN A 1 31  ? 11.386  3.406   -0.642  1.00 20.72 ? 31  ASN A CG  1 
ATOM   261  O OD1 . ASN A 1 31  ? 11.660  2.623   0.261   1.00 20.72 ? 31  ASN A OD1 1 
ATOM   262  N ND2 . ASN A 1 31  ? 12.260  4.282   -1.117  1.00 20.72 ? 31  ASN A ND2 1 
ATOM   263  N N   . GLU A 1 32  ? 6.659   4.270   -0.935  1.00 17.46 ? 32  GLU A N   1 
ATOM   264  C CA  . GLU A 1 32  ? 5.458   4.622   -1.669  1.00 17.46 ? 32  GLU A CA  1 
ATOM   265  C C   . GLU A 1 32  ? 4.727   5.762   -0.972  1.00 17.46 ? 32  GLU A C   1 
ATOM   266  O O   . GLU A 1 32  ? 4.312   6.728   -1.619  1.00 17.46 ? 32  GLU A O   1 
ATOM   267  C CB  . GLU A 1 32  ? 4.513   3.427   -1.768  1.00 20.72 ? 32  GLU A CB  1 
ATOM   268  C CG  . GLU A 1 32  ? 4.946   2.347   -2.730  1.00 20.72 ? 32  GLU A CG  1 
ATOM   269  C CD  . GLU A 1 32  ? 5.006   2.827   -4.164  1.00 20.72 ? 32  GLU A CD  1 
ATOM   270  O OE1 . GLU A 1 32  ? 4.363   3.851   -4.478  1.00 20.72 ? 32  GLU A OE1 1 
ATOM   271  O OE2 . GLU A 1 32  ? 5.688   2.168   -4.980  1.00 20.72 ? 32  GLU A OE2 1 
ATOM   272  N N   . SER A 1 33  ? 4.587   5.654   0.350   1.00 9.19  ? 33  SER A N   1 
ATOM   273  C CA  . SER A 1 33  ? 3.854   6.658   1.123   1.00 9.19  ? 33  SER A CA  1 
ATOM   274  C C   . SER A 1 33  ? 4.563   7.255   2.339   1.00 9.19  ? 33  SER A C   1 
ATOM   275  O O   . SER A 1 33  ? 3.985   8.096   3.030   1.00 9.19  ? 33  SER A O   1 
ATOM   276  C CB  . SER A 1 33  ? 2.524   6.064   1.599   1.00 20.72 ? 33  SER A CB  1 
ATOM   277  O OG  . SER A 1 33  ? 2.743   5.015   2.531   1.00 20.72 ? 33  SER A OG  1 
ATOM   278  N N   . ALA A 1 34  ? 5.792   6.828   2.610   1.00 9.14  ? 34  ALA A N   1 
ATOM   279  C CA  . ALA A 1 34  ? 6.518   7.334   3.777   1.00 9.14  ? 34  ALA A CA  1 
ATOM   280  C C   . ALA A 1 34  ? 5.673   7.096   5.039   1.00 9.14  ? 34  ALA A C   1 
ATOM   281  O O   . ALA A 1 34  ? 5.700   7.886   5.986   1.00 9.14  ? 34  ALA A O   1 
ATOM   282  C CB  . ALA A 1 34  ? 6.833   8.833   3.610   1.00 25.18 ? 34  ALA A CB  1 
ATOM   283  N N   . ARG A 1 35  ? 4.908   6.002   5.006   1.00 6.24  ? 35  ARG A N   1 
ATOM   284  C CA  . ARG A 1 35  ? 4.046   5.562   6.099   1.00 6.24  ? 35  ARG A CA  1 
ATOM   285  C C   . ARG A 1 35  ? 2.792   6.382   6.394   1.00 6.24  ? 35  ARG A C   1 
ATOM   286  O O   . ARG A 1 35  ? 2.218   6.242   7.478   1.00 6.24  ? 35  ARG A O   1 
ATOM   287  C CB  . ARG A 1 35  ? 4.853   5.420   7.398   1.00 20.72 ? 35  ARG A CB  1 
ATOM   288  C CG  . ARG A 1 35  ? 6.042   4.470   7.315   1.00 20.72 ? 35  ARG A CG  1 
ATOM   289  C CD  . ARG A 1 35  ? 6.704   4.264   8.688   1.00 24.43 ? 35  ARG A CD  1 
ATOM   290  N NE  . ARG A 1 35  ? 8.115   4.645   8.694   1.00 24.43 ? 35  ARG A NE  1 
ATOM   291  C CZ  . ARG A 1 35  ? 8.587   5.769   9.223   1.00 24.43 ? 35  ARG A CZ  1 
ATOM   292  N NH1 . ARG A 1 35  ? 7.774   6.633   9.805   1.00 24.43 ? 35  ARG A NH1 1 
ATOM   293  N NH2 . ARG A 1 35  ? 9.877   6.035   9.161   1.00 24.43 ? 35  ARG A NH2 1 
ATOM   294  N N   . TYR A 1 36  ? 2.366   7.233   5.461   1.00 22.77 ? 36  TYR A N   1 
ATOM   295  C CA  . TYR A 1 36  ? 1.150   8.026   5.669   1.00 22.77 ? 36  TYR A CA  1 
ATOM   296  C C   . TYR A 1 36  ? -0.068  7.316   5.085   1.00 22.77 ? 36  TYR A C   1 
ATOM   297  O O   . TYR A 1 36  ? -0.059  6.936   3.916   1.00 22.77 ? 36  TYR A O   1 
ATOM   298  C CB  . TYR A 1 36  ? 1.259   9.402   5.013   1.00 20.72 ? 36  TYR A CB  1 
ATOM   299  C CG  . TYR A 1 36  ? 2.198   10.350  5.710   1.00 20.72 ? 36  TYR A CG  1 
ATOM   300  C CD1 . TYR A 1 36  ? 3.549   10.395  5.373   1.00 24.57 ? 36  TYR A CD1 1 
ATOM   301  C CD2 . TYR A 1 36  ? 1.738   11.207  6.701   1.00 24.57 ? 36  TYR A CD2 1 
ATOM   302  C CE1 . TYR A 1 36  ? 4.417   11.279  6.005   1.00 24.57 ? 36  TYR A CE1 1 
ATOM   303  C CE2 . TYR A 1 36  ? 2.597   12.093  7.340   1.00 24.57 ? 36  TYR A CE2 1 
ATOM   304  C CZ  . TYR A 1 36  ? 3.935   12.129  6.987   1.00 24.57 ? 36  TYR A CZ  1 
ATOM   305  O OH  . TYR A 1 36  ? 4.784   13.034  7.600   1.00 22.69 ? 36  TYR A OH  1 
ATOM   306  N N   . THR A 1 37  ? -1.113  7.143   5.894   1.00 12.57 ? 37  THR A N   1 
ATOM   307  C CA  . THR A 1 37  ? -2.339  6.487   5.435   1.00 12.57 ? 37  THR A CA  1 
ATOM   308  C C   . THR A 1 37  ? -3.208  7.380   4.545   1.00 12.57 ? 37  THR A C   1 
ATOM   309  O O   . THR A 1 37  ? -3.977  6.877   3.730   1.00 12.57 ? 37  THR A O   1 
ATOM   310  C CB  . THR A 1 37  ? -3.230  6.014   6.613   1.00 20.72 ? 37  THR A CB  1 
ATOM   311  O OG1 . THR A 1 37  ? -3.504  7.112   7.485   1.00 20.72 ? 37  THR A OG1 1 
ATOM   312  C CG2 . THR A 1 37  ? -2.555  4.913   7.392   1.00 20.72 ? 37  THR A CG2 1 
ATOM   313  N N   . ASP A 1 38  ? -3.090  8.697   4.687   1.00 11.83 ? 38  ASP A N   1 
ATOM   314  C CA  . ASP A 1 38  ? -3.920  9.591   3.889   1.00 11.83 ? 38  ASP A CA  1 
ATOM   315  C C   . ASP A 1 38  ? -3.269  10.224  2.671   1.00 11.83 ? 38  ASP A C   1 
ATOM   316  O O   . ASP A 1 38  ? -3.891  11.034  1.985   1.00 11.83 ? 38  ASP A O   1 
ATOM   317  C CB  . ASP A 1 38  ? -4.525  10.693  4.768   1.00 24.29 ? 38  ASP A CB  1 
ATOM   318  C CG  . ASP A 1 38  ? -3.481  11.564  5.422   1.00 24.29 ? 38  ASP A CG  1 
ATOM   319  O OD1 . ASP A 1 38  ? -3.877  12.560  6.051   1.00 24.29 ? 38  ASP A OD1 1 
ATOM   320  O OD2 . ASP A 1 38  ? -2.278  11.261  5.319   1.00 24.29 ? 38  ASP A OD2 1 
ATOM   321  N N   . LYS A 1 39  ? -2.032  9.841   2.392   1.00 12.85 ? 39  LYS A N   1 
ATOM   322  C CA  . LYS A 1 39  ? -1.309  10.379  1.251   1.00 12.85 ? 39  LYS A CA  1 
ATOM   323  C C   . LYS A 1 39  ? -2.007  10.104  -0.081  1.00 12.85 ? 39  LYS A C   1 
ATOM   324  O O   . LYS A 1 39  ? -2.555  9.020   -0.319  1.00 12.85 ? 39  LYS A O   1 
ATOM   325  C CB  . LYS A 1 39  ? 0.113   9.804   1.229   1.00 20.72 ? 39  LYS A CB  1 
ATOM   326  C CG  . LYS A 1 39  ? 0.796   9.810   -0.133  1.00 20.72 ? 39  LYS A CG  1 
ATOM   327  C CD  . LYS A 1 39  ? 1.108   11.208  -0.657  1.00 20.72 ? 39  LYS A CD  1 
ATOM   328  C CE  . LYS A 1 39  ? 2.356   11.801  0.004   1.00 20.72 ? 39  LYS A CE  1 
ATOM   329  N NZ  . LYS A 1 39  ? 2.824   13.064  -0.656  1.00 20.72 ? 39  LYS A NZ  1 
ATOM   330  N N   . ILE A 1 40  ? -2.001  11.105  -0.947  1.00 14.34 ? 40  ILE A N   1 
ATOM   331  C CA  . ILE A 1 40  ? -2.587  10.948  -2.261  1.00 14.34 ? 40  ILE A CA  1 
ATOM   332  C C   . ILE A 1 40  ? -1.624  11.508  -3.296  1.00 14.34 ? 40  ILE A C   1 
ATOM   333  O O   . ILE A 1 40  ? -1.399  12.712  -3.374  1.00 14.34 ? 40  ILE A O   1 
ATOM   334  C CB  . ILE A 1 40  ? -3.959  11.635  -2.364  1.00 20.72 ? 40  ILE A CB  1 
ATOM   335  C CG1 . ILE A 1 40  ? -4.319  11.822  -3.838  1.00 24.82 ? 40  ILE A CG1 1 
ATOM   336  C CG2 . ILE A 1 40  ? -3.955  12.931  -1.590  1.00 24.82 ? 40  ILE A CG2 1 
ATOM   337  C CD1 . ILE A 1 40  ? -5.635  12.506  -4.075  1.00 24.82 ? 40  ILE A CD1 1 
ATOM   338  N N   . ALA A 1 41  ? -1.038  10.600  -4.067  1.00 13.63 ? 41  ALA A N   1 
ATOM   339  C CA  . ALA A 1 41  ? -0.075  10.923  -5.112  1.00 13.63 ? 41  ALA A CA  1 
ATOM   340  C C   . ALA A 1 41  ? -0.589  11.937  -6.124  1.00 13.63 ? 41  ALA A C   1 
ATOM   341  O O   . ALA A 1 41  ? -1.796  12.088  -6.302  1.00 13.63 ? 41  ALA A O   1 
ATOM   342  C CB  . ALA A 1 41  ? 0.324   9.640   -5.847  1.00 20.21 ? 41  ALA A CB  1 
ATOM   343  N N   . ASN A 1 42  ? 0.334   12.629  -6.791  1.00 31.47 ? 42  ASN A N   1 
ATOM   344  C CA  . ASN A 1 42  ? -0.046  13.595  -7.815  1.00 31.47 ? 42  ASN A CA  1 
ATOM   345  C C   . ASN A 1 42  ? -0.337  12.800  -9.087  1.00 31.47 ? 42  ASN A C   1 
ATOM   346  O O   . ASN A 1 42  ? 0.225   11.716  -9.281  1.00 31.47 ? 42  ASN A O   1 
ATOM   347  C CB  . ASN A 1 42  ? 1.084   14.606  -8.065  1.00 20.00 ? 42  ASN A CB  1 
ATOM   348  C CG  . ASN A 1 42  ? 0.952   15.872  -7.203  1.00 20.00 ? 42  ASN A CG  1 
ATOM   349  O OD1 . ASN A 1 42  ? -0.110  16.513  -7.163  1.00 20.00 ? 42  ASN A OD1 1 
ATOM   350  N ND2 . ASN A 1 42  ? 2.038   16.242  -6.527  1.00 20.00 ? 42  ASN A ND2 1 
ATOM   351  N N   . VAL A 1 43  ? -1.214  13.335  -9.938  1.00 21.34 ? 43  VAL A N   1 
ATOM   352  C CA  . VAL A 1 43  ? -1.596  12.676  -11.191 1.00 21.34 ? 43  VAL A CA  1 
ATOM   353  C C   . VAL A 1 43  ? -0.413  12.155  -12.008 1.00 21.34 ? 43  VAL A C   1 
ATOM   354  O O   . VAL A 1 43  ? 0.584   12.848  -12.174 1.00 21.34 ? 43  VAL A O   1 
ATOM   355  C CB  . VAL A 1 43  ? -2.402  13.623  -12.107 1.00 20.72 ? 43  VAL A CB  1 
ATOM   356  C CG1 . VAL A 1 43  ? -2.743  12.913  -13.412 1.00 20.72 ? 43  VAL A CG1 1 
ATOM   357  C CG2 . VAL A 1 43  ? -3.679  14.075  -11.411 1.00 20.72 ? 43  VAL A CG2 1 
ATOM   358  N N   . ASN A 1 44  ? -0.541  10.933  -12.516 1.00 11.14 ? 44  ASN A N   1 
ATOM   359  C CA  . ASN A 1 44  ? 0.492   10.307  -13.342 1.00 11.14 ? 44  ASN A CA  1 
ATOM   360  C C   . ASN A 1 44  ? 0.211   10.703  -14.793 1.00 11.14 ? 44  ASN A C   1 
ATOM   361  O O   . ASN A 1 44  ? -0.770  11.413  -15.061 1.00 11.14 ? 44  ASN A O   1 
ATOM   362  C CB  . ASN A 1 44  ? 0.414   8.779   -13.229 1.00 20.72 ? 44  ASN A CB  1 
ATOM   363  C CG  . ASN A 1 44  ? 0.286   8.293   -11.798 1.00 20.72 ? 44  ASN A CG  1 
ATOM   364  O OD1 . ASN A 1 44  ? 1.181   8.487   -10.980 1.00 20.72 ? 44  ASN A OD1 1 
ATOM   365  N ND2 . ASN A 1 44  ? -0.832  7.651   -11.492 1.00 20.72 ? 44  ASN A ND2 1 
ATOM   366  N N   . LYS A 1 45  ? 1.051   10.251  -15.728 1.00 23.90 ? 45  LYS A N   1 
ATOM   367  C CA  . LYS A 1 45  ? 0.829   10.567  -17.137 1.00 23.90 ? 45  LYS A CA  1 
ATOM   368  C C   . LYS A 1 45  ? -0.654  10.313  -17.451 1.00 23.90 ? 45  LYS A C   1 
ATOM   369  O O   . LYS A 1 45  ? -1.353  11.231  -17.876 1.00 23.90 ? 45  LYS A O   1 
ATOM   370  C CB  . LYS A 1 45  ? 1.736   9.724   -18.042 1.00 20.72 ? 45  LYS A CB  1 
ATOM   371  C CG  . LYS A 1 45  ? 3.168   10.242  -18.142 1.00 20.72 ? 45  LYS A CG  1 
ATOM   372  C CD  . LYS A 1 45  ? 3.958   9.515   -19.234 1.00 20.72 ? 45  LYS A CD  1 
ATOM   373  C CE  . LYS A 1 45  ? 5.330   10.162  -19.453 1.00 20.72 ? 45  LYS A CE  1 
ATOM   374  N NZ  . LYS A 1 45  ? 6.092   9.535   -20.589 1.00 20.72 ? 45  LYS A NZ  1 
ATOM   375  N N   . ASN A 1 46  ? -1.136  9.089   -17.231 1.00 49.24 ? 46  ASN A N   1 
ATOM   376  C CA  . ASN A 1 46  ? -2.555  8.776   -17.440 1.00 49.24 ? 46  ASN A CA  1 
ATOM   377  C C   . ASN A 1 46  ? -3.284  9.368   -16.218 1.00 49.24 ? 46  ASN A C   1 
ATOM   378  O O   . ASN A 1 46  ? -2.833  9.179   -15.093 1.00 49.24 ? 46  ASN A O   1 
ATOM   379  C CB  . ASN A 1 46  ? -2.750  7.251   -17.543 1.00 20.72 ? 46  ASN A CB  1 
ATOM   380  C CG  . ASN A 1 46  ? -2.073  6.473   -16.395 1.00 20.72 ? 46  ASN A CG  1 
ATOM   381  O OD1 . ASN A 1 46  ? -1.889  5.259   -16.479 1.00 20.72 ? 46  ASN A OD1 1 
ATOM   382  N ND2 . ASN A 1 46  ? -1.715  7.172   -15.327 1.00 20.72 ? 46  ASN A ND2 1 
ATOM   383  N N   . GLY A 1 47  ? -4.373  10.102  -16.439 1.00 24.21 ? 47  GLY A N   1 
ATOM   384  C CA  . GLY A 1 47  ? -5.116  10.753  -15.361 1.00 24.21 ? 47  GLY A CA  1 
ATOM   385  C C   . GLY A 1 47  ? -5.345  10.033  -14.041 1.00 24.21 ? 47  GLY A C   1 
ATOM   386  O O   . GLY A 1 47  ? -6.123  10.487  -13.204 1.00 24.21 ? 47  GLY A O   1 
ATOM   387  N N   . SER A 1 48  ? -4.667  8.910   -13.858 1.00 15.42 ? 48  SER A N   1 
ATOM   388  C CA  . SER A 1 48  ? -4.783  8.109   -12.645 1.00 15.42 ? 48  SER A CA  1 
ATOM   389  C C   . SER A 1 48  ? -4.018  8.722   -11.459 1.00 15.42 ? 48  SER A C   1 
ATOM   390  O O   . SER A 1 48  ? -3.063  9.482   -11.648 1.00 15.42 ? 48  SER A O   1 
ATOM   391  C CB  . SER A 1 48  ? -4.211  6.717   -12.919 1.00 20.72 ? 48  SER A CB  1 
ATOM   392  O OG  . SER A 1 48  ? -2.792  6.743   -12.894 1.00 20.72 ? 48  SER A OG  1 
ATOM   393  N N   . ARG A 1 49  ? -4.407  8.337   -10.246 1.00 16.82 ? 49  ARG A N   1 
ATOM   394  C CA  . ARG A 1 49  ? -3.783  8.812   -9.014  1.00 16.82 ? 49  ARG A CA  1 
ATOM   395  C C   . ARG A 1 49  ? -3.507  7.601   -8.140  1.00 16.82 ? 49  ARG A C   1 
ATOM   396  O O   . ARG A 1 49  ? -4.049  6.521   -8.384  1.00 16.82 ? 49  ARG A O   1 
ATOM   397  C CB  . ARG A 1 49  ? -4.754  9.720   -8.273  1.00 20.72 ? 49  ARG A CB  1 
ATOM   398  C CG  . ARG A 1 49  ? -5.164  10.939  -9.049  1.00 20.72 ? 49  ARG A CG  1 
ATOM   399  C CD  . ARG A 1 49  ? -4.502  12.154  -8.454  1.00 20.72 ? 49  ARG A CD  1 
ATOM   400  N NE  . ARG A 1 49  ? -5.468  13.067  -7.859  1.00 20.72 ? 49  ARG A NE  1 
ATOM   401  C CZ  . ARG A 1 49  ? -5.135  14.144  -7.150  1.00 20.72 ? 49  ARG A CZ  1 
ATOM   402  N NH1 . ARG A 1 49  ? -3.852  14.442  -6.943  1.00 20.72 ? 49  ARG A NH1 1 
ATOM   403  N NH2 . ARG A 1 49  ? -6.085  14.930  -6.653  1.00 20.72 ? 49  ARG A NH2 1 
ATOM   404  N N   . ASP A 1 50  ? -2.681  7.788   -7.116  1.00 13.81 ? 50  ASP A N   1 
ATOM   405  C CA  . ASP A 1 50  ? -2.388  6.709   -6.176  1.00 13.81 ? 50  ASP A CA  1 
ATOM   406  C C   . ASP A 1 50  ? -2.908  7.099   -4.800  1.00 13.81 ? 50  ASP A C   1 
ATOM   407  O O   . ASP A 1 50  ? -2.768  8.244   -4.373  1.00 13.81 ? 50  ASP A O   1 
ATOM   408  C CB  . ASP A 1 50  ? -0.898  6.428   -6.141  1.00 20.72 ? 50  ASP A CB  1 
ATOM   409  C CG  . ASP A 1 50  ? -0.407  5.852   -7.439  1.00 20.72 ? 50  ASP A CG  1 
ATOM   410  O OD1 . ASP A 1 50  ? -1.080  4.937   -7.952  1.00 20.72 ? 50  ASP A OD1 1 
ATOM   411  O OD2 . ASP A 1 50  ? 0.640   6.306   -7.942  1.00 20.72 ? 50  ASP A OD2 1 
ATOM   412  N N   . TYR A 1 51  ? -3.514  6.143   -4.105  1.00 14.12 ? 51  TYR A N   1 
ATOM   413  C CA  . TYR A 1 51  ? -4.103  6.439   -2.807  1.00 14.12 ? 51  TYR A CA  1 
ATOM   414  C C   . TYR A 1 51  ? -3.560  5.709   -1.586  1.00 14.12 ? 51  TYR A C   1 
ATOM   415  O O   . TYR A 1 51  ? -3.211  4.527   -1.636  1.00 14.12 ? 51  TYR A O   1 
ATOM   416  C CB  . TYR A 1 51  ? -5.617  6.213   -2.871  1.00 20.72 ? 51  TYR A CB  1 
ATOM   417  C CG  . TYR A 1 51  ? -6.351  7.128   -3.822  1.00 20.72 ? 51  TYR A CG  1 
ATOM   418  C CD1 . TYR A 1 51  ? -6.857  8.350   -3.394  1.00 20.72 ? 51  TYR A CD1 1 
ATOM   419  C CD2 . TYR A 1 51  ? -6.529  6.774   -5.157  1.00 20.72 ? 51  TYR A CD2 1 
ATOM   420  C CE1 . TYR A 1 51  ? -7.524  9.201   -4.274  1.00 20.72 ? 51  TYR A CE1 1 
ATOM   421  C CE2 . TYR A 1 51  ? -7.190  7.618   -6.042  1.00 20.72 ? 51  TYR A CE2 1 
ATOM   422  C CZ  . TYR A 1 51  ? -7.683  8.828   -5.592  1.00 20.72 ? 51  TYR A CZ  1 
ATOM   423  O OH  . TYR A 1 51  ? -8.321  9.666   -6.466  1.00 20.72 ? 51  TYR A OH  1 
ATOM   424  N N   . GLY A 1 52  ? -3.502  6.458   -0.490  1.00 5.00  ? 52  GLY A N   1 
ATOM   425  C CA  . GLY A 1 52  ? -3.074  5.946   0.795   1.00 5.00  ? 52  GLY A CA  1 
ATOM   426  C C   . GLY A 1 52  ? -1.747  5.254   0.980   1.00 5.00  ? 52  GLY A C   1 
ATOM   427  O O   . GLY A 1 52  ? -0.843  5.332   0.159   1.00 5.00  ? 52  GLY A O   1 
ATOM   428  N N   . LEU A 1 53  ? -1.673  4.560   2.110   1.00 8.13  ? 53  LEU A N   1 
ATOM   429  C CA  . LEU A 1 53  ? -0.510  3.811   2.574   1.00 8.13  ? 53  LEU A CA  1 
ATOM   430  C C   . LEU A 1 53  ? 0.143   2.921   1.524   1.00 8.13  ? 53  LEU A C   1 
ATOM   431  O O   . LEU A 1 53  ? 1.368   2.827   1.471   1.00 8.13  ? 53  LEU A O   1 
ATOM   432  C CB  . LEU A 1 53  ? -0.931  2.977   3.790   1.00 20.72 ? 53  LEU A CB  1 
ATOM   433  C CG  . LEU A 1 53  ? 0.020   2.683   4.961   1.00 20.72 ? 53  LEU A CG  1 
ATOM   434  C CD1 . LEU A 1 53  ? 0.869   1.480   4.655   1.00 20.72 ? 53  LEU A CD1 1 
ATOM   435  C CD2 . LEU A 1 53  ? 0.865   3.909   5.276   1.00 20.72 ? 53  LEU A CD2 1 
ATOM   436  N N   . PHE A 1 54  ? -0.671  2.272   0.692   1.00 14.13 ? 54  PHE A N   1 
ATOM   437  C CA  . PHE A 1 54  ? -0.151  1.386   -0.343  1.00 14.13 ? 54  PHE A CA  1 
ATOM   438  C C   . PHE A 1 54  ? -0.090  2.029   -1.712  1.00 14.13 ? 54  PHE A C   1 
ATOM   439  O O   . PHE A 1 54  ? 0.301   1.372   -2.676  1.00 14.13 ? 54  PHE A O   1 
ATOM   440  C CB  . PHE A 1 54  ? -0.995  0.118   -0.428  1.00 20.72 ? 54  PHE A CB  1 
ATOM   441  C CG  . PHE A 1 54  ? -0.971  -0.698  0.821   1.00 20.72 ? 54  PHE A CG  1 
ATOM   442  C CD1 . PHE A 1 54  ? 0.196   -1.333  1.222   1.00 20.72 ? 54  PHE A CD1 1 
ATOM   443  C CD2 . PHE A 1 54  ? -2.106  -0.809  1.619   1.00 20.72 ? 54  PHE A CD2 1 
ATOM   444  C CE1 . PHE A 1 54  ? 0.237   -2.071  2.400   1.00 20.72 ? 54  PHE A CE1 1 
ATOM   445  C CE2 . PHE A 1 54  ? -2.076  -1.542  2.794   1.00 20.72 ? 54  PHE A CE2 1 
ATOM   446  C CZ  . PHE A 1 54  ? -0.897  -2.175  3.188   1.00 20.72 ? 54  PHE A CZ  1 
ATOM   447  N N   . GLN A 1 55  ? -0.468  3.305   -1.796  1.00 5.53  ? 55  GLN A N   1 
ATOM   448  C CA  . GLN A 1 55  ? -0.458  4.024   -3.068  1.00 5.53  ? 55  GLN A CA  1 
ATOM   449  C C   . GLN A 1 55  ? -1.051  3.132   -4.156  1.00 5.53  ? 55  GLN A C   1 
ATOM   450  O O   . GLN A 1 55  ? -0.359  2.727   -5.084  1.00 5.53  ? 55  GLN A O   1 
ATOM   451  C CB  . GLN A 1 55  ? 0.973   4.418   -3.433  1.00 20.72 ? 55  GLN A CB  1 
ATOM   452  C CG  . GLN A 1 55  ? 1.520   5.551   -2.585  1.00 20.72 ? 55  GLN A CG  1 
ATOM   453  C CD  . GLN A 1 55  ? 0.823   6.871   -2.871  1.00 20.72 ? 55  GLN A CD  1 
ATOM   454  O OE1 . GLN A 1 55  ? 1.072   7.504   -3.894  1.00 20.72 ? 55  GLN A OE1 1 
ATOM   455  N NE2 . GLN A 1 55  ? -0.066  7.281   -1.972  1.00 20.72 ? 55  GLN A NE2 1 
ATOM   456  N N   . ILE A 1 56  ? -2.335  2.813   -4.018  1.00 10.21 ? 56  ILE A N   1 
ATOM   457  C CA  . ILE A 1 56  ? -3.038  1.954   -4.963  1.00 10.21 ? 56  ILE A CA  1 
ATOM   458  C C   . ILE A 1 56  ? -3.658  2.777   -6.107  1.00 10.21 ? 56  ILE A C   1 
ATOM   459  O O   . ILE A 1 56  ? -4.441  3.699   -5.864  1.00 10.21 ? 56  ILE A O   1 
ATOM   460  C CB  . ILE A 1 56  ? -4.111  1.136   -4.193  1.00 20.72 ? 56  ILE A CB  1 
ATOM   461  C CG1 . ILE A 1 56  ? -3.405  0.202   -3.204  1.00 20.72 ? 56  ILE A CG1 1 
ATOM   462  C CG2 . ILE A 1 56  ? -5.000  0.371   -5.153  1.00 20.72 ? 56  ILE A CG2 1 
ATOM   463  C CD1 . ILE A 1 56  ? -4.317  -0.614  -2.331  1.00 20.72 ? 56  ILE A CD1 1 
ATOM   464  N N   . ASN A 1 57  ? -3.292  2.447   -7.349  1.00 24.73 ? 57  ASN A N   1 
ATOM   465  C CA  . ASN A 1 57  ? -3.780  3.165   -8.537  1.00 24.73 ? 57  ASN A CA  1 
ATOM   466  C C   . ASN A 1 57  ? -5.284  3.036   -8.736  1.00 24.73 ? 57  ASN A C   1 
ATOM   467  O O   . ASN A 1 57  ? -5.856  1.955   -8.564  1.00 24.73 ? 57  ASN A O   1 
ATOM   468  C CB  . ASN A 1 57  ? -3.070  2.665   -9.800  1.00 20.72 ? 57  ASN A CB  1 
ATOM   469  C CG  . ASN A 1 57  ? -3.075  3.698   -10.928 1.00 20.72 ? 57  ASN A CG  1 
ATOM   470  O OD1 . ASN A 1 57  ? -3.289  3.360   -12.088 1.00 20.72 ? 57  ASN A OD1 1 
ATOM   471  N ND2 . ASN A 1 57  ? -2.816  4.958   -10.588 1.00 20.72 ? 57  ASN A ND2 1 
ATOM   472  N N   . ASP A 1 58  ? -5.913  4.143   -9.123  1.00 21.15 ? 58  ASP A N   1 
ATOM   473  C CA  . ASP A 1 58  ? -7.353  4.190   -9.338  1.00 21.15 ? 58  ASP A CA  1 
ATOM   474  C C   . ASP A 1 58  ? -7.773  3.730   -10.731 1.00 21.15 ? 58  ASP A C   1 
ATOM   475  O O   . ASP A 1 58  ? -8.950  3.811   -11.092 1.00 21.15 ? 58  ASP A O   1 
ATOM   476  C CB  . ASP A 1 58  ? -7.866  5.613   -9.079  1.00 20.72 ? 58  ASP A CB  1 
ATOM   477  C CG  . ASP A 1 58  ? -7.197  6.664   -9.972  1.00 20.72 ? 58  ASP A CG  1 
ATOM   478  O OD1 . ASP A 1 58  ? -7.277  7.871   -9.643  1.00 20.72 ? 58  ASP A OD1 1 
ATOM   479  O OD2 . ASP A 1 58  ? -6.604  6.289   -11.004 1.00 20.72 ? 58  ASP A OD2 1 
ATOM   480  N N   . LYS A 1 59  ? -6.822  3.238   -11.514 1.00 15.14 ? 59  LYS A N   1 
ATOM   481  C CA  . LYS A 1 59  ? -7.141  2.792   -12.853 1.00 15.14 ? 59  LYS A CA  1 
ATOM   482  C C   . LYS A 1 59  ? -7.909  1.465   -12.838 1.00 15.14 ? 59  LYS A C   1 
ATOM   483  O O   . LYS A 1 59  ? -8.911  1.308   -13.541 1.00 15.14 ? 59  LYS A O   1 
ATOM   484  C CB  . LYS A 1 59  ? -5.855  2.652   -13.685 1.00 20.72 ? 59  LYS A CB  1 
ATOM   485  C CG  . LYS A 1 59  ? -6.059  2.832   -15.182 1.00 20.72 ? 59  LYS A CG  1 
ATOM   486  C CD  . LYS A 1 59  ? -5.211  1.852   -16.009 1.00 20.72 ? 59  LYS A CD  1 
ATOM   487  C CE  . LYS A 1 59  ? -3.718  2.189   -16.008 1.00 20.72 ? 59  LYS A CE  1 
ATOM   488  N NZ  . LYS A 1 59  ? -2.884  1.128   -16.665 1.00 20.72 ? 59  LYS A NZ  1 
ATOM   489  N N   . TYR A 1 60  ? -7.461  0.508   -12.025 1.00 20.28 ? 60  TYR A N   1 
ATOM   490  C CA  . TYR A 1 60  ? -8.121  -0.800  -11.989 1.00 20.28 ? 60  TYR A CA  1 
ATOM   491  C C   . TYR A 1 60  ? -8.551  -1.270  -10.623 1.00 20.28 ? 60  TYR A C   1 
ATOM   492  O O   . TYR A 1 60  ? -9.179  -2.320  -10.496 1.00 20.28 ? 60  TYR A O   1 
ATOM   493  C CB  . TYR A 1 60  ? -7.176  -1.897  -12.494 1.00 20.72 ? 60  TYR A CB  1 
ATOM   494  C CG  . TYR A 1 60  ? -6.519  -1.688  -13.842 1.00 20.00 ? 60  TYR A CG  1 
ATOM   495  C CD1 . TYR A 1 60  ? -7.277  -1.413  -14.984 1.00 20.00 ? 60  TYR A CD1 1 
ATOM   496  C CD2 . TYR A 1 60  ? -5.127  -1.811  -13.980 1.00 20.00 ? 60  TYR A CD2 1 
ATOM   497  C CE1 . TYR A 1 60  ? -6.669  -1.265  -16.227 1.00 20.00 ? 60  TYR A CE1 1 
ATOM   498  C CE2 . TYR A 1 60  ? -4.504  -1.666  -15.215 1.00 20.00 ? 60  TYR A CE2 1 
ATOM   499  C CZ  . TYR A 1 60  ? -5.279  -1.393  -16.337 1.00 20.00 ? 60  TYR A CZ  1 
ATOM   500  O OH  . TYR A 1 60  ? -4.680  -1.243  -17.574 1.00 20.00 ? 60  TYR A OH  1 
ATOM   501  N N   . TRP A 1 61  ? -8.244  -0.494  -9.603  1.00 11.02 ? 61  TRP A N   1 
ATOM   502  C CA  . TRP A 1 61  ? -8.470  -0.959  -8.257  1.00 11.02 ? 61  TRP A CA  1 
ATOM   503  C C   . TRP A 1 61  ? -9.556  -0.327  -7.416  1.00 11.02 ? 61  TRP A C   1 
ATOM   504  O O   . TRP A 1 61  ? -10.311 -1.024  -6.735  1.00 11.02 ? 61  TRP A O   1 
ATOM   505  C CB  . TRP A 1 61  ? -7.129  -0.870  -7.562  1.00 20.72 ? 61  TRP A CB  1 
ATOM   506  C CG  . TRP A 1 61  ? -6.028  -1.558  -8.338  1.00 20.72 ? 61  TRP A CG  1 
ATOM   507  C CD1 . TRP A 1 61  ? -4.885  -0.980  -8.813  1.00 20.72 ? 61  TRP A CD1 1 
ATOM   508  C CD2 . TRP A 1 61  ? -5.884  -2.969  -8.572  1.00 20.72 ? 61  TRP A CD2 1 
ATOM   509  N NE1 . TRP A 1 61  ? -4.052  -1.936  -9.335  1.00 20.72 ? 61  TRP A NE1 1 
ATOM   510  C CE2 . TRP A 1 61  ? -4.636  -3.168  -9.192  1.00 20.72 ? 61  TRP A CE2 1 
ATOM   511  C CE3 . TRP A 1 61  ? -6.700  -4.086  -8.320  1.00 20.72 ? 61  TRP A CE3 1 
ATOM   512  C CZ2 . TRP A 1 61  ? -4.168  -4.438  -9.545  1.00 20.72 ? 61  TRP A CZ2 1 
ATOM   513  C CZ3 . TRP A 1 61  ? -6.227  -5.356  -8.671  1.00 20.72 ? 61  TRP A CZ3 1 
ATOM   514  C CH2 . TRP A 1 61  ? -4.971  -5.518  -9.266  1.00 20.72 ? 61  TRP A CH2 1 
ATOM   515  N N   . CYS A 1 62  ? -9.635  0.992   -7.419  1.00 5.00  ? 62  CYS A N   1 
ATOM   516  C CA  . CYS A 1 62  ? -10.678 1.638   -6.642  1.00 5.00  ? 62  CYS A CA  1 
ATOM   517  C C   . CYS A 1 62  ? -11.475 2.611   -7.491  1.00 5.00  ? 62  CYS A C   1 
ATOM   518  O O   . CYS A 1 62  ? -11.011 3.108   -8.515  1.00 5.00  ? 62  CYS A O   1 
ATOM   519  C CB  . CYS A 1 62  ? -10.076 2.349   -5.430  1.00 20.72 ? 62  CYS A CB  1 
ATOM   520  S SG  . CYS A 1 62  ? -8.830  3.604   -5.844  1.00 20.72 ? 62  CYS A SG  1 
ATOM   521  N N   . SER A 1 63  ? -12.719 2.861   -7.071  1.00 14.59 ? 63  SER A N   1 
ATOM   522  C CA  . SER A 1 63  ? -13.608 3.778   -7.771  1.00 14.59 ? 63  SER A CA  1 
ATOM   523  C C   . SER A 1 63  ? -13.391 5.228   -7.356  1.00 14.59 ? 63  SER A C   1 
ATOM   524  O O   . SER A 1 63  ? -13.201 5.524   -6.172  1.00 14.59 ? 63  SER A O   1 
ATOM   525  C CB  . SER A 1 63  ? -15.075 3.428   -7.503  1.00 20.72 ? 63  SER A CB  1 
ATOM   526  O OG  . SER A 1 63  ? -15.948 4.465   -7.931  1.00 20.72 ? 63  SER A OG  1 
ATOM   527  N N   . LYS A 1 64  ? -13.435 6.129   -8.328  1.00 32.44 ? 64  LYS A N   1 
ATOM   528  C CA  . LYS A 1 64  ? -13.257 7.540   -8.036  1.00 32.44 ? 64  LYS A CA  1 
ATOM   529  C C   . LYS A 1 64  ? -14.627 8.126   -7.707  1.00 32.44 ? 64  LYS A C   1 
ATOM   530  O O   . LYS A 1 64  ? -14.730 9.150   -7.035  1.00 32.44 ? 64  LYS A O   1 
ATOM   531  C CB  . LYS A 1 64  ? -12.669 8.269   -9.250  1.00 20.72 ? 64  LYS A CB  1 
ATOM   532  C CG  . LYS A 1 64  ? -11.462 7.582   -9.886  1.00 20.72 ? 64  LYS A CG  1 
ATOM   533  C CD  . LYS A 1 64  ? -10.926 8.396   -11.074 1.00 20.72 ? 64  LYS A CD  1 
ATOM   534  C CE  . LYS A 1 64  ? -9.802  7.670   -11.839 1.00 20.72 ? 64  LYS A CE  1 
ATOM   535  N NZ  . LYS A 1 64  ? -10.266 6.493   -12.647 1.00 20.72 ? 64  LYS A NZ  1 
ATOM   536  N N   . GLY A 1 65  ? -15.682 7.454   -8.159  1.00 32.85 ? 65  GLY A N   1 
ATOM   537  C CA  . GLY A 1 65  ? -17.016 7.971   -7.938  1.00 32.85 ? 65  GLY A CA  1 
ATOM   538  C C   . GLY A 1 65  ? -17.954 7.312   -6.947  1.00 32.85 ? 65  GLY A C   1 
ATOM   539  O O   . GLY A 1 65  ? -18.690 6.397   -7.310  1.00 32.85 ? 65  GLY A O   1 
ATOM   540  N N   . SER A 1 66  ? -17.923 7.798   -5.707  1.00 18.10 ? 66  SER A N   1 
ATOM   541  C CA  . SER A 1 66  ? -18.792 7.362   -4.597  1.00 18.10 ? 66  SER A CA  1 
ATOM   542  C C   . SER A 1 66  ? -19.208 5.895   -4.436  1.00 18.10 ? 66  SER A C   1 
ATOM   543  O O   . SER A 1 66  ? -19.361 5.410   -3.304  1.00 18.10 ? 66  SER A O   1 
ATOM   544  C CB  . SER A 1 66  ? -20.068 8.203   -4.607  1.00 20.72 ? 66  SER A CB  1 
ATOM   545  O OG  . SER A 1 66  ? -19.805 9.521   -5.067  1.00 20.72 ? 66  SER A OG  1 
ATOM   546  N N   . THR A 1 67  ? -19.432 5.203   -5.551  1.00 14.39 ? 67  THR A N   1 
ATOM   547  C CA  . THR A 1 67  ? -19.843 3.801   -5.518  1.00 14.39 ? 67  THR A CA  1 
ATOM   548  C C   . THR A 1 67  ? -18.636 2.873   -5.592  1.00 14.39 ? 67  THR A C   1 
ATOM   549  O O   . THR A 1 67  ? -17.775 3.033   -6.455  1.00 14.39 ? 67  THR A O   1 
ATOM   550  C CB  . THR A 1 67  ? -20.791 3.468   -6.699  1.00 20.72 ? 67  THR A CB  1 
ATOM   551  O OG1 . THR A 1 67  ? -21.972 4.269   -6.600  1.00 20.72 ? 67  THR A OG1 1 
ATOM   552  C CG2 . THR A 1 67  ? -21.183 1.993   -6.684  1.00 20.72 ? 67  THR A CG2 1 
ATOM   553  N N   . PRO A 1 68  ? -18.574 1.881   -4.688  1.00 16.44 ? 68  PRO A N   1 
ATOM   554  C CA  . PRO A 1 68  ? -17.516 0.871   -4.569  1.00 16.44 ? 68  PRO A CA  1 
ATOM   555  C C   . PRO A 1 68  ? -16.828 0.477   -5.879  1.00 16.44 ? 68  PRO A C   1 
ATOM   556  O O   . PRO A 1 68  ? -17.448 -0.013  -6.828  1.00 16.44 ? 68  PRO A O   1 
ATOM   557  C CB  . PRO A 1 68  ? -18.236 -0.279  -3.901  1.00 20.72 ? 68  PRO A CB  1 
ATOM   558  C CG  . PRO A 1 68  ? -19.074 0.459   -2.901  1.00 20.72 ? 68  PRO A CG  1 
ATOM   559  C CD  . PRO A 1 68  ? -19.636 1.629   -3.697  1.00 20.72 ? 68  PRO A CD  1 
ATOM   560  N N   . GLY A 1 69  ? -15.518 0.702   -5.872  1.00 54.90 ? 69  GLY A N   1 
ATOM   561  C CA  . GLY A 1 69  ? -14.640 0.467   -7.000  1.00 54.90 ? 69  GLY A CA  1 
ATOM   562  C C   . GLY A 1 69  ? -14.678 -0.759  -7.870  1.00 54.90 ? 69  GLY A C   1 
ATOM   563  O O   . GLY A 1 69  ? -15.638 -1.525  -7.900  1.00 54.90 ? 69  GLY A O   1 
ATOM   564  N N   . LYS A 1 70  ? -13.579 -0.912  -8.597  1.00 21.47 ? 70  LYS A N   1 
ATOM   565  C CA  . LYS A 1 70  ? -13.390 -1.999  -9.529  1.00 21.47 ? 70  LYS A CA  1 
ATOM   566  C C   . LYS A 1 70  ? -12.935 -3.291  -8.869  1.00 21.47 ? 70  LYS A C   1 
ATOM   567  O O   . LYS A 1 70  ? -13.629 -3.852  -8.012  1.00 21.47 ? 70  LYS A O   1 
ATOM   568  C CB  . LYS A 1 70  ? -12.371 -1.589  -10.590 1.00 20.72 ? 70  LYS A CB  1 
ATOM   569  C CG  . LYS A 1 70  ? -12.704 -0.302  -11.336 1.00 20.72 ? 70  LYS A CG  1 
ATOM   570  C CD  . LYS A 1 70  ? -12.408 0.946   -10.515 1.00 20.72 ? 70  LYS A CD  1 
ATOM   571  C CE  . LYS A 1 70  ? -12.739 2.193   -11.330 1.00 20.72 ? 70  LYS A CE  1 
ATOM   572  N NZ  . LYS A 1 70  ? -12.115 2.124   -12.686 1.00 20.72 ? 70  LYS A NZ  1 
ATOM   573  N N   . ASP A 1 71  ? -11.753 -3.753  -9.268  1.00 7.28  ? 71  ASP A N   1 
ATOM   574  C CA  . ASP A 1 71  ? -11.226 -5.002  -8.758  1.00 7.28  ? 71  ASP A CA  1 
ATOM   575  C C   . ASP A 1 71  ? -11.219 -5.155  -7.243  1.00 7.28  ? 71  ASP A C   1 
ATOM   576  O O   . ASP A 1 71  ? -11.401 -6.260  -6.757  1.00 7.28  ? 71  ASP A O   1 
ATOM   577  C CB  . ASP A 1 71  ? -9.831  -5.269  -9.335  1.00 20.72 ? 71  ASP A CB  1 
ATOM   578  C CG  . ASP A 1 71  ? -9.849  -5.456  -10.851 1.00 20.72 ? 71  ASP A CG  1 
ATOM   579  O OD1 . ASP A 1 71  ? -10.805 -6.067  -11.361 1.00 20.72 ? 71  ASP A OD1 1 
ATOM   580  O OD2 . ASP A 1 71  ? -8.904  -5.005  -11.533 1.00 20.72 ? 71  ASP A OD2 1 
ATOM   581  N N   . CYS A 1 72  ? -11.018 -4.076  -6.489  1.00 16.07 ? 72  CYS A N   1 
ATOM   582  C CA  . CYS A 1 72  ? -11.023 -4.189  -5.029  1.00 16.07 ? 72  CYS A CA  1 
ATOM   583  C C   . CYS A 1 72  ? -12.392 -3.920  -4.403  1.00 16.07 ? 72  CYS A C   1 
ATOM   584  O O   . CYS A 1 72  ? -12.550 -4.027  -3.179  1.00 16.07 ? 72  CYS A O   1 
ATOM   585  C CB  . CYS A 1 72  ? -9.971  -3.274  -4.394  1.00 20.72 ? 72  CYS A CB  1 
ATOM   586  S SG  . CYS A 1 72  ? -8.295  -3.987  -4.399  1.00 20.72 ? 72  CYS A SG  1 
ATOM   587  N N   . ASN A 1 73  ? -13.378 -3.580  -5.240  1.00 6.02  ? 73  ASN A N   1 
ATOM   588  C CA  . ASN A 1 73  ? -14.745 -3.343  -4.773  1.00 6.02  ? 73  ASN A CA  1 
ATOM   589  C C   . ASN A 1 73  ? -14.811 -2.258  -3.695  1.00 6.02  ? 73  ASN A C   1 
ATOM   590  O O   . ASN A 1 73  ? -15.513 -2.413  -2.688  1.00 6.02  ? 73  ASN A O   1 
ATOM   591  C CB  . ASN A 1 73  ? -15.329 -4.657  -4.223  1.00 20.72 ? 73  ASN A CB  1 
ATOM   592  C CG  . ASN A 1 73  ? -16.700 -4.473  -3.579  1.00 20.72 ? 73  ASN A CG  1 
ATOM   593  O OD1 . ASN A 1 73  ? -17.028 -5.130  -2.586  1.00 20.72 ? 73  ASN A OD1 1 
ATOM   594  N ND2 . ASN A 1 73  ? -17.505 -3.579  -4.141  1.00 20.72 ? 73  ASN A ND2 1 
ATOM   595  N N   . VAL A 1 74  ? -14.080 -1.167  -3.898  1.00 5.00  ? 74  VAL A N   1 
ATOM   596  C CA  . VAL A 1 74  ? -14.067 -0.078  -2.926  1.00 5.00  ? 74  VAL A CA  1 
ATOM   597  C C   . VAL A 1 74  ? -13.897 1.262   -3.593  1.00 5.00  ? 74  VAL A C   1 
ATOM   598  O O   . VAL A 1 74  ? -13.499 1.348   -4.736  1.00 5.00  ? 74  VAL A O   1 
ATOM   599  C CB  . VAL A 1 74  ? -12.890 -0.183  -1.908  1.00 20.72 ? 74  VAL A CB  1 
ATOM   600  C CG1 . VAL A 1 74  ? -12.971 -1.465  -1.123  1.00 20.72 ? 74  VAL A CG1 1 
ATOM   601  C CG2 . VAL A 1 74  ? -11.566 -0.080  -2.637  1.00 20.72 ? 74  VAL A CG2 1 
ATOM   602  N N   . THR A 1 75  ? -14.190 2.306   -2.838  1.00 8.92  ? 75  THR A N   1 
ATOM   603  C CA  . THR A 1 75  ? -14.034 3.681   -3.279  1.00 8.92  ? 75  THR A CA  1 
ATOM   604  C C   . THR A 1 75  ? -12.586 4.048   -2.934  1.00 8.92  ? 75  THR A C   1 
ATOM   605  O O   . THR A 1 75  ? -12.045 3.570   -1.936  1.00 8.92  ? 75  THR A O   1 
ATOM   606  C CB  . THR A 1 75  ? -14.981 4.601   -2.487  1.00 20.72 ? 75  THR A CB  1 
ATOM   607  O OG1 . THR A 1 75  ? -16.321 4.433   -2.961  1.00 24.57 ? 75  THR A OG1 1 
ATOM   608  C CG2 . THR A 1 75  ? -14.560 6.039   -2.625  1.00 24.57 ? 75  THR A CG2 1 
ATOM   609  N N   . CYS A 1 76  ? -11.953 4.890   -3.737  1.00 11.43 ? 76  CYS A N   1 
ATOM   610  C CA  . CYS A 1 76  ? -10.577 5.266   -3.433  1.00 11.43 ? 76  CYS A CA  1 
ATOM   611  C C   . CYS A 1 76  ? -10.467 6.019   -2.110  1.00 11.43 ? 76  CYS A C   1 
ATOM   612  O O   . CYS A 1 76  ? -9.450  5.912   -1.417  1.00 11.43 ? 76  CYS A O   1 
ATOM   613  C CB  . CYS A 1 76  ? -9.983  6.106   -4.559  1.00 20.72 ? 76  CYS A CB  1 
ATOM   614  S SG  . CYS A 1 76  ? -9.949  5.266   -6.170  1.00 20.72 ? 76  CYS A SG  1 
ATOM   615  N N   . SER A 1 77  ? -11.508 6.769   -1.752  1.00 11.58 ? 77  SER A N   1 
ATOM   616  C CA  . SER A 1 77  ? -11.502 7.512   -0.491  1.00 11.58 ? 77  SER A CA  1 
ATOM   617  C C   . SER A 1 77  ? -11.408 6.602   0.726   1.00 11.58 ? 77  SER A C   1 
ATOM   618  O O   . SER A 1 77  ? -10.988 7.037   1.794   1.00 11.58 ? 77  SER A O   1 
ATOM   619  C CB  . SER A 1 77  ? -12.740 8.395   -0.375  1.00 20.72 ? 77  SER A CB  1 
ATOM   620  O OG  . SER A 1 77  ? -12.532 9.607   -1.076  1.00 20.72 ? 77  SER A OG  1 
ATOM   621  N N   . GLN A 1 78  ? -11.803 5.343   0.556   1.00 15.33 ? 78  GLN A N   1 
ATOM   622  C CA  . GLN A 1 78  ? -11.754 4.347   1.624   1.00 15.33 ? 78  GLN A CA  1 
ATOM   623  C C   . GLN A 1 78  ? -10.318 3.902   1.900   1.00 15.33 ? 78  GLN A C   1 
ATOM   624  O O   . GLN A 1 78  ? -10.024 3.335   2.953   1.00 15.33 ? 78  GLN A O   1 
ATOM   625  C CB  . GLN A 1 78  ? -12.574 3.116   1.236   1.00 20.72 ? 78  GLN A CB  1 
ATOM   626  C CG  . GLN A 1 78  ? -14.030 3.189   1.603   1.00 20.72 ? 78  GLN A CG  1 
ATOM   627  C CD  . GLN A 1 78  ? -14.795 1.993   1.094   1.00 20.72 ? 78  GLN A CD  1 
ATOM   628  O OE1 . GLN A 1 78  ? -15.165 1.931   -0.078  1.00 20.72 ? 78  GLN A OE1 1 
ATOM   629  N NE2 . GLN A 1 78  ? -15.025 1.023   1.968   1.00 20.72 ? 78  GLN A NE2 1 
ATOM   630  N N   . LEU A 1 79  ? -9.433  4.146   0.936   1.00 27.33 ? 79  LEU A N   1 
ATOM   631  C CA  . LEU A 1 79  ? -8.031  3.764   1.065   1.00 27.33 ? 79  LEU A CA  1 
ATOM   632  C C   . LEU A 1 79  ? -7.204  4.907   1.623   1.00 27.33 ? 79  LEU A C   1 
ATOM   633  O O   . LEU A 1 79  ? -5.986  4.938   1.441   1.00 27.33 ? 79  LEU A O   1 
ATOM   634  C CB  . LEU A 1 79  ? -7.469  3.366   -0.297  1.00 20.72 ? 79  LEU A CB  1 
ATOM   635  C CG  . LEU A 1 79  ? -8.287  2.371   -1.118  1.00 20.72 ? 79  LEU A CG  1 
ATOM   636  C CD1 . LEU A 1 79  ? -7.558  2.103   -2.417  1.00 20.72 ? 79  LEU A CD1 1 
ATOM   637  C CD2 . LEU A 1 79  ? -8.501  1.074   -0.335  1.00 20.72 ? 79  LEU A CD2 1 
ATOM   638  N N   . LEU A 1 80  ? -7.868  5.843   2.299   1.00 13.36 ? 80  LEU A N   1 
ATOM   639  C CA  . LEU A 1 80  ? -7.193  7.002   2.874   1.00 13.36 ? 80  LEU A CA  1 
ATOM   640  C C   . LEU A 1 80  ? -7.474  7.131   4.363   1.00 13.36 ? 80  LEU A C   1 
ATOM   641  O O   . LEU A 1 80  ? -7.037  8.085   5.000   1.00 13.36 ? 80  LEU A O   1 
ATOM   642  C CB  . LEU A 1 80  ? -7.645  8.284   2.166   1.00 20.72 ? 80  LEU A CB  1 
ATOM   643  C CG  . LEU A 1 80  ? -7.309  8.439   0.680   1.00 20.72 ? 80  LEU A CG  1 
ATOM   644  C CD1 . LEU A 1 80  ? -8.054  9.639   0.118   1.00 20.72 ? 80  LEU A CD1 1 
ATOM   645  C CD2 . LEU A 1 80  ? -5.807  8.592   0.487   1.00 20.72 ? 80  LEU A CD2 1 
ATOM   646  N N   . THR A 1 81  ? -8.199  6.163   4.910   1.00 10.10 ? 81  THR A N   1 
ATOM   647  C CA  . THR A 1 81  ? -8.561  6.182   6.321   1.00 10.10 ? 81  THR A CA  1 
ATOM   648  C C   . THR A 1 81  ? -7.414  5.829   7.272   1.00 10.10 ? 81  THR A C   1 
ATOM   649  O O   . THR A 1 81  ? -6.372  5.329   6.851   1.00 10.10 ? 81  THR A O   1 
ATOM   650  C CB  . THR A 1 81  ? -9.741  5.219   6.598   1.00 20.72 ? 81  THR A CB  1 
ATOM   651  O OG1 . THR A 1 81  ? -9.435  3.910   6.094   1.00 20.72 ? 81  THR A OG1 1 
ATOM   652  C CG2 . THR A 1 81  ? -11.004 5.734   5.937   1.00 20.72 ? 81  THR A CG2 1 
ATOM   653  N N   . ASP A 1 82  ? -7.615  6.105   8.557   1.00 18.13 ? 82  ASP A N   1 
ATOM   654  C CA  . ASP A 1 82  ? -6.612  5.795   9.562   1.00 18.13 ? 82  ASP A CA  1 
ATOM   655  C C   . ASP A 1 82  ? -6.583  4.285   9.788   1.00 18.13 ? 82  ASP A C   1 
ATOM   656  O O   . ASP A 1 82  ? -5.513  3.711   9.997   1.00 18.13 ? 82  ASP A O   1 
ATOM   657  C CB  . ASP A 1 82  ? -6.910  6.547   10.861  1.00 20.72 ? 82  ASP A CB  1 
ATOM   658  C CG  . ASP A 1 82  ? -6.282  7.935   10.885  1.00 20.72 ? 82  ASP A CG  1 
ATOM   659  O OD1 . ASP A 1 82  ? -5.825  8.407   9.820   1.00 20.72 ? 82  ASP A OD1 1 
ATOM   660  O OD2 . ASP A 1 82  ? -6.247  8.552   11.973  1.00 20.72 ? 82  ASP A OD2 1 
ATOM   661  N N   . ASP A 1 83  ? -7.755  3.647   9.756   1.00 11.07 ? 83  ASP A N   1 
ATOM   662  C CA  . ASP A 1 83  ? -7.824  2.197   9.894   1.00 11.07 ? 83  ASP A CA  1 
ATOM   663  C C   . ASP A 1 83  ? -7.510  1.677   8.495   1.00 11.07 ? 83  ASP A C   1 
ATOM   664  O O   . ASP A 1 83  ? -8.155  2.075   7.519   1.00 11.07 ? 83  ASP A O   1 
ATOM   665  C CB  . ASP A 1 83  ? -9.222  1.731   10.302  1.00 20.72 ? 83  ASP A CB  1 
ATOM   666  C CG  . ASP A 1 83  ? -9.432  0.250   10.038  1.00 20.72 ? 83  ASP A CG  1 
ATOM   667  O OD1 . ASP A 1 83  ? -8.562  -0.545  10.439  1.00 20.72 ? 83  ASP A OD1 1 
ATOM   668  O OD2 . ASP A 1 83  ? -10.454 -0.128  9.425   1.00 20.72 ? 83  ASP A OD2 1 
ATOM   669  N N   . ILE A 1 84  ? -6.533  0.785   8.392   1.00 5.00  ? 84  ILE A N   1 
ATOM   670  C CA  . ILE A 1 84  ? -6.132  0.285   7.095   1.00 5.00  ? 84  ILE A CA  1 
ATOM   671  C C   . ILE A 1 84  ? -6.612  -1.108  6.727   1.00 5.00  ? 84  ILE A C   1 
ATOM   672  O O   . ILE A 1 84  ? -6.071  -1.711  5.808   1.00 5.00  ? 84  ILE A O   1 
ATOM   673  C CB  . ILE A 1 84  ? -4.615  0.299   6.978   1.00 20.72 ? 84  ILE A CB  1 
ATOM   674  C CG1 . ILE A 1 84  ? -4.020  -0.674  7.993   1.00 24.53 ? 84  ILE A CG1 1 
ATOM   675  C CG2 . ILE A 1 84  ? -4.094  1.699   7.219   1.00 24.53 ? 84  ILE A CG2 1 
ATOM   676  C CD1 . ILE A 1 84  ? -2.554  -0.928  7.798   1.00 20.72 ? 84  ILE A CD1 1 
ATOM   677  N N   . THR A 1 85  ? -7.625  -1.612  7.415   1.00 5.36  ? 85  THR A N   1 
ATOM   678  C CA  . THR A 1 85  ? -8.136  -2.950  7.141   1.00 5.36  ? 85  THR A CA  1 
ATOM   679  C C   . THR A 1 85  ? -8.555  -3.136  5.685   1.00 5.36  ? 85  THR A C   1 
ATOM   680  O O   . THR A 1 85  ? -8.205  -4.137  5.053   1.00 5.36  ? 85  THR A O   1 
ATOM   681  C CB  . THR A 1 85  ? -9.338  -3.295  8.058   1.00 20.72 ? 85  THR A CB  1 
ATOM   682  O OG1 . THR A 1 85  ? -8.934  -3.221  9.432   1.00 20.72 ? 85  THR A OG1 1 
ATOM   683  C CG2 . THR A 1 85  ? -9.837  -4.705  7.767   1.00 20.72 ? 85  THR A CG2 1 
ATOM   684  N N   . VAL A 1 86  ? -9.300  -2.176  5.147   1.00 6.02  ? 86  VAL A N   1 
ATOM   685  C CA  . VAL A 1 86  ? -9.749  -2.260  3.760   1.00 6.02  ? 86  VAL A CA  1 
ATOM   686  C C   . VAL A 1 86  ? -8.586  -2.154  2.771   1.00 6.02  ? 86  VAL A C   1 
ATOM   687  O O   . VAL A 1 86  ? -8.480  -2.955  1.850   1.00 6.02  ? 86  VAL A O   1 
ATOM   688  C CB  . VAL A 1 86  ? -10.804 -1.170  3.459   1.00 20.72 ? 86  VAL A CB  1 
ATOM   689  C CG1 . VAL A 1 86  ? -11.167 -1.171  1.984   1.00 20.72 ? 86  VAL A CG1 1 
ATOM   690  C CG2 . VAL A 1 86  ? -12.046 -1.422  4.307   1.00 20.72 ? 86  VAL A CG2 1 
ATOM   691  N N   . ALA A 1 87  ? -7.705  -1.180  2.969   1.00 11.29 ? 87  ALA A N   1 
ATOM   692  C CA  . ALA A 1 87  ? -6.553  -1.012  2.082   1.00 11.29 ? 87  ALA A CA  1 
ATOM   693  C C   . ALA A 1 87  ? -5.674  -2.272  2.045   1.00 11.29 ? 87  ALA A C   1 
ATOM   694  O O   . ALA A 1 87  ? -5.122  -2.615  1.005   1.00 11.29 ? 87  ALA A O   1 
ATOM   695  C CB  . ALA A 1 87  ? -5.728  0.180   2.528   1.00 20.72 ? 87  ALA A CB  1 
ATOM   696  N N   . SER A 1 88  ? -5.554  -2.957  3.182   1.00 12.03 ? 88  SER A N   1 
ATOM   697  C CA  . SER A 1 88  ? -4.733  -4.168  3.291   1.00 12.03 ? 88  SER A CA  1 
ATOM   698  C C   . SER A 1 88  ? -5.236  -5.318  2.448   1.00 12.03 ? 88  SER A C   1 
ATOM   699  O O   . SER A 1 88  ? -4.467  -5.903  1.684   1.00 12.03 ? 88  SER A O   1 
ATOM   700  C CB  . SER A 1 88  ? -4.666  -4.664  4.738   1.00 20.72 ? 88  SER A CB  1 
ATOM   701  O OG  . SER A 1 88  ? -4.206  -3.661  5.622   1.00 20.72 ? 88  SER A OG  1 
ATOM   702  N N   . THR A 1 89  ? -6.515  -5.661  2.599   1.00 6.50  ? 89  THR A N   1 
ATOM   703  C CA  . THR A 1 89  ? -7.069  -6.773  1.826   1.00 6.50  ? 89  THR A CA  1 
ATOM   704  C C   . THR A 1 89  ? -6.888  -6.476  0.349   1.00 6.50  ? 89  THR A C   1 
ATOM   705  O O   . THR A 1 89  ? -6.640  -7.375  -0.443  1.00 6.50  ? 89  THR A O   1 
ATOM   706  C CB  . THR A 1 89  ? -8.581  -7.029  2.129   1.00 20.72 ? 89  THR A CB  1 
ATOM   707  O OG1 . THR A 1 89  ? -9.355  -5.877  1.790   1.00 20.72 ? 89  THR A OG1 1 
ATOM   708  C CG2 . THR A 1 89  ? -8.781  -7.343  3.598   1.00 20.72 ? 89  THR A CG2 1 
ATOM   709  N N   . CYS A 1 90  ? -6.992  -5.202  -0.012  1.00 11.37 ? 90  CYS A N   1 
ATOM   710  C CA  . CYS A 1 90  ? -6.820  -4.795  -1.397  1.00 11.37 ? 90  CYS A CA  1 
ATOM   711  C C   . CYS A 1 90  ? -5.344  -4.930  -1.803  1.00 11.37 ? 90  CYS A C   1 
ATOM   712  O O   . CYS A 1 90  ? -5.030  -5.499  -2.849  1.00 11.37 ? 90  CYS A O   1 
ATOM   713  C CB  . CYS A 1 90  ? -7.311  -3.359  -1.578  1.00 20.72 ? 90  CYS A CB  1 
ATOM   714  S SG  . CYS A 1 90  ? -7.166  -2.716  -3.270  1.00 20.72 ? 90  CYS A SG  1 
ATOM   715  N N   . ALA A 1 91  ? -4.442  -4.420  -0.969  1.00 13.26 ? 91  ALA A N   1 
ATOM   716  C CA  . ALA A 1 91  ? -3.014  -4.510  -1.261  1.00 13.26 ? 91  ALA A CA  1 
ATOM   717  C C   . ALA A 1 91  ? -2.612  -5.971  -1.447  1.00 13.26 ? 91  ALA A C   1 
ATOM   718  O O   . ALA A 1 91  ? -1.761  -6.285  -2.286  1.00 13.26 ? 91  ALA A O   1 
ATOM   719  C CB  . ALA A 1 91  ? -2.201  -3.887  -0.138  1.00 20.72 ? 91  ALA A CB  1 
ATOM   720  N N   . LYS A 1 92  ? -3.216  -6.860  -0.660  1.00 10.00 ? 92  LYS A N   1 
ATOM   721  C CA  . LYS A 1 92  ? -2.911  -8.278  -0.770  1.00 10.00 ? 92  LYS A CA  1 
ATOM   722  C C   . LYS A 1 92  ? -3.425  -8.782  -2.111  1.00 10.00 ? 92  LYS A C   1 
ATOM   723  O O   . LYS A 1 92  ? -2.729  -9.505  -2.831  1.00 10.00 ? 92  LYS A O   1 
ATOM   724  C CB  . LYS A 1 92  ? -3.576  -9.072  0.357   1.00 20.72 ? 92  LYS A CB  1 
ATOM   725  C CG  . LYS A 1 92  ? -3.026  -8.823  1.753   1.00 20.72 ? 92  LYS A CG  1 
ATOM   726  C CD  . LYS A 1 92  ? -3.775  -9.692  2.749   1.00 20.72 ? 92  LYS A CD  1 
ATOM   727  C CE  . LYS A 1 92  ? -3.311  -9.484  4.177   1.00 20.72 ? 92  LYS A CE  1 
ATOM   728  N NZ  . LYS A 1 92  ? -4.176  -10.235 5.156   1.00 20.72 ? 92  LYS A NZ  1 
ATOM   729  N N   . LYS A 1 93  ? -4.649  -8.387  -2.444  1.00 5.00  ? 93  LYS A N   1 
ATOM   730  C CA  . LYS A 1 93  ? -5.260  -8.788  -3.704  1.00 5.00  ? 93  LYS A CA  1 
ATOM   731  C C   . LYS A 1 93  ? -4.364  -8.450  -4.894  1.00 5.00  ? 93  LYS A C   1 
ATOM   732  O O   . LYS A 1 93  ? -4.263  -9.221  -5.845  1.00 5.00  ? 93  LYS A O   1 
ATOM   733  C CB  . LYS A 1 93  ? -6.603  -8.086  -3.883  1.00 20.72 ? 93  LYS A CB  1 
ATOM   734  C CG  . LYS A 1 93  ? -7.150  -8.202  -5.290  1.00 20.72 ? 93  LYS A CG  1 
ATOM   735  C CD  . LYS A 1 93  ? -8.376  -9.076  -5.328  1.00 24.70 ? 93  LYS A CD  1 
ATOM   736  C CE  . LYS A 1 93  ? -9.527  -8.398  -4.606  1.00 24.70 ? 93  LYS A CE  1 
ATOM   737  N NZ  . LYS A 1 93  ? -10.095 -9.344  -3.627  1.00 24.70 ? 93  LYS A NZ  1 
ATOM   738  N N   . ILE A 1 94  ? -3.738  -7.280  -4.834  1.00 18.37 ? 94  ILE A N   1 
ATOM   739  C CA  . ILE A 1 94  ? -2.861  -6.815  -5.896  1.00 18.37 ? 94  ILE A CA  1 
ATOM   740  C C   . ILE A 1 94  ? -1.595  -7.661  -5.968  1.00 18.37 ? 94  ILE A C   1 
ATOM   741  O O   . ILE A 1 94  ? -1.141  -8.017  -7.059  1.00 18.37 ? 94  ILE A O   1 
ATOM   742  C CB  . ILE A 1 94  ? -2.463  -5.332  -5.679  1.00 20.72 ? 94  ILE A CB  1 
ATOM   743  C CG1 . ILE A 1 94  ? -3.724  -4.467  -5.573  1.00 24.89 ? 94  ILE A CG1 1 
ATOM   744  C CG2 . ILE A 1 94  ? -1.562  -4.856  -6.823  1.00 24.89 ? 94  ILE A CG2 1 
ATOM   745  C CD1 . ILE A 1 94  ? -3.457  -3.038  -5.155  1.00 24.89 ? 94  ILE A CD1 1 
ATOM   746  N N   . TYR A 1 95  ? -1.028  -7.979  -4.808  1.00 10.53 ? 95  TYR A N   1 
ATOM   747  C CA  . TYR A 1 95  ? 0.182   -8.782  -4.769  1.00 10.53 ? 95  TYR A CA  1 
ATOM   748  C C   . TYR A 1 95  ? -0.095  -10.165 -5.346  1.00 10.53 ? 95  TYR A C   1 
ATOM   749  O O   . TYR A 1 95  ? 0.701   -10.694 -6.126  1.00 10.53 ? 95  TYR A O   1 
ATOM   750  C CB  . TYR A 1 95  ? 0.700   -8.923  -3.339  1.00 20.63 ? 95  TYR A CB  1 
ATOM   751  C CG  . TYR A 1 95  ? 1.932   -9.797  -3.261  1.00 20.63 ? 95  TYR A CG  1 
ATOM   752  C CD1 . TYR A 1 95  ? 3.178   -9.319  -3.670  1.00 24.90 ? 95  TYR A CD1 1 
ATOM   753  C CD2 . TYR A 1 95  ? 1.836   -11.132 -2.854  1.00 24.90 ? 95  TYR A CD2 1 
ATOM   754  C CE1 . TYR A 1 95  ? 4.292   -10.151 -3.681  1.00 24.90 ? 95  TYR A CE1 1 
ATOM   755  C CE2 . TYR A 1 95  ? 2.943   -11.969 -2.863  1.00 24.90 ? 95  TYR A CE2 1 
ATOM   756  C CZ  . TYR A 1 95  ? 4.164   -11.475 -3.277  1.00 24.90 ? 95  TYR A CZ  1 
ATOM   757  O OH  . TYR A 1 95  ? 5.258   -12.306 -3.279  1.00 24.90 ? 95  TYR A OH  1 
ATOM   758  N N   . LYS A 1 96  ? -1.232  -10.745 -4.979  1.00 27.94 ? 96  LYS A N   1 
ATOM   759  C CA  . LYS A 1 96  ? -1.581  -12.071 -5.471  1.00 27.94 ? 96  LYS A CA  1 
ATOM   760  C C   . LYS A 1 96  ? -1.575  -12.106 -6.997  1.00 27.94 ? 96  LYS A C   1 
ATOM   761  O O   . LYS A 1 96  ? -1.373  -13.158 -7.595  1.00 27.94 ? 96  LYS A O   1 
ATOM   762  C CB  . LYS A 1 96  ? -2.964  -12.497 -4.963  1.00 20.63 ? 96  LYS A CB  1 
ATOM   763  C CG  . LYS A 1 96  ? -3.273  -12.095 -3.511  1.00 21.66 ? 96  LYS A CG  1 
ATOM   764  C CD  . LYS A 1 96  ? -2.302  -12.679 -2.467  1.00 21.66 ? 96  LYS A CD  1 
ATOM   765  C CE  . LYS A 1 96  ? -2.501  -11.991 -1.107  1.00 21.66 ? 96  LYS A CE  1 
ATOM   766  N NZ  . LYS A 1 96  ? -1.789  -12.606 0.070   1.00 21.66 ? 96  LYS A NZ  1 
ATOM   767  N N   . ARG A 1 97  ? -1.775  -10.957 -7.632  1.00 34.39 ? 97  ARG A N   1 
ATOM   768  C CA  . ARG A 1 97  ? -1.810  -10.920 -9.087  1.00 34.39 ? 97  ARG A CA  1 
ATOM   769  C C   . ARG A 1 97  ? -0.523  -10.466 -9.764  1.00 34.39 ? 97  ARG A C   1 
ATOM   770  O O   . ARG A 1 97  ? -0.005  -11.148 -10.647 1.00 34.39 ? 97  ARG A O   1 
ATOM   771  C CB  . ARG A 1 97  ? -2.976  -10.042 -9.547  1.00 20.63 ? 97  ARG A CB  1 
ATOM   772  C CG  . ARG A 1 97  ? -4.303  -10.480 -8.942  1.00 20.63 ? 97  ARG A CG  1 
ATOM   773  C CD  . ARG A 1 97  ? -5.516  -9.775  -9.537  1.00 21.72 ? 97  ARG A CD  1 
ATOM   774  N NE  . ARG A 1 97  ? -6.744  -10.175 -8.841  1.00 21.72 ? 97  ARG A NE  1 
ATOM   775  C CZ  . ARG A 1 97  ? -7.974  -9.807  -9.198  1.00 21.72 ? 97  ARG A CZ  1 
ATOM   776  N NH1 . ARG A 1 97  ? -8.166  -9.029  -10.258 1.00 21.72 ? 97  ARG A NH1 1 
ATOM   777  N NH2 . ARG A 1 97  ? -9.018  -10.195 -8.472  1.00 21.72 ? 97  ARG A NH2 1 
ATOM   778  N N   . THR A 1 98  ? 0.001   -9.323  -9.349  1.00 19.08 ? 98  THR A N   1 
ATOM   779  C CA  . THR A 1 98  ? 1.209   -8.775  -9.959  1.00 19.08 ? 98  THR A CA  1 
ATOM   780  C C   . THR A 1 98  ? 2.425   -8.693  -9.026  1.00 19.08 ? 98  THR A C   1 
ATOM   781  O O   . THR A 1 98  ? 3.414   -8.045  -9.358  1.00 19.08 ? 98  THR A O   1 
ATOM   782  C CB  . THR A 1 98  ? 0.901   -7.356  -10.534 1.00 20.72 ? 98  THR A CB  1 
ATOM   783  O OG1 . THR A 1 98  ? 2.119   -6.646  -10.787 1.00 24.35 ? 98  THR A OG1 1 
ATOM   784  C CG2 . THR A 1 98  ? 0.059   -6.555  -9.553  1.00 24.35 ? 98  THR A CG2 1 
ATOM   785  N N   . LYS A 1 99  ? 2.369   -9.360  -7.877  1.00 22.14 ? 99  LYS A N   1 
ATOM   786  C CA  . LYS A 1 99  ? 3.475   -9.293  -6.922  1.00 22.14 ? 99  LYS A CA  1 
ATOM   787  C C   . LYS A 1 99  ? 3.740   -7.826  -6.555  1.00 22.14 ? 99  LYS A C   1 
ATOM   788  O O   . LYS A 1 99  ? 2.803   -7.061  -6.332  1.00 22.14 ? 99  LYS A O   1 
ATOM   789  C CB  . LYS A 1 99  ? 4.744   -9.915  -7.512  1.00 20.72 ? 99  LYS A CB  1 
ATOM   790  C CG  . LYS A 1 99  ? 4.914   -11.396 -7.221  1.00 20.00 ? 99  LYS A CG  1 
ATOM   791  C CD  . LYS A 1 99  ? 3.754   -12.210 -7.757  1.00 20.00 ? 99  LYS A CD  1 
ATOM   792  C CE  . LYS A 1 99  ? 4.001   -13.700 -7.545  1.00 20.00 ? 99  LYS A CE  1 
ATOM   793  N NZ  . LYS A 1 99  ? 4.249   -14.029 -6.108  1.00 20.00 ? 99  LYS A NZ  1 
ATOM   794  N N   . PHE A 1 100 ? 5.009   -7.436  -6.495  1.00 13.39 ? 100 PHE A N   1 
ATOM   795  C CA  . PHE A 1 100 ? 5.360   -6.057  -6.164  1.00 13.39 ? 100 PHE A CA  1 
ATOM   796  C C   . PHE A 1 100 ? 5.664   -5.263  -7.434  1.00 13.39 ? 100 PHE A C   1 
ATOM   797  O O   . PHE A 1 100 ? 5.920   -4.055  -7.383  1.00 13.39 ? 100 PHE A O   1 
ATOM   798  C CB  . PHE A 1 100 ? 6.578   -6.015  -5.232  1.00 20.72 ? 100 PHE A CB  1 
ATOM   799  C CG  . PHE A 1 100 ? 6.338   -6.647  -3.894  1.00 25.49 ? 100 PHE A CG  1 
ATOM   800  C CD1 . PHE A 1 100 ? 6.993   -7.823  -3.540  1.00 25.49 ? 100 PHE A CD1 1 
ATOM   801  C CD2 . PHE A 1 100 ? 5.443   -6.081  -2.995  1.00 25.49 ? 100 PHE A CD2 1 
ATOM   802  C CE1 . PHE A 1 100 ? 6.751   -8.437  -2.311  1.00 25.49 ? 100 PHE A CE1 1 
ATOM   803  C CE2 . PHE A 1 100 ? 5.192   -6.682  -1.767  1.00 25.49 ? 100 PHE A CE2 1 
ATOM   804  C CZ  . PHE A 1 100 ? 5.851   -7.864  -1.420  1.00 25.49 ? 100 PHE A CZ  1 
ATOM   805  N N   . ASP A 1 101 ? 5.634   -5.954  -8.571  1.00 32.33 ? 101 ASP A N   1 
ATOM   806  C CA  . ASP A 1 101 ? 5.906   -5.324  -9.858  1.00 32.33 ? 101 ASP A CA  1 
ATOM   807  C C   . ASP A 1 101 ? 4.941   -4.170  -10.114 1.00 32.33 ? 101 ASP A C   1 
ATOM   808  O O   . ASP A 1 101 ? 5.185   -3.328  -10.978 1.00 32.33 ? 101 ASP A O   1 
ATOM   809  C CB  . ASP A 1 101 ? 5.788   -6.350  -10.988 1.00 28.53 ? 101 ASP A CB  1 
ATOM   810  C CG  . ASP A 1 101 ? 6.731   -7.524  -10.811 1.00 28.53 ? 101 ASP A CG  1 
ATOM   811  O OD1 . ASP A 1 101 ? 7.967   -7.312  -10.810 1.00 25.71 ? 101 ASP A OD1 1 
ATOM   812  O OD2 . ASP A 1 101 ? 6.230   -8.664  -10.671 1.00 25.71 ? 101 ASP A OD2 1 
ATOM   813  N N   . ALA A 1 102 ? 3.847   -4.138  -9.362  1.00 25.00 ? 102 ALA A N   1 
ATOM   814  C CA  . ALA A 1 102 ? 2.857   -3.078  -9.507  1.00 25.00 ? 102 ALA A CA  1 
ATOM   815  C C   . ALA A 1 102 ? 3.402   -1.749  -8.998  1.00 25.00 ? 102 ALA A C   1 
ATOM   816  O O   . ALA A 1 102 ? 3.161   -0.704  -9.596  1.00 25.00 ? 102 ALA A O   1 
ATOM   817  C CB  . ALA A 1 102 ? 1.588   -3.440  -8.742  1.00 20.72 ? 102 ALA A CB  1 
ATOM   818  N N   . TRP A 1 103 ? 4.155   -1.803  -7.903  1.00 30.61 ? 103 TRP A N   1 
ATOM   819  C CA  . TRP A 1 103 ? 4.708   -0.604  -7.280  1.00 30.61 ? 103 TRP A CA  1 
ATOM   820  C C   . TRP A 1 103 ? 6.111   -0.208  -7.717  1.00 30.61 ? 103 TRP A C   1 
ATOM   821  O O   . TRP A 1 103 ? 7.101   -0.850  -7.354  1.00 30.61 ? 103 TRP A O   1 
ATOM   822  C CB  . TRP A 1 103 ? 4.676   -0.761  -5.759  1.00 20.72 ? 103 TRP A CB  1 
ATOM   823  C CG  . TRP A 1 103 ? 3.283   -0.889  -5.200  1.00 20.72 ? 103 TRP A CG  1 
ATOM   824  C CD1 . TRP A 1 103 ? 2.429   0.131   -4.870  1.00 20.72 ? 103 TRP A CD1 1 
ATOM   825  C CD2 . TRP A 1 103 ? 2.577   -2.110  -4.934  1.00 20.72 ? 103 TRP A CD2 1 
ATOM   826  N NE1 . TRP A 1 103 ? 1.236   -0.385  -4.414  1.00 20.72 ? 103 TRP A NE1 1 
ATOM   827  C CE2 . TRP A 1 103 ? 1.298   -1.753  -4.441  1.00 20.72 ? 103 TRP A CE2 1 
ATOM   828  C CE3 . TRP A 1 103 ? 2.896   -3.469  -5.064  1.00 20.72 ? 103 TRP A CE3 1 
ATOM   829  C CZ2 . TRP A 1 103 ? 0.344   -2.710  -4.077  1.00 20.72 ? 103 TRP A CZ2 1 
ATOM   830  C CZ3 . TRP A 1 103 ? 1.942   -4.422  -4.704  1.00 20.72 ? 103 TRP A CZ3 1 
ATOM   831  C CH2 . TRP A 1 103 ? 0.681   -4.034  -4.215  1.00 20.72 ? 103 TRP A CH2 1 
ATOM   832  N N   . SER A 1 104 ? 6.176   0.873   -8.489  1.00 26.99 ? 104 SER A N   1 
ATOM   833  C CA  . SER A 1 104 ? 7.431   1.412   -8.995  1.00 26.99 ? 104 SER A CA  1 
ATOM   834  C C   . SER A 1 104 ? 8.367   1.756   -7.833  1.00 26.99 ? 104 SER A C   1 
ATOM   835  O O   . SER A 1 104 ? 9.589   1.686   -7.968  1.00 26.99 ? 104 SER A O   1 
ATOM   836  C CB  . SER A 1 104 ? 7.146   2.672   -9.828  1.00 20.72 ? 104 SER A CB  1 
ATOM   837  O OG  . SER A 1 104 ? 8.307   3.144   -10.500 1.00 24.47 ? 104 SER A OG  1 
ATOM   838  N N   . GLY A 1 105 ? 7.785   2.134   -6.696  1.00 12.89 ? 105 GLY A N   1 
ATOM   839  C CA  . GLY A 1 105 ? 8.587   2.483   -5.535  1.00 12.89 ? 105 GLY A CA  1 
ATOM   840  C C   . GLY A 1 105 ? 9.399   1.289   -5.089  1.00 12.89 ? 105 GLY A C   1 
ATOM   841  O O   . GLY A 1 105 ? 10.567  1.421   -4.733  1.00 12.89 ? 105 GLY A O   1 
ATOM   842  N N   . TRP A 1 106 ? 8.767   0.117   -5.116  1.00 32.70 ? 106 TRP A N   1 
ATOM   843  C CA  . TRP A 1 106 ? 9.415   -1.130  -4.720  1.00 32.70 ? 106 TRP A CA  1 
ATOM   844  C C   . TRP A 1 106 ? 10.462  -1.567  -5.750  1.00 32.70 ? 106 TRP A C   1 
ATOM   845  O O   . TRP A 1 106 ? 11.552  -2.022  -5.395  1.00 32.70 ? 106 TRP A O   1 
ATOM   846  C CB  . TRP A 1 106 ? 8.372   -2.245  -4.556  1.00 20.72 ? 106 TRP A CB  1 
ATOM   847  C CG  . TRP A 1 106 ? 8.990   -3.550  -4.172  1.00 20.72 ? 106 TRP A CG  1 
ATOM   848  C CD1 . TRP A 1 106 ? 9.280   -3.985  -2.907  1.00 20.72 ? 106 TRP A CD1 1 
ATOM   849  C CD2 . TRP A 1 106 ? 9.488   -4.550  -5.063  1.00 20.72 ? 106 TRP A CD2 1 
ATOM   850  N NE1 . TRP A 1 106 ? 9.935   -5.188  -2.961  1.00 20.72 ? 106 TRP A NE1 1 
ATOM   851  C CE2 . TRP A 1 106 ? 10.079  -5.557  -4.272  1.00 20.72 ? 106 TRP A CE2 1 
ATOM   852  C CE3 . TRP A 1 106 ? 9.503   -4.688  -6.458  1.00 20.72 ? 106 TRP A CE3 1 
ATOM   853  C CZ2 . TRP A 1 106 ? 10.674  -6.692  -4.831  1.00 20.72 ? 106 TRP A CZ2 1 
ATOM   854  C CZ3 . TRP A 1 106 ? 10.095  -5.819  -7.012  1.00 20.72 ? 106 TRP A CZ3 1 
ATOM   855  C CH2 . TRP A 1 106 ? 10.674  -6.805  -6.196  1.00 20.72 ? 106 TRP A CH2 1 
ATOM   856  N N   . ASP A 1 107 ? 10.113  -1.430  -7.025  1.00 15.88 ? 107 ASP A N   1 
ATOM   857  C CA  . ASP A 1 107 ? 11.000  -1.803  -8.121  1.00 15.88 ? 107 ASP A CA  1 
ATOM   858  C C   . ASP A 1 107 ? 12.248  -0.947  -8.150  1.00 15.88 ? 107 ASP A C   1 
ATOM   859  O O   . ASP A 1 107 ? 13.278  -1.352  -8.682  1.00 15.88 ? 107 ASP A O   1 
ATOM   860  C CB  . ASP A 1 107 ? 10.286  -1.642  -9.464  1.00 20.72 ? 107 ASP A CB  1 
ATOM   861  C CG  . ASP A 1 107 ? 9.610   -2.920  -9.934  1.00 25.17 ? 107 ASP A CG  1 
ATOM   862  O OD1 . ASP A 1 107 ? 8.901   -2.868  -10.964 1.00 25.17 ? 107 ASP A OD1 1 
ATOM   863  O OD2 . ASP A 1 107 ? 9.789   -3.973  -9.285  1.00 25.17 ? 107 ASP A OD2 1 
ATOM   864  N N   . ASN A 1 108 ? 12.160  0.238   -7.567  1.00 13.78 ? 108 ASN A N   1 
ATOM   865  C CA  . ASN A 1 108 ? 13.279  1.163   -7.578  1.00 13.78 ? 108 ASN A CA  1 
ATOM   866  C C   . ASN A 1 108 ? 14.098  1.230   -6.296  1.00 13.78 ? 108 ASN A C   1 
ATOM   867  O O   . ASN A 1 108 ? 15.324  1.288   -6.344  1.00 13.78 ? 108 ASN A O   1 
ATOM   868  C CB  . ASN A 1 108 ? 12.768  2.565   -7.911  1.00 20.72 ? 108 ASN A CB  1 
ATOM   869  C CG  . ASN A 1 108 ? 13.882  3.503   -8.296  1.00 20.72 ? 108 ASN A CG  1 
ATOM   870  O OD1 . ASN A 1 108 ? 14.869  3.639   -7.573  1.00 20.72 ? 108 ASN A OD1 1 
ATOM   871  N ND2 . ASN A 1 108 ? 13.735  4.161   -9.445  1.00 20.72 ? 108 ASN A ND2 1 
ATOM   872  N N   . HIS A 1 109 ? 13.431  1.228   -5.151  1.00 11.50 ? 109 HIS A N   1 
ATOM   873  C CA  . HIS A 1 109 ? 14.154  1.339   -3.894  1.00 11.50 ? 109 HIS A CA  1 
ATOM   874  C C   . HIS A 1 109 ? 14.221  0.078   -3.043  1.00 11.50 ? 109 HIS A C   1 
ATOM   875  O O   . HIS A 1 109 ? 14.775  0.120   -1.951  1.00 11.50 ? 109 HIS A O   1 
ATOM   876  C CB  . HIS A 1 109 ? 13.564  2.484   -3.057  1.00 20.72 ? 109 HIS A CB  1 
ATOM   877  C CG  . HIS A 1 109 ? 13.619  3.819   -3.732  1.00 20.72 ? 109 HIS A CG  1 
ATOM   878  N ND1 . HIS A 1 109 ? 12.685  4.225   -4.665  1.00 20.72 ? 109 HIS A ND1 1 
ATOM   879  C CD2 . HIS A 1 109 ? 14.521  4.824   -3.648  1.00 20.72 ? 109 HIS A CD2 1 
ATOM   880  C CE1 . HIS A 1 109 ? 13.015  5.417   -5.127  1.00 20.72 ? 109 HIS A CE1 1 
ATOM   881  N NE2 . HIS A 1 109 ? 14.128  5.804   -4.526  1.00 20.72 ? 109 HIS A NE2 1 
ATOM   882  N N   . CYS A 1 110 ? 13.688  -1.038  -3.531  1.00 20.43 ? 110 CYS A N   1 
ATOM   883  C CA  . CYS A 1 110 ? 13.689  -2.267  -2.736  1.00 20.43 ? 110 CYS A CA  1 
ATOM   884  C C   . CYS A 1 110 ? 14.341  -3.475  -3.380  1.00 20.43 ? 110 CYS A C   1 
ATOM   885  O O   . CYS A 1 110 ? 13.937  -4.608  -3.117  1.00 20.43 ? 110 CYS A O   1 
ATOM   886  C CB  . CYS A 1 110 ? 12.254  -2.627  -2.344  1.00 20.72 ? 110 CYS A CB  1 
ATOM   887  S SG  . CYS A 1 110 ? 11.410  -1.228  -1.562  1.00 20.72 ? 110 CYS A SG  1 
ATOM   888  N N   . ASN A 1 111 ? 15.350  -3.246  -4.212  1.00 18.68 ? 111 ASN A N   1 
ATOM   889  C CA  . ASN A 1 111 ? 16.017  -4.360  -4.870  1.00 18.68 ? 111 ASN A CA  1 
ATOM   890  C C   . ASN A 1 111 ? 17.372  -4.720  -4.276  1.00 18.68 ? 111 ASN A C   1 
ATOM   891  O O   . ASN A 1 111 ? 18.027  -5.650  -4.741  1.00 18.68 ? 111 ASN A O   1 
ATOM   892  C CB  . ASN A 1 111 ? 16.150  -4.097  -6.377  1.00 20.72 ? 111 ASN A CB  1 
ATOM   893  C CG  . ASN A 1 111 ? 14.877  -4.435  -7.141  1.00 20.72 ? 111 ASN A CG  1 
ATOM   894  O OD1 . ASN A 1 111 ? 14.182  -5.397  -6.813  1.00 20.00 ? 111 ASN A OD1 1 
ATOM   895  N ND2 . ASN A 1 111 ? 14.576  -3.656  -8.175  1.00 20.00 ? 111 ASN A ND2 1 
ATOM   896  N N   . HIS A 1 112 ? 17.790  -3.992  -3.244  1.00 24.38 ? 112 HIS A N   1 
ATOM   897  C CA  . HIS A 1 112 ? 19.066  -4.272  -2.586  1.00 24.38 ? 112 HIS A CA  1 
ATOM   898  C C   . HIS A 1 112 ? 18.926  -4.154  -1.069  1.00 24.38 ? 112 HIS A C   1 
ATOM   899  O O   . HIS A 1 112 ? 19.252  -3.129  -0.461  1.00 24.38 ? 112 HIS A O   1 
ATOM   900  C CB  . HIS A 1 112 ? 20.161  -3.336  -3.113  1.00 20.72 ? 112 HIS A CB  1 
ATOM   901  C CG  . HIS A 1 112 ? 20.363  -3.431  -4.595  1.00 20.72 ? 112 HIS A CG  1 
ATOM   902  N ND1 . HIS A 1 112 ? 20.024  -2.412  -5.459  1.00 20.72 ? 112 HIS A ND1 1 
ATOM   903  C CD2 . HIS A 1 112 ? 20.833  -4.440  -5.367  1.00 20.72 ? 112 HIS A CD2 1 
ATOM   904  C CE1 . HIS A 1 112 ? 20.277  -2.790  -6.702  1.00 20.72 ? 112 HIS A CE1 1 
ATOM   905  N NE2 . HIS A 1 112 ? 20.769  -4.015  -6.673  1.00 20.72 ? 112 HIS A NE2 1 
ATOM   906  N N   . SER A 1 113 ? 18.426  -5.237  -0.482  1.00 29.19 ? 113 SER A N   1 
ATOM   907  C CA  . SER A 1 113 ? 18.190  -5.367  0.948   1.00 29.19 ? 113 SER A CA  1 
ATOM   908  C C   . SER A 1 113 ? 17.322  -4.289  1.588   1.00 29.19 ? 113 SER A C   1 
ATOM   909  O O   . SER A 1 113 ? 17.451  -3.087  1.328   1.00 29.19 ? 113 SER A O   1 
ATOM   910  C CB  . SER A 1 113 ? 19.497  -5.483  1.727   1.00 20.00 ? 113 SER A CB  1 
ATOM   911  O OG  . SER A 1 113 ? 19.211  -5.962  3.038   1.00 20.00 ? 113 SER A OG  1 
ATOM   912  N N   . ASN A 1 114 ? 16.453  -4.774  2.465   1.00 18.49 ? 114 ASN A N   1 
ATOM   913  C CA  . ASN A 1 114 ? 15.466  -3.984  3.164   1.00 18.49 ? 114 ASN A CA  1 
ATOM   914  C C   . ASN A 1 114 ? 15.881  -3.683  4.598   1.00 18.49 ? 114 ASN A C   1 
ATOM   915  O O   . ASN A 1 114 ? 16.989  -3.998  5.025   1.00 18.49 ? 114 ASN A O   1 
ATOM   916  C CB  . ASN A 1 114 ? 14.162  -4.782  3.172   1.00 20.72 ? 114 ASN A CB  1 
ATOM   917  C CG  . ASN A 1 114 ? 14.097  -5.811  2.039   1.00 20.72 ? 114 ASN A CG  1 
ATOM   918  O OD1 . ASN A 1 114 ? 14.026  -5.450  0.857   1.00 24.69 ? 114 ASN A OD1 1 
ATOM   919  N ND2 . ASN A 1 114 ? 14.126  -7.097  2.399   1.00 24.69 ? 114 ASN A ND2 1 
ATOM   920  N N   . PRO A 1 115 ? 14.980  -3.054  5.365   1.00 42.22 ? 115 PRO A N   1 
ATOM   921  C CA  . PRO A 1 115 ? 15.339  -2.761  6.751   1.00 42.22 ? 115 PRO A CA  1 
ATOM   922  C C   . PRO A 1 115 ? 15.178  -4.071  7.501   1.00 42.22 ? 115 PRO A C   1 
ATOM   923  O O   . PRO A 1 115 ? 14.547  -4.996  6.990   1.00 42.22 ? 115 PRO A O   1 
ATOM   924  C CB  . PRO A 1 115 ? 14.292  -1.734  7.154   1.00 20.72 ? 115 PRO A CB  1 
ATOM   925  C CG  . PRO A 1 115 ? 13.073  -2.211  6.402   1.00 20.72 ? 115 PRO A CG  1 
ATOM   926  C CD  . PRO A 1 115 ? 13.649  -2.504  5.037   1.00 20.72 ? 115 PRO A CD  1 
ATOM   927  N N   . ASP A 1 116 ? 15.752  -4.175  8.695   1.00 25.88 ? 116 ASP A N   1 
ATOM   928  C CA  . ASP A 1 116 ? 15.601  -5.411  9.455   1.00 25.88 ? 116 ASP A CA  1 
ATOM   929  C C   . ASP A 1 116 ? 14.430  -5.169  10.382  1.00 25.88 ? 116 ASP A C   1 
ATOM   930  O O   . ASP A 1 116 ? 14.400  -4.180  11.108  1.00 25.88 ? 116 ASP A O   1 
ATOM   931  C CB  . ASP A 1 116 ? 16.849  -5.714  10.277  1.00 20.72 ? 116 ASP A CB  1 
ATOM   932  C CG  . ASP A 1 116 ? 17.008  -4.772  11.437  1.00 20.72 ? 116 ASP A CG  1 
ATOM   933  O OD1 . ASP A 1 116 ? 17.071  -3.549  11.187  1.00 20.72 ? 116 ASP A OD1 1 
ATOM   934  O OD2 . ASP A 1 116 ? 17.062  -5.243  12.596  1.00 20.72 ? 116 ASP A OD2 1 
ATOM   935  N N   . ILE A 1 117 ? 13.467  -6.077  10.361  1.00 46.64 ? 117 ILE A N   1 
ATOM   936  C CA  . ILE A 1 117 ? 12.299  -5.904  11.184  1.00 46.64 ? 117 ILE A CA  1 
ATOM   937  C C   . ILE A 1 117 ? 12.409  -6.353  12.644  1.00 46.64 ? 117 ILE A C   1 
ATOM   938  O O   . ILE A 1 117 ? 11.568  -5.972  13.445  1.00 46.64 ? 117 ILE A O   1 
ATOM   939  C CB  . ILE A 1 117 ? 11.062  -6.522  10.486  1.00 21.28 ? 117 ILE A CB  1 
ATOM   940  C CG1 . ILE A 1 117 ? 11.310  -7.985  10.120  1.00 21.28 ? 117 ILE A CG1 1 
ATOM   941  C CG2 . ILE A 1 117 ? 10.766  -5.736  9.235   1.00 21.28 ? 117 ILE A CG2 1 
ATOM   942  C CD1 . ILE A 1 117 ? 10.085  -8.697  9.543   1.00 21.28 ? 117 ILE A CD1 1 
ATOM   943  N N   . SER A 1 118 ? 13.412  -7.138  13.034  1.00 61.29 ? 118 SER A N   1 
ATOM   944  C CA  . SER A 1 118 ? 13.449  -7.465  14.453  1.00 61.29 ? 118 SER A CA  1 
ATOM   945  C C   . SER A 1 118 ? 14.055  -6.329  15.235  1.00 61.29 ? 118 SER A C   1 
ATOM   946  O O   . SER A 1 118 ? 15.159  -5.861  14.958  1.00 61.29 ? 118 SER A O   1 
ATOM   947  C CB  . SER A 1 118 ? 14.225  -8.717  14.785  1.00 21.28 ? 118 SER A CB  1 
ATOM   948  O OG  . SER A 1 118 ? 14.256  -8.812  16.206  1.00 20.00 ? 118 SER A OG  1 
ATOM   949  N N   . SER A 1 119 ? 13.310  -5.932  16.249  1.00 55.31 ? 119 SER A N   1 
ATOM   950  C CA  . SER A 1 119 ? 13.626  -4.826  17.134  1.00 55.31 ? 119 SER A CA  1 
ATOM   951  C C   . SER A 1 119 ? 12.220  -4.303  17.342  1.00 55.31 ? 119 SER A C   1 
ATOM   952  O O   . SER A 1 119 ? 11.945  -3.477  18.211  1.00 55.31 ? 119 SER A O   1 
ATOM   953  C CB  . SER A 1 119 ? 14.488  -3.770  16.431  1.00 21.28 ? 119 SER A CB  1 
ATOM   954  O OG  . SER A 1 119 ? 13.956  -3.432  15.153  1.00 20.00 ? 119 SER A OG  1 
ATOM   955  N N   . CYS A 1 120 ? 11.331  -4.823  16.506  1.00 41.05 ? 120 CYS A N   1 
ATOM   956  C CA  . CYS A 1 120 ? 9.932   -4.485  16.558  1.00 41.05 ? 120 CYS A CA  1 
ATOM   957  C C   . CYS A 1 120 ? 9.245   -5.696  17.168  1.00 41.05 ? 120 CYS A C   1 
ATOM   958  O O   . CYS A 1 120 ? 9.958   -6.651  17.539  1.00 41.05 ? 120 CYS A O   1 
ATOM   959  C CB  . CYS A 1 120 ? 9.397   -4.241  15.152  1.00 21.28 ? 120 CYS A CB  1 
ATOM   960  S SG  . CYS A 1 120 ? 10.131  -2.849  14.216  1.00 21.28 ? 120 CYS A SG  1 
ATOM   961  O OXT . CYS A 1 120 ? 8.006   -5.678  17.266  1.00 21.28 ? 120 CYS A OXT 1 
HETATM 962  O O   . HOH B 2 .   ? 3.136   3.920   14.614  1.00 5.00  ? 121 HOH A O   1 
HETATM 963  O O   . HOH B 2 .   ? 1.608   -10.599 1.227   1.00 15.67 ? 122 HOH A O   1 
HETATM 964  O O   . HOH B 2 .   ? 10.651  -9.708  3.064   1.00 6.09  ? 123 HOH A O   1 
HETATM 965  O O   . HOH B 2 .   ? -6.377  -2.986  12.914  1.00 19.78 ? 124 HOH A O   1 
HETATM 966  O O   . HOH B 2 .   ? -6.554  3.110   4.801   1.00 7.19  ? 125 HOH A O   1 
HETATM 967  O O   . HOH B 2 .   ? -1.519  -0.198  -7.648  1.00 19.30 ? 126 HOH A O   1 
HETATM 968  O O   . HOH B 2 .   ? -8.374  -6.240  -13.808 1.00 10.19 ? 127 HOH A O   1 
HETATM 969  O O   . HOH B 2 .   ? -10.259 0.330   6.887   1.00 17.28 ? 128 HOH A O   1 
HETATM 970  O O   . HOH B 2 .   ? -11.299 -8.680  -8.870  1.00 36.71 ? 129 HOH A O   1 
HETATM 971  O O   . HOH B 2 .   ? 17.137  -0.836  -4.934  1.00 14.96 ? 130 HOH A O   1 
HETATM 972  O O   . HOH B 2 .   ? -8.476  1.320   4.444   1.00 5.00  ? 131 HOH A O   1 
HETATM 973  O O   . HOH B 2 .   ? -3.590  2.514   0.613   1.00 10.28 ? 132 HOH A O   1 
HETATM 974  O O   . HOH B 2 .   ? -6.959  -7.306  6.239   1.00 15.02 ? 133 HOH A O   1 
HETATM 975  O O   . HOH B 2 .   ? 3.801   9.046   -2.469  1.00 26.31 ? 134 HOH A O   1 
HETATM 976  O O   . HOH B 2 .   ? 4.824   9.633   0.241   1.00 15.89 ? 135 HOH A O   1 
HETATM 977  O O   . HOH B 2 .   ? -5.818  8.894   7.341   1.00 21.59 ? 136 HOH A O   1 
HETATM 978  O O   . HOH B 2 .   ? 11.552  7.903   9.680   1.00 16.21 ? 137 HOH A O   1 
HETATM 979  O O   . HOH B 2 .   ? -17.462 -2.315  -1.029  1.00 24.37 ? 138 HOH A O   1 
HETATM 980  O O   . HOH B 2 .   ? 7.119   6.338   -4.781  1.00 36.03 ? 139 HOH A O   1 
HETATM 981  O O   . HOH B 2 .   ? -13.768 -5.163  -11.385 1.00 22.19 ? 140 HOH A O   1 
HETATM 982  O O   . HOH B 2 .   ? -4.186  3.483   3.527   1.00 13.94 ? 141 HOH A O   1 
HETATM 983  O O   . HOH B 2 .   ? 7.588   -9.281  -6.877  1.00 13.65 ? 142 HOH A O   1 
HETATM 984  O O   . HOH B 2 .   ? -13.620 8.112   -4.596  1.00 24.73 ? 143 HOH A O   1 
HETATM 985  O O   . HOH B 2 .   ? -16.387 -5.923  -7.720  1.00 26.26 ? 144 HOH A O   1 
HETATM 986  O O   . HOH B 2 .   ? -22.964 5.518   -9.328  1.00 41.80 ? 145 HOH A O   1 
HETATM 987  O O   . HOH B 2 .   ? 0.402   3.761   15.536  1.00 8.85  ? 146 HOH A O   1 
HETATM 988  O O   . HOH B 2 .   ? 1.017   -7.599  15.543  1.00 25.89 ? 147 HOH A O   1 
HETATM 989  O O   . HOH B 2 .   ? -8.274  13.530  -5.081  1.00 14.18 ? 148 HOH A O   1 
HETATM 990  O O   . HOH B 2 .   ? 6.139   -16.503 0.093   1.00 19.76 ? 149 HOH A O   1 
HETATM 991  O O   . HOH B 2 .   ? -19.911 -2.604  -2.828  1.00 5.18  ? 150 HOH A O   1 
HETATM 992  O O   . HOH B 2 .   ? 8.191   -11.315 -4.600  1.00 21.64 ? 151 HOH A O   1 
HETATM 993  O O   . HOH B 2 .   ? 5.799   -3.803  -13.918 1.00 18.05 ? 152 HOH A O   1 
HETATM 994  O O   . HOH B 2 .   ? -7.752  6.374   -13.716 1.00 35.26 ? 153 HOH A O   1 
HETATM 995  O O   . HOH B 2 .   ? -10.569 -5.223  -1.523  1.00 24.45 ? 154 HOH A O   1 
HETATM 996  O O   . HOH B 2 .   ? 11.010  7.428   -0.619  1.00 17.03 ? 155 HOH A O   1 
HETATM 997  O O   . HOH B 2 .   ? -5.464  -0.603  10.987  1.00 14.51 ? 156 HOH A O   1 
HETATM 998  O O   . HOH B 2 .   ? -1.977  0.590   -12.664 1.00 38.09 ? 157 HOH A O   1 
HETATM 999  O O   . HOH B 2 .   ? 9.997   -9.674  12.745  1.00 13.06 ? 158 HOH A O   1 
HETATM 1000 O O   . HOH B 2 .   ? -13.200 -1.128  8.253   1.00 27.69 ? 159 HOH A O   1 
HETATM 1001 O O   . HOH B 2 .   ? -10.511 12.347  -1.425  1.00 35.10 ? 160 HOH A O   1 
HETATM 1002 O O   . HOH B 2 .   ? -7.894  10.839  5.430   1.00 27.82 ? 161 HOH A O   1 
HETATM 1003 O O   . HOH B 2 .   ? 10.242  -9.525  -8.860  1.00 29.74 ? 162 HOH A O   1 
HETATM 1004 O O   . HOH B 2 .   ? -17.610 -4.006  -6.638  1.00 28.69 ? 163 HOH A O   1 
HETATM 1005 O O   . HOH B 2 .   ? 16.671  -9.235  1.734   1.00 23.02 ? 164 HOH A O   1 
HETATM 1006 O O   . HOH B 2 .   ? 14.557  -11.683 5.769   1.00 22.45 ? 165 HOH A O   1 
HETATM 1007 O O   . HOH B 2 .   ? -4.733  -13.046 0.450   1.00 33.08 ? 166 HOH A O   1 
HETATM 1008 O O   . HOH B 2 .   ? -9.651  7.731   8.691   1.00 11.46 ? 167 HOH A O   1 
HETATM 1009 O O   . HOH B 2 .   ? 17.637  -1.427  -1.829  1.00 18.76 ? 168 HOH A O   1 
HETATM 1010 O O   . HOH B 2 .   ? 6.234   2.890   -12.731 1.00 35.25 ? 169 HOH A O   1 
HETATM 1011 O O   . HOH B 2 .   ? -4.860  -0.234  -11.645 1.00 19.98 ? 170 HOH A O   1 
HETATM 1012 O O   . HOH B 2 .   ? 10.343  4.933   -11.095 1.00 20.36 ? 171 HOH A O   1 
HETATM 1013 O O   . HOH B 2 .   ? 18.771  0.516   -3.725  1.00 36.08 ? 172 HOH A O   1 
HETATM 1014 O O   . HOH B 2 .   ? -6.357  -7.614  -11.451 1.00 27.62 ? 173 HOH A O   1 
HETATM 1015 O O   . HOH B 2 .   ? 13.813  -1.229  12.692  1.00 16.31 ? 174 HOH A O   1 
HETATM 1016 O O   . HOH B 2 .   ? -10.498 5.330   9.787   1.00 10.93 ? 175 HOH A O   1 
HETATM 1017 O O   . HOH B 2 .   ? -21.689 7.677   -6.922  1.00 26.11 ? 176 HOH A O   1 
HETATM 1018 O O   . HOH B 2 .   ? 0.479   -0.710  15.389  1.00 28.53 ? 177 HOH A O   1 
HETATM 1019 O O   . HOH B 2 .   ? -5.172  -4.881  -12.351 1.00 46.57 ? 178 HOH A O   1 
# 
